data_9KED
#
_entry.id   9KED
#
_cell.length_a   1.00
_cell.length_b   1.00
_cell.length_c   1.00
_cell.angle_alpha   90.00
_cell.angle_beta   90.00
_cell.angle_gamma   90.00
#
_symmetry.space_group_name_H-M   'P 1'
#
loop_
_entity.id
_entity.type
_entity.pdbx_description
1 polymer Hemagglutinin
2 non-polymer 2-acetamido-2-deoxy-beta-D-glucopyranose
#
_entity_poly.entity_id   1
_entity_poly.type   'polypeptide(L)'
_entity_poly.pdbx_seq_one_letter_code
;DKICAGVASGKGTHRVETITKGEVLVTNAINMTHTPTSGPFGDLKTGNVRDKLCPTCTGCTDMDVALMTPTCNGVIPEAI
AAIQHENRPLQSKCNPILHDLGNTRQLPNLLRKYKKIRKSSGIAFPLASYADQPVISNPSGNCRDGNGVESEFGSLLWLT
GNTKGAITGETITITHQCNNDEVMVLVWGAWADLSATMNTIYGVTTPQTYVSNFPSGRFSMSPFLGNFPALAETEATTAT
GRIYLRMEVLESGQRGTIQYQRGFMGPGKFWCLSEPIPVVKGAVKTNGAVSDCLHEVYGGISKPTPFYTGNRGKSVGNCP
KWVRKPLLVVNGTKARDSISTRGLFGAIAGFLEGGWDGMIAGWHGYSSTGDHGTKVAADLVSTQKAMDAITARINNMNKM
TERAFSVTDSTMQEIQKEIKDLDKKIDDVRADETAAQIEMIVLLENENIINAEDEHVHALKQKLTKMLGPSAQDMGDGCF
IVDHQCKEDCLREIVSGNYTPSKYGMDEFKSPIITGTV
;
_entity_poly.pdbx_strand_id   A,B,C
#
# COMPACT_ATOMS: atom_id res chain seq x y z
N ASP A 1 -48.53 46.20 -8.43
CA ASP A 1 -47.45 45.66 -9.25
C ASP A 1 -46.95 44.34 -8.68
N LYS A 2 -46.01 43.71 -9.37
CA LYS A 2 -45.48 42.41 -8.97
C LYS A 2 -44.04 42.57 -8.50
N ILE A 3 -43.76 42.08 -7.29
CA ILE A 3 -42.43 42.14 -6.69
C ILE A 3 -41.99 40.72 -6.36
N CYS A 4 -40.76 40.38 -6.73
CA CYS A 4 -40.20 39.09 -6.35
C CYS A 4 -38.69 39.19 -6.26
N ALA A 5 -38.05 38.03 -6.10
CA ALA A 5 -36.62 37.95 -5.89
C ALA A 5 -36.08 36.73 -6.64
N GLY A 6 -34.77 36.76 -6.88
CA GLY A 6 -34.13 35.67 -7.57
C GLY A 6 -32.67 35.98 -7.84
N VAL A 7 -32.12 35.30 -8.83
CA VAL A 7 -30.75 35.51 -9.25
C VAL A 7 -30.74 36.31 -10.55
N ALA A 8 -29.59 36.85 -10.88
CA ALA A 8 -29.39 37.60 -12.12
C ALA A 8 -28.73 36.71 -13.15
N SER A 9 -29.37 36.54 -14.30
CA SER A 9 -28.83 35.69 -15.34
C SER A 9 -27.61 36.34 -15.99
N GLY A 10 -26.84 35.52 -16.70
CA GLY A 10 -25.64 36.02 -17.34
C GLY A 10 -25.17 35.09 -18.45
N LYS A 11 -24.22 35.59 -19.23
CA LYS A 11 -23.66 34.81 -20.31
C LYS A 11 -22.78 33.69 -19.77
N GLY A 12 -23.03 32.47 -20.21
CA GLY A 12 -22.23 31.34 -19.78
C GLY A 12 -20.91 31.26 -20.54
N THR A 13 -19.85 30.90 -19.82
CA THR A 13 -18.53 30.77 -20.41
C THR A 13 -17.89 29.41 -20.21
N HIS A 14 -18.25 28.67 -19.16
CA HIS A 14 -17.60 27.39 -18.89
C HIS A 14 -18.64 26.30 -18.71
N ARG A 15 -18.17 25.05 -18.80
CA ARG A 15 -19.02 23.89 -18.60
C ARG A 15 -18.42 23.00 -17.51
N VAL A 16 -19.25 22.59 -16.56
CA VAL A 16 -18.82 21.76 -15.44
C VAL A 16 -19.68 20.51 -15.41
N GLU A 17 -19.14 19.47 -14.77
CA GLU A 17 -19.79 18.16 -14.75
C GLU A 17 -20.15 17.77 -13.32
N THR A 18 -21.36 17.28 -13.13
CA THR A 18 -21.87 16.78 -11.87
C THR A 18 -22.21 15.30 -12.02
N ILE A 19 -22.85 14.73 -11.00
CA ILE A 19 -23.14 13.30 -11.00
C ILE A 19 -24.54 13.03 -11.53
N THR A 20 -25.44 14.01 -11.42
CA THR A 20 -26.82 13.83 -11.88
C THR A 20 -27.18 14.72 -13.05
N LYS A 21 -26.75 15.98 -13.07
CA LYS A 21 -27.20 16.95 -14.06
C LYS A 21 -26.36 16.93 -15.34
N GLY A 22 -25.33 16.09 -15.41
CA GLY A 22 -24.52 16.00 -16.62
C GLY A 22 -23.58 17.18 -16.79
N GLU A 23 -23.77 17.95 -17.85
CA GLU A 23 -22.95 19.12 -18.13
C GLU A 23 -23.78 20.38 -17.93
N VAL A 24 -23.28 21.30 -17.12
CA VAL A 24 -23.97 22.54 -16.79
C VAL A 24 -23.11 23.71 -17.21
N LEU A 25 -23.68 24.64 -17.96
CA LEU A 25 -22.99 25.85 -18.36
C LEU A 25 -23.11 26.90 -17.26
N VAL A 26 -21.98 27.45 -16.85
CA VAL A 26 -21.94 28.46 -15.80
C VAL A 26 -21.11 29.64 -16.27
N THR A 27 -21.39 30.80 -15.66
CA THR A 27 -20.78 32.06 -16.07
C THR A 27 -19.28 32.07 -15.77
N ASN A 28 -18.90 31.65 -14.56
CA ASN A 28 -17.52 31.72 -14.12
C ASN A 28 -17.10 30.40 -13.51
N ALA A 29 -15.80 30.12 -13.57
CA ALA A 29 -15.25 28.90 -13.02
C ALA A 29 -13.81 29.17 -12.56
N ILE A 30 -13.33 28.30 -11.68
CA ILE A 30 -11.96 28.36 -11.18
C ILE A 30 -11.23 27.11 -11.65
N ASN A 31 -10.05 27.31 -12.21
CA ASN A 31 -9.21 26.22 -12.66
C ASN A 31 -8.36 25.71 -11.51
N MET A 32 -8.28 24.39 -11.37
CA MET A 32 -7.48 23.76 -10.32
C MET A 32 -6.41 22.84 -10.91
N THR A 33 -5.94 23.14 -12.11
CA THR A 33 -4.87 22.37 -12.73
C THR A 33 -3.96 23.31 -13.50
N HIS A 34 -2.70 22.91 -13.61
CA HIS A 34 -1.72 23.68 -14.38
C HIS A 34 -0.57 22.76 -14.77
N THR A 35 0.19 23.20 -15.77
CA THR A 35 1.35 22.44 -16.23
C THR A 35 2.62 23.17 -15.81
N PRO A 36 3.47 22.56 -14.98
CA PRO A 36 4.65 23.27 -14.47
C PRO A 36 5.69 23.48 -15.56
N THR A 37 6.54 24.48 -15.33
CA THR A 37 7.66 24.80 -16.19
C THR A 37 8.97 24.47 -15.48
N SER A 38 9.91 23.89 -16.21
CA SER A 38 11.14 23.39 -15.62
C SER A 38 12.02 24.53 -15.13
N GLY A 39 12.84 24.23 -14.12
CA GLY A 39 13.76 25.19 -13.56
C GLY A 39 14.95 24.52 -12.92
N PRO A 40 15.99 25.29 -12.63
CA PRO A 40 17.20 24.72 -12.05
C PRO A 40 16.99 24.31 -10.59
N PHE A 41 17.83 23.37 -10.16
CA PHE A 41 17.79 22.91 -8.77
C PHE A 41 18.32 23.99 -7.83
N GLY A 42 17.86 23.95 -6.59
CA GLY A 42 18.29 24.94 -5.61
C GLY A 42 17.81 24.55 -4.23
N ASP A 43 17.99 25.48 -3.29
CA ASP A 43 17.62 25.25 -1.91
C ASP A 43 16.11 25.37 -1.72
N LEU A 44 15.57 24.55 -0.83
CA LEU A 44 14.16 24.64 -0.49
C LEU A 44 13.88 25.92 0.30
N LYS A 45 12.66 26.43 0.16
CA LYS A 45 12.24 27.59 0.92
C LYS A 45 12.10 27.31 2.41
N THR A 46 12.09 26.05 2.82
CA THR A 46 12.00 25.66 4.21
C THR A 46 13.35 25.49 4.88
N GLY A 47 14.32 24.90 4.19
CA GLY A 47 15.62 24.70 4.80
C GLY A 47 16.67 24.39 3.76
N ASN A 48 17.74 23.74 4.21
CA ASN A 48 18.89 23.42 3.39
C ASN A 48 18.74 22.05 2.75
N VAL A 49 19.25 21.93 1.52
CA VAL A 49 19.25 20.67 0.78
C VAL A 49 20.69 20.27 0.50
N ARG A 50 21.00 18.99 0.68
CA ARG A 50 22.37 18.49 0.67
C ARG A 50 22.69 17.86 -0.68
N ASP A 51 23.78 18.31 -1.29
CA ASP A 51 24.29 17.74 -2.54
C ASP A 51 25.69 17.19 -2.41
N LYS A 52 26.55 17.85 -1.64
CA LYS A 52 27.92 17.40 -1.41
C LYS A 52 28.13 17.24 0.08
N LEU A 53 28.85 16.19 0.46
CA LEU A 53 29.01 15.87 1.87
C LEU A 53 29.81 16.94 2.61
N CYS A 54 30.85 17.47 1.98
CA CYS A 54 31.71 18.48 2.60
C CYS A 54 31.87 19.65 1.63
N PRO A 55 30.92 20.59 1.64
CA PRO A 55 31.08 21.78 0.77
C PRO A 55 32.32 22.60 1.07
N THR A 56 32.76 22.63 2.32
CA THR A 56 33.98 23.35 2.67
C THR A 56 35.22 22.63 2.17
N CYS A 57 35.21 21.30 2.16
CA CYS A 57 36.37 20.54 1.71
C CYS A 57 36.66 20.83 0.25
N THR A 58 37.94 20.91 -0.08
CA THR A 58 38.41 21.14 -1.44
C THR A 58 39.35 20.01 -1.85
N GLY A 59 39.25 19.61 -3.11
CA GLY A 59 40.07 18.52 -3.63
C GLY A 59 39.62 17.14 -3.21
N CYS A 60 38.49 17.02 -2.53
CA CYS A 60 37.98 15.75 -2.04
C CYS A 60 36.66 15.41 -2.72
N THR A 61 36.50 14.15 -3.10
CA THR A 61 35.22 13.66 -3.58
C THR A 61 34.43 13.06 -2.40
N ASP A 62 33.21 12.61 -2.70
CA ASP A 62 32.38 12.04 -1.64
C ASP A 62 32.96 10.72 -1.15
N MET A 63 33.62 9.96 -2.03
CA MET A 63 34.27 8.72 -1.60
C MET A 63 35.38 9.00 -0.60
N ASP A 64 36.19 10.04 -0.83
CA ASP A 64 37.26 10.37 0.09
C ASP A 64 36.71 10.82 1.44
N VAL A 65 35.62 11.60 1.44
CA VAL A 65 35.01 12.01 2.68
C VAL A 65 34.45 10.82 3.44
N ALA A 66 33.76 9.92 2.73
CA ALA A 66 33.15 8.77 3.39
C ALA A 66 34.19 7.80 3.92
N LEU A 67 35.37 7.74 3.31
CA LEU A 67 36.43 6.83 3.72
C LEU A 67 37.34 7.43 4.79
N MET A 68 37.02 8.63 5.27
CA MET A 68 37.85 9.32 6.27
C MET A 68 39.31 9.41 5.83
N THR A 69 39.51 9.79 4.57
CA THR A 69 40.84 10.04 4.05
C THR A 69 41.47 11.21 4.79
N PRO A 70 42.79 11.20 4.98
CA PRO A 70 43.47 12.41 5.42
C PRO A 70 43.25 13.54 4.44
N THR A 71 43.27 14.77 4.95
CA THR A 71 43.03 15.99 4.18
C THR A 71 41.61 16.05 3.60
N CYS A 72 40.70 15.23 4.12
CA CYS A 72 39.28 15.28 3.78
C CYS A 72 38.45 15.14 5.05
N ASN A 73 38.80 15.91 6.07
CA ASN A 73 38.21 15.76 7.39
C ASN A 73 37.38 16.97 7.78
N GLY A 74 36.58 17.49 6.85
CA GLY A 74 35.77 18.65 7.12
C GLY A 74 34.57 18.35 7.99
N VAL A 75 33.73 19.36 8.17
CA VAL A 75 32.54 19.28 9.00
C VAL A 75 31.33 19.00 8.11
N ILE A 76 30.55 18.01 8.48
CA ILE A 76 29.37 17.61 7.72
C ILE A 76 28.17 18.41 8.24
N PRO A 77 27.52 19.22 7.41
CA PRO A 77 26.41 20.05 7.90
C PRO A 77 25.11 19.25 7.91
N GLU A 78 24.03 19.96 8.25
CA GLU A 78 22.70 19.36 8.31
C GLU A 78 21.85 19.86 7.14
N ALA A 79 20.81 19.09 6.83
CA ALA A 79 19.92 19.41 5.74
C ALA A 79 18.62 18.63 5.91
N ILE A 80 17.61 19.00 5.11
CA ILE A 80 16.30 18.35 5.15
C ILE A 80 15.98 17.61 3.87
N ALA A 81 16.80 17.74 2.83
CA ALA A 81 16.62 17.00 1.60
C ALA A 81 17.98 16.75 0.98
N ALA A 82 18.04 15.75 0.10
CA ALA A 82 19.30 15.36 -0.51
C ALA A 82 19.09 15.10 -2.00
N ILE A 83 20.16 15.29 -2.77
CA ILE A 83 20.17 15.02 -4.20
C ILE A 83 21.23 13.98 -4.48
N GLN A 84 20.86 12.93 -5.20
CA GLN A 84 21.79 11.87 -5.59
C GLN A 84 22.27 12.19 -7.01
N HIS A 85 23.27 13.06 -7.09
CA HIS A 85 23.76 13.57 -8.37
C HIS A 85 24.84 12.67 -8.98
N GLU A 86 25.20 11.57 -8.32
CA GLU A 86 26.22 10.67 -8.84
C GLU A 86 25.79 9.24 -8.56
N ASN A 87 25.52 8.47 -9.61
CA ASN A 87 25.23 7.05 -9.48
C ASN A 87 26.49 6.20 -9.42
N ARG A 88 27.67 6.80 -9.64
CA ARG A 88 28.94 6.07 -9.56
C ARG A 88 30.01 7.02 -9.07
N PRO A 89 30.08 7.26 -7.76
CA PRO A 89 31.10 8.18 -7.23
C PRO A 89 32.50 7.60 -7.36
N LEU A 90 33.48 8.51 -7.40
CA LEU A 90 34.87 8.15 -7.61
C LEU A 90 35.72 8.64 -6.44
N GLN A 91 36.96 8.13 -6.37
CA GLN A 91 37.91 8.51 -5.34
C GLN A 91 39.27 8.78 -5.98
N SER A 92 40.05 9.68 -5.37
CA SER A 92 41.34 10.02 -5.94
C SER A 92 42.45 10.31 -4.92
N LYS A 93 42.35 9.81 -3.68
CA LYS A 93 43.27 10.35 -2.68
C LYS A 93 43.85 9.30 -1.72
N CYS A 94 44.02 8.06 -2.15
CA CYS A 94 44.67 7.06 -1.30
C CYS A 94 45.02 5.84 -2.15
N ASN A 95 45.38 4.75 -1.47
CA ASN A 95 45.73 3.50 -2.13
C ASN A 95 44.53 2.95 -2.90
N PRO A 96 44.77 2.21 -3.98
CA PRO A 96 43.66 1.74 -4.82
C PRO A 96 42.82 0.66 -4.13
N ILE A 97 41.50 0.76 -4.30
CA ILE A 97 40.55 -0.25 -3.82
C ILE A 97 39.72 -0.70 -5.01
N LEU A 98 39.55 -2.02 -5.14
CA LEU A 98 38.70 -2.60 -6.18
C LEU A 98 37.24 -2.48 -5.73
N HIS A 99 36.68 -1.29 -5.95
CA HIS A 99 35.33 -1.01 -5.47
C HIS A 99 34.29 -1.88 -6.16
N ASP A 100 34.30 -1.89 -7.50
CA ASP A 100 33.29 -2.67 -8.22
C ASP A 100 33.71 -4.14 -8.27
N LEU A 101 34.06 -4.69 -7.11
CA LEU A 101 34.23 -6.12 -6.92
C LEU A 101 33.54 -6.61 -5.66
N GLY A 102 32.97 -5.71 -4.86
CA GLY A 102 32.18 -6.07 -3.69
C GLY A 102 30.87 -5.32 -3.69
N ASN A 103 30.58 -4.61 -2.61
CA ASN A 103 29.37 -3.79 -2.55
C ASN A 103 29.61 -2.39 -1.99
N THR A 104 30.86 -1.98 -1.81
CA THR A 104 31.19 -0.73 -1.15
C THR A 104 31.18 0.47 -2.09
N ARG A 105 30.64 0.32 -3.30
CA ARG A 105 30.67 1.43 -4.25
C ARG A 105 29.71 2.53 -3.83
N GLN A 106 28.51 2.19 -3.38
CA GLN A 106 27.48 3.17 -3.06
C GLN A 106 27.50 3.55 -1.58
N LEU A 107 28.66 3.96 -1.08
CA LEU A 107 28.81 4.37 0.31
C LEU A 107 28.32 5.81 0.54
N PRO A 108 28.75 6.79 -0.27
CA PRO A 108 28.25 8.16 -0.05
C PRO A 108 26.74 8.25 -0.15
N ASN A 109 26.12 7.50 -1.06
CA ASN A 109 24.67 7.53 -1.18
C ASN A 109 24.00 6.83 0.00
N LEU A 110 24.71 5.94 0.69
CA LEU A 110 24.17 5.37 1.91
C LEU A 110 24.22 6.37 3.06
N LEU A 111 25.31 7.14 3.17
CA LEU A 111 25.36 8.16 4.19
C LEU A 111 24.48 9.37 3.87
N ARG A 112 24.10 9.54 2.61
CA ARG A 112 23.38 10.75 2.21
C ARG A 112 21.99 10.85 2.83
N LYS A 113 21.37 9.73 3.18
CA LYS A 113 19.95 9.71 3.54
C LYS A 113 19.72 9.78 5.04
N TYR A 114 20.54 10.54 5.76
CA TYR A 114 20.30 10.79 7.18
C TYR A 114 20.65 12.24 7.50
N LYS A 115 19.79 12.88 8.29
CA LYS A 115 20.01 14.28 8.63
C LYS A 115 21.24 14.46 9.50
N LYS A 116 21.42 13.60 10.50
CA LYS A 116 22.54 13.73 11.43
C LYS A 116 23.60 12.68 11.10
N ILE A 117 24.79 13.14 10.73
CA ILE A 117 25.94 12.30 10.46
C ILE A 117 27.02 12.66 11.47
N ARG A 118 27.57 11.66 12.16
CA ARG A 118 28.65 11.92 13.09
C ARG A 118 29.67 10.80 13.02
N LYS A 119 30.93 11.16 13.24
CA LYS A 119 32.06 10.25 13.16
C LYS A 119 32.43 9.80 14.57
N SER A 120 32.67 8.50 14.72
CA SER A 120 32.93 7.92 16.04
C SER A 120 34.23 8.46 16.62
N SER A 121 34.24 8.62 17.95
CA SER A 121 35.44 9.02 18.68
C SER A 121 36.21 7.84 19.24
N GLY A 122 35.75 6.61 19.00
CA GLY A 122 36.42 5.44 19.53
C GLY A 122 37.01 4.56 18.45
N ILE A 123 36.93 3.25 18.64
CA ILE A 123 37.39 2.27 17.66
C ILE A 123 36.47 1.06 17.74
N ALA A 124 36.13 0.50 16.59
CA ALA A 124 35.12 -0.56 16.53
C ALA A 124 35.53 -1.78 17.35
N PHE A 125 36.79 -2.19 17.26
CA PHE A 125 37.28 -3.36 17.99
C PHE A 125 38.61 -2.99 18.64
N PRO A 126 38.76 -3.20 19.95
CA PRO A 126 39.99 -2.76 20.64
C PRO A 126 41.23 -3.43 20.05
N LEU A 127 42.29 -2.64 19.93
CA LEU A 127 43.52 -3.07 19.27
C LEU A 127 44.35 -4.04 20.11
N ALA A 128 44.09 -4.13 21.42
CA ALA A 128 44.80 -5.08 22.26
C ALA A 128 44.17 -6.47 22.27
N SER A 129 42.93 -6.59 21.80
CA SER A 129 42.16 -7.82 21.96
C SER A 129 42.47 -8.87 20.89
N TYR A 130 43.32 -8.57 19.92
CA TYR A 130 43.62 -9.53 18.87
C TYR A 130 44.43 -10.70 19.43
N ALA A 131 44.35 -11.84 18.72
CA ALA A 131 45.00 -13.05 19.21
C ALA A 131 46.51 -12.87 19.35
N ASP A 132 47.16 -12.42 18.28
CA ASP A 132 48.56 -12.01 18.38
C ASP A 132 48.63 -10.75 19.25
N GLN A 133 49.53 -10.74 20.22
CA GLN A 133 49.60 -9.58 21.10
C GLN A 133 50.28 -8.38 20.44
N PRO A 134 51.48 -8.48 19.84
CA PRO A 134 52.09 -7.28 19.26
C PRO A 134 51.49 -6.97 17.90
N VAL A 135 50.61 -5.98 17.83
CA VAL A 135 49.96 -5.59 16.59
C VAL A 135 50.11 -4.09 16.42
N ILE A 136 50.32 -3.66 15.19
CA ILE A 136 50.49 -2.24 14.87
C ILE A 136 49.80 -1.94 13.56
N SER A 137 49.43 -0.67 13.37
CA SER A 137 48.86 -0.19 12.13
C SER A 137 49.99 0.41 11.30
N ASN A 138 50.22 -0.17 10.12
CA ASN A 138 51.38 0.21 9.32
C ASN A 138 51.06 1.43 8.46
N PRO A 139 51.82 2.52 8.59
CA PRO A 139 51.64 3.65 7.67
C PRO A 139 52.01 3.25 6.25
N SER A 140 51.30 3.82 5.29
CA SER A 140 51.47 3.51 3.88
C SER A 140 52.30 4.59 3.21
N GLY A 141 53.15 4.19 2.27
CA GLY A 141 53.94 5.15 1.52
C GLY A 141 53.14 6.03 0.60
N ASN A 142 51.85 5.74 0.40
CA ASN A 142 51.03 6.46 -0.57
C ASN A 142 50.13 7.49 0.11
N CYS A 143 49.35 7.07 1.10
CA CYS A 143 48.39 7.96 1.76
C CYS A 143 49.15 8.88 2.70
N ARG A 144 49.65 9.98 2.16
CA ARG A 144 50.35 10.99 2.94
C ARG A 144 49.37 12.01 3.48
N ASP A 145 49.80 12.71 4.54
CA ASP A 145 48.98 13.73 5.17
C ASP A 145 49.19 15.07 4.45
N GLY A 146 48.71 16.15 5.06
CA GLY A 146 48.91 17.46 4.47
C GLY A 146 50.37 17.86 4.37
N ASN A 147 51.15 17.57 5.40
CA ASN A 147 52.57 17.90 5.38
C ASN A 147 53.33 17.03 4.39
N GLY A 148 53.06 15.73 4.38
CA GLY A 148 53.77 14.82 3.51
C GLY A 148 54.22 13.56 4.22
N VAL A 149 53.99 13.49 5.54
CA VAL A 149 54.33 12.30 6.30
C VAL A 149 53.40 11.17 5.90
N GLU A 150 53.91 9.95 6.01
CA GLU A 150 53.09 8.78 5.71
C GLU A 150 51.98 8.63 6.72
N SER A 151 50.85 8.09 6.28
CA SER A 151 49.68 7.99 7.13
C SER A 151 48.81 6.82 6.68
N GLU A 152 47.89 6.43 7.55
CA GLU A 152 46.91 5.41 7.24
C GLU A 152 45.59 6.07 6.85
N PHE A 153 44.61 5.24 6.48
CA PHE A 153 43.31 5.77 6.07
C PHE A 153 42.66 6.57 7.19
N GLY A 154 42.36 5.90 8.30
CA GLY A 154 41.60 6.50 9.39
C GLY A 154 40.32 5.78 9.72
N SER A 155 39.86 4.89 8.84
CA SER A 155 38.71 4.04 9.11
C SER A 155 38.99 2.58 8.80
N LEU A 156 40.23 2.23 8.44
CA LEU A 156 40.56 0.89 7.96
C LEU A 156 42.05 0.71 8.20
N LEU A 157 42.40 -0.18 9.12
CA LEU A 157 43.76 -0.29 9.60
C LEU A 157 44.47 -1.46 8.96
N TRP A 158 45.66 -1.19 8.41
CA TRP A 158 46.52 -2.23 7.88
C TRP A 158 47.20 -2.95 9.05
N LEU A 159 46.84 -4.21 9.24
CA LEU A 159 47.27 -4.96 10.42
C LEU A 159 48.46 -5.85 10.09
N THR A 160 49.39 -5.94 11.03
CA THR A 160 50.51 -6.87 10.95
C THR A 160 50.75 -7.49 12.32
N GLY A 161 51.10 -8.76 12.34
CA GLY A 161 51.30 -9.50 13.56
C GLY A 161 52.75 -9.88 13.78
N ASN A 162 53.01 -10.42 14.98
CA ASN A 162 54.36 -10.82 15.34
C ASN A 162 54.80 -12.06 14.57
N THR A 163 53.93 -13.07 14.49
CA THR A 163 54.26 -14.34 13.87
C THR A 163 54.09 -14.26 12.35
N LYS A 164 54.88 -15.08 11.66
CA LYS A 164 54.82 -15.15 10.20
C LYS A 164 54.77 -16.62 9.79
N GLY A 165 53.56 -17.12 9.55
CA GLY A 165 53.40 -18.52 9.17
C GLY A 165 51.98 -18.79 8.76
N ALA A 166 51.70 -20.07 8.48
CA ALA A 166 50.37 -20.49 8.10
C ALA A 166 49.48 -20.64 9.33
N ILE A 167 48.32 -20.00 9.29
CA ILE A 167 47.41 -19.90 10.44
C ILE A 167 46.07 -20.54 10.08
N THR A 168 45.51 -21.30 11.02
CA THR A 168 44.22 -21.94 10.80
C THR A 168 43.10 -20.92 10.62
N GLY A 169 43.05 -19.92 11.49
CA GLY A 169 42.04 -18.88 11.37
C GLY A 169 41.61 -18.38 12.74
N GLU A 170 41.20 -17.11 12.78
CA GLU A 170 40.78 -16.46 14.01
C GLU A 170 39.45 -15.76 13.81
N THR A 171 38.62 -15.78 14.85
CA THR A 171 37.27 -15.24 14.80
C THR A 171 37.10 -14.14 15.84
N ILE A 172 36.40 -13.07 15.46
CA ILE A 172 36.09 -11.96 16.34
C ILE A 172 34.62 -11.58 16.17
N THR A 173 34.10 -10.90 17.20
CA THR A 173 32.70 -10.50 17.26
C THR A 173 32.60 -9.00 17.47
N ILE A 174 31.65 -8.38 16.77
CA ILE A 174 31.46 -6.93 16.78
C ILE A 174 30.07 -6.62 17.30
N THR A 175 29.98 -5.67 18.23
CA THR A 175 28.73 -5.32 18.89
C THR A 175 28.37 -3.86 18.61
N HIS A 176 27.12 -3.51 18.90
CA HIS A 176 26.62 -2.17 18.66
C HIS A 176 27.28 -1.17 19.61
N GLN A 177 27.59 0.03 19.09
CA GLN A 177 28.31 1.01 19.87
C GLN A 177 27.67 2.40 19.85
N CYS A 178 26.90 2.72 18.80
CA CYS A 178 26.19 4.00 18.78
C CYS A 178 25.03 3.94 19.78
N ASN A 179 24.25 5.01 19.83
CA ASN A 179 23.17 5.13 20.81
C ASN A 179 21.98 4.28 20.36
N ASN A 180 20.86 4.42 21.08
CA ASN A 180 19.70 3.56 20.85
C ASN A 180 19.05 3.83 19.51
N ASP A 181 18.97 5.10 19.10
CA ASP A 181 18.28 5.50 17.88
C ASP A 181 19.25 5.85 16.76
N GLU A 182 20.44 5.25 16.75
CA GLU A 182 21.47 5.55 15.78
C GLU A 182 21.84 4.31 14.99
N VAL A 183 22.15 4.49 13.72
CA VAL A 183 22.58 3.43 12.83
C VAL A 183 24.09 3.45 12.73
N MET A 184 24.72 2.29 12.91
CA MET A 184 26.18 2.17 12.94
C MET A 184 26.65 1.56 11.63
N VAL A 185 27.60 2.23 10.98
CA VAL A 185 28.13 1.78 9.68
C VAL A 185 29.64 1.63 9.80
N LEU A 186 30.16 0.48 9.38
CA LEU A 186 31.59 0.21 9.45
C LEU A 186 32.05 -0.49 8.18
N VAL A 187 33.37 -0.52 7.98
CA VAL A 187 33.99 -1.12 6.81
C VAL A 187 35.20 -1.93 7.23
N TRP A 188 35.46 -3.00 6.49
CA TRP A 188 36.65 -3.82 6.74
C TRP A 188 37.09 -4.45 5.43
N GLY A 189 38.36 -4.84 5.38
CA GLY A 189 38.91 -5.35 4.13
C GLY A 189 40.06 -6.32 4.25
N ALA A 190 40.73 -6.54 3.11
CA ALA A 190 41.82 -7.50 3.01
C ALA A 190 42.79 -7.02 1.95
N TRP A 191 44.02 -7.53 2.03
CA TRP A 191 45.13 -7.07 1.20
C TRP A 191 45.46 -8.13 0.14
N ALA A 192 45.67 -7.67 -1.10
CA ALA A 192 46.01 -8.53 -2.22
C ALA A 192 47.25 -7.98 -2.90
N ASP A 193 48.17 -8.88 -3.27
CA ASP A 193 49.48 -8.51 -3.79
C ASP A 193 49.97 -9.65 -4.69
N LEU A 194 51.27 -9.63 -4.98
CA LEU A 194 51.88 -10.70 -5.77
C LEU A 194 52.44 -11.77 -4.85
N SER A 195 52.74 -12.93 -5.45
CA SER A 195 53.13 -14.10 -4.66
C SER A 195 54.41 -13.85 -3.87
N ALA A 196 55.40 -13.22 -4.51
CA ALA A 196 56.67 -12.98 -3.82
C ALA A 196 56.52 -12.00 -2.66
N THR A 197 55.64 -11.01 -2.80
CA THR A 197 55.50 -10.00 -1.75
C THR A 197 54.92 -10.59 -0.48
N MET A 198 53.80 -11.32 -0.60
CA MET A 198 53.13 -11.86 0.58
C MET A 198 54.01 -12.81 1.37
N ASN A 199 54.87 -13.58 0.70
CA ASN A 199 55.79 -14.44 1.42
C ASN A 199 56.82 -13.66 2.20
N THR A 200 56.98 -12.37 1.90
CA THR A 200 57.90 -11.51 2.63
C THR A 200 57.21 -10.67 3.70
N ILE A 201 55.94 -10.32 3.52
CA ILE A 201 55.23 -9.52 4.51
C ILE A 201 54.24 -10.33 5.34
N TYR A 202 53.85 -11.53 4.90
CA TYR A 202 52.91 -12.33 5.67
C TYR A 202 53.37 -13.78 5.81
N GLY A 203 54.17 -14.25 4.85
CA GLY A 203 54.68 -15.60 4.91
C GLY A 203 53.86 -16.65 4.20
N VAL A 204 52.93 -16.24 3.34
CA VAL A 204 52.10 -17.17 2.59
C VAL A 204 52.12 -16.78 1.12
N THR A 205 51.79 -17.75 0.27
CA THR A 205 51.81 -17.55 -1.17
C THR A 205 50.56 -18.04 -1.88
N THR A 206 49.57 -18.53 -1.13
CA THR A 206 48.29 -19.02 -1.61
C THR A 206 47.17 -18.08 -1.20
N PRO A 207 46.14 -17.91 -2.02
CA PRO A 207 45.00 -17.09 -1.59
C PRO A 207 44.39 -17.62 -0.30
N GLN A 208 44.00 -16.69 0.57
CA GLN A 208 43.44 -17.02 1.87
C GLN A 208 41.93 -16.87 1.84
N THR A 209 41.29 -17.15 2.98
CA THR A 209 39.84 -17.16 3.08
C THR A 209 39.39 -16.24 4.21
N TYR A 210 38.32 -15.50 3.95
CA TYR A 210 37.70 -14.61 4.92
C TYR A 210 36.19 -14.83 4.90
N VAL A 211 35.58 -14.84 6.07
CA VAL A 211 34.15 -15.11 6.22
C VAL A 211 33.56 -14.02 7.09
N SER A 212 32.41 -13.47 6.69
CA SER A 212 31.73 -12.45 7.47
C SER A 212 30.25 -12.79 7.57
N ASN A 213 29.72 -12.79 8.79
CA ASN A 213 28.31 -13.03 9.03
C ASN A 213 27.74 -11.82 9.75
N PHE A 214 26.59 -11.35 9.28
CA PHE A 214 25.96 -10.16 9.87
C PHE A 214 24.46 -10.30 9.70
N PRO A 215 23.67 -9.43 10.37
CA PRO A 215 22.22 -9.49 10.17
C PRO A 215 21.80 -8.94 8.82
N SER A 216 22.56 -9.32 7.80
CA SER A 216 22.19 -9.18 6.40
C SER A 216 22.51 -10.42 5.60
N GLY A 217 23.34 -11.32 6.13
CA GLY A 217 23.65 -12.56 5.46
C GLY A 217 25.10 -12.96 5.70
N ARG A 218 25.58 -13.80 4.78
CA ARG A 218 26.93 -14.34 4.80
C ARG A 218 27.71 -13.82 3.61
N PHE A 219 29.02 -13.70 3.78
CA PHE A 219 29.88 -13.20 2.71
C PHE A 219 31.24 -13.87 2.82
N SER A 220 31.62 -14.63 1.80
CA SER A 220 32.86 -15.37 1.76
C SER A 220 33.77 -14.78 0.68
N MET A 221 35.04 -14.62 1.01
CA MET A 221 35.99 -13.99 0.10
C MET A 221 37.29 -14.79 0.06
N SER A 222 37.73 -15.15 -1.14
CA SER A 222 39.01 -15.79 -1.38
C SER A 222 39.69 -15.04 -2.51
N PRO A 223 40.20 -13.84 -2.24
CA PRO A 223 40.66 -12.96 -3.33
C PRO A 223 41.79 -13.58 -4.13
N PHE A 224 41.80 -13.29 -5.43
CA PHE A 224 42.83 -13.81 -6.32
C PHE A 224 44.17 -13.17 -5.98
N LEU A 225 45.25 -13.89 -6.32
CA LEU A 225 46.61 -13.50 -5.97
C LEU A 225 47.42 -13.55 -7.26
N GLY A 226 47.41 -12.46 -8.02
CA GLY A 226 48.08 -12.45 -9.31
C GLY A 226 47.71 -11.27 -10.19
N ASN A 227 47.31 -11.57 -11.43
CA ASN A 227 47.00 -10.53 -12.41
C ASN A 227 45.95 -9.57 -11.86
N PHE A 228 46.19 -8.28 -12.09
CA PHE A 228 45.33 -7.23 -11.58
C PHE A 228 44.82 -6.36 -12.71
N PRO A 229 43.64 -5.76 -12.55
CA PRO A 229 43.16 -4.79 -13.54
C PRO A 229 44.01 -3.53 -13.54
N ALA A 230 43.65 -2.56 -14.37
CA ALA A 230 44.45 -1.35 -14.49
C ALA A 230 44.44 -0.57 -13.18
N LEU A 231 45.42 0.33 -13.06
CA LEU A 231 45.58 1.16 -11.87
C LEU A 231 44.85 2.47 -12.08
N ALA A 232 43.80 2.71 -11.29
CA ALA A 232 42.98 3.91 -11.41
C ALA A 232 42.31 4.18 -10.08
N GLU A 233 41.65 5.33 -10.01
CA GLU A 233 40.94 5.78 -8.81
C GLU A 233 41.89 5.92 -7.62
N THR A 234 43.06 6.51 -7.87
CA THR A 234 44.04 6.68 -6.81
C THR A 234 45.01 7.80 -7.19
N GLU A 235 45.71 8.31 -6.19
CA GLU A 235 46.71 9.36 -6.37
C GLU A 235 48.13 8.81 -6.42
N ALA A 236 48.32 7.52 -6.19
CA ALA A 236 49.64 6.92 -6.12
C ALA A 236 49.91 6.06 -7.34
N THR A 237 51.05 6.26 -7.97
CA THR A 237 51.44 5.54 -9.17
C THR A 237 52.41 4.42 -8.83
N THR A 238 52.49 3.44 -9.74
CA THR A 238 53.38 2.28 -9.61
C THR A 238 53.18 1.57 -8.27
N ALA A 239 51.98 1.01 -8.11
CA ALA A 239 51.64 0.18 -6.96
C ALA A 239 51.26 -1.21 -7.43
N THR A 240 51.80 -2.22 -6.76
CA THR A 240 51.51 -3.62 -7.08
C THR A 240 50.46 -4.23 -6.18
N GLY A 241 49.91 -3.46 -5.24
CA GLY A 241 48.94 -4.00 -4.30
C GLY A 241 47.55 -3.44 -4.47
N ARG A 242 46.55 -4.22 -4.08
CA ARG A 242 45.15 -3.82 -4.12
C ARG A 242 44.49 -4.19 -2.81
N ILE A 243 43.33 -3.58 -2.56
CA ILE A 243 42.60 -3.77 -1.31
C ILE A 243 41.16 -4.16 -1.64
N TYR A 244 40.68 -5.22 -1.00
CA TYR A 244 39.28 -5.62 -1.10
C TYR A 244 38.53 -5.12 0.12
N LEU A 245 37.31 -4.65 -0.09
CA LEU A 245 36.55 -3.96 0.95
C LEU A 245 35.15 -4.53 1.07
N ARG A 246 34.53 -4.27 2.23
CA ARG A 246 33.16 -4.68 2.48
C ARG A 246 32.62 -3.86 3.64
N MET A 247 31.38 -3.38 3.51
CA MET A 247 30.76 -2.54 4.52
C MET A 247 29.59 -3.26 5.17
N GLU A 248 29.38 -2.98 6.46
CA GLU A 248 28.33 -3.59 7.25
C GLU A 248 27.60 -2.53 8.08
N VAL A 249 26.33 -2.81 8.38
CA VAL A 249 25.46 -1.91 9.11
C VAL A 249 24.90 -2.64 10.32
N LEU A 250 24.55 -1.87 11.35
CA LEU A 250 24.07 -2.44 12.60
C LEU A 250 23.13 -1.47 13.29
N GLU A 251 22.17 -2.02 14.02
CA GLU A 251 21.22 -1.29 14.86
C GLU A 251 21.44 -1.69 16.32
N SER A 252 20.54 -1.23 17.18
CA SER A 252 20.66 -1.49 18.61
C SER A 252 20.48 -2.97 18.91
N GLY A 253 21.28 -3.47 19.86
CA GLY A 253 21.16 -4.85 20.30
C GLY A 253 21.44 -5.88 19.23
N GLN A 254 22.45 -5.64 18.41
CA GLN A 254 22.81 -6.56 17.34
C GLN A 254 24.31 -6.82 17.38
N ARG A 255 24.72 -7.90 16.72
CA ARG A 255 26.12 -8.29 16.71
C ARG A 255 26.43 -9.06 15.43
N GLY A 256 27.71 -9.07 15.08
CA GLY A 256 28.17 -9.76 13.89
C GLY A 256 29.48 -10.47 14.15
N THR A 257 29.87 -11.33 13.20
CA THR A 257 31.05 -12.17 13.36
C THR A 257 31.93 -12.08 12.13
N ILE A 258 33.24 -12.12 12.34
CA ILE A 258 34.22 -12.13 11.26
C ILE A 258 35.28 -13.17 11.54
N GLN A 259 35.49 -14.09 10.62
CA GLN A 259 36.58 -15.05 10.66
C GLN A 259 37.58 -14.71 9.56
N TYR A 260 38.87 -14.77 9.90
CA TYR A 260 39.88 -14.37 8.95
C TYR A 260 41.15 -15.17 9.14
N GLN A 261 42.02 -15.10 8.14
CA GLN A 261 43.34 -15.70 8.17
C GLN A 261 44.37 -14.62 7.87
N ARG A 262 45.60 -15.03 7.57
CA ARG A 262 46.66 -14.06 7.29
C ARG A 262 46.26 -13.08 6.20
N GLY A 263 46.51 -11.80 6.44
CA GLY A 263 46.24 -10.77 5.45
C GLY A 263 44.87 -10.11 5.60
N PHE A 264 44.54 -9.66 6.81
CA PHE A 264 43.26 -9.06 7.11
C PHE A 264 43.45 -7.60 7.47
N MET A 265 42.61 -6.73 6.90
CA MET A 265 42.68 -5.29 7.13
C MET A 265 41.52 -4.91 8.04
N GLY A 266 41.84 -4.55 9.28
CA GLY A 266 40.87 -4.47 10.34
C GLY A 266 40.04 -3.20 10.36
N PRO A 267 38.91 -3.25 11.05
CA PRO A 267 38.06 -2.06 11.17
C PRO A 267 38.68 -1.00 12.07
N GLY A 268 38.30 0.24 11.81
CA GLY A 268 38.73 1.35 12.63
C GLY A 268 37.55 2.14 13.15
N LYS A 269 37.56 3.46 12.94
CA LYS A 269 36.41 4.28 13.31
C LYS A 269 35.23 3.98 12.39
N PHE A 270 34.04 4.35 12.86
CA PHE A 270 32.80 4.06 12.15
C PHE A 270 31.91 5.29 12.15
N TRP A 271 30.75 5.16 11.51
CA TRP A 271 29.79 6.25 11.36
C TRP A 271 28.55 5.97 12.20
N CYS A 272 28.05 6.99 12.88
CA CYS A 272 26.73 6.96 13.49
C CYS A 272 25.82 7.93 12.75
N LEU A 273 24.70 7.42 12.25
CA LEU A 273 23.76 8.22 11.47
C LEU A 273 22.38 8.20 12.14
N SER A 274 21.59 9.23 11.87
CA SER A 274 20.25 9.32 12.44
C SER A 274 19.40 10.31 11.65
N GLU A 275 18.10 10.31 11.95
CA GLU A 275 17.10 11.21 11.41
C GLU A 275 16.94 11.08 9.90
N PRO A 276 16.29 10.02 9.42
CA PRO A 276 16.13 9.83 7.97
C PRO A 276 15.41 11.00 7.31
N ILE A 277 15.85 11.35 6.10
CA ILE A 277 15.26 12.43 5.32
C ILE A 277 15.06 11.92 3.89
N PRO A 278 14.14 12.50 3.12
CA PRO A 278 13.96 12.04 1.74
C PRO A 278 15.08 12.52 0.83
N VAL A 279 15.34 11.74 -0.22
CA VAL A 279 16.31 12.09 -1.24
C VAL A 279 15.64 12.00 -2.60
N VAL A 280 16.19 12.76 -3.56
CA VAL A 280 15.67 12.80 -4.92
C VAL A 280 16.85 12.74 -5.88
N LYS A 281 16.58 12.26 -7.09
CA LYS A 281 17.61 12.07 -8.10
C LYS A 281 17.60 13.24 -9.07
N GLY A 282 18.76 13.88 -9.22
CA GLY A 282 18.87 15.04 -10.09
C GLY A 282 20.29 15.49 -10.31
N ALA A 283 20.48 16.80 -10.43
CA ALA A 283 21.79 17.39 -10.75
C ALA A 283 22.31 18.16 -9.54
N VAL A 284 23.48 18.76 -9.71
CA VAL A 284 24.06 19.57 -8.65
C VAL A 284 23.27 20.88 -8.50
N LYS A 285 23.46 21.52 -7.36
CA LYS A 285 22.76 22.76 -7.07
C LYS A 285 23.27 23.90 -7.96
N THR A 286 22.41 24.89 -8.15
CA THR A 286 22.78 26.15 -8.78
C THR A 286 22.70 27.26 -7.74
N ASN A 287 23.72 28.11 -7.72
CA ASN A 287 23.84 29.09 -6.64
C ASN A 287 22.66 30.06 -6.65
N GLY A 288 22.18 30.38 -5.46
CA GLY A 288 21.15 31.40 -5.29
C GLY A 288 19.83 31.07 -5.95
N ALA A 289 19.36 29.83 -5.81
CA ALA A 289 18.07 29.42 -6.35
C ALA A 289 17.24 28.83 -5.22
N VAL A 290 16.06 29.40 -5.01
CA VAL A 290 15.13 28.91 -3.99
C VAL A 290 13.80 28.62 -4.66
N SER A 291 13.28 27.40 -4.46
CA SER A 291 12.04 26.97 -5.08
C SER A 291 11.12 26.36 -4.02
N ASP A 292 9.84 26.29 -4.35
CA ASP A 292 8.86 25.78 -3.40
C ASP A 292 9.00 24.28 -3.20
N CYS A 293 9.11 23.51 -4.28
CA CYS A 293 9.30 22.07 -4.17
C CYS A 293 10.24 21.60 -5.27
N LEU A 294 10.81 20.42 -5.05
CA LEU A 294 11.72 19.81 -6.01
C LEU A 294 11.05 18.60 -6.65
N HIS A 295 11.01 18.59 -7.97
CA HIS A 295 10.43 17.51 -8.76
C HIS A 295 11.55 16.86 -9.55
N GLU A 296 11.62 15.52 -9.51
CA GLU A 296 12.72 14.82 -10.14
C GLU A 296 12.70 14.93 -11.67
N VAL A 297 11.61 15.39 -12.26
CA VAL A 297 11.50 15.54 -13.70
C VAL A 297 11.65 16.99 -14.14
N TYR A 298 11.03 17.92 -13.43
CA TYR A 298 11.01 19.32 -13.83
C TYR A 298 12.07 20.17 -13.14
N GLY A 299 12.37 19.88 -11.88
CA GLY A 299 13.35 20.66 -11.14
C GLY A 299 12.74 21.48 -10.03
N GLY A 300 13.15 22.73 -9.89
CA GLY A 300 12.56 23.60 -8.89
C GLY A 300 11.27 24.22 -9.38
N ILE A 301 10.14 23.90 -8.72
CA ILE A 301 8.85 24.39 -9.17
C ILE A 301 8.12 25.03 -7.99
N SER A 302 7.24 25.97 -8.33
CA SER A 302 6.37 26.64 -7.37
C SER A 302 5.04 25.91 -7.31
N LYS A 303 4.14 26.39 -6.44
CA LYS A 303 2.84 25.78 -6.22
C LYS A 303 1.77 26.85 -6.38
N PRO A 304 1.41 27.18 -7.62
CA PRO A 304 0.34 28.17 -7.86
C PRO A 304 -1.06 27.56 -7.89
N THR A 305 -1.19 26.25 -7.69
CA THR A 305 -2.47 25.56 -7.82
C THR A 305 -2.35 24.19 -7.18
N PRO A 306 -3.32 23.77 -6.37
CA PRO A 306 -3.14 22.52 -5.59
C PRO A 306 -2.94 21.26 -6.43
N PHE A 307 -3.35 21.26 -7.70
CA PHE A 307 -3.19 20.08 -8.55
C PHE A 307 -2.49 20.48 -9.84
N TYR A 308 -1.87 19.49 -10.49
CA TYR A 308 -1.15 19.71 -11.73
C TYR A 308 -1.28 18.48 -12.61
N THR A 309 -1.09 18.69 -13.92
CA THR A 309 -1.20 17.64 -14.91
C THR A 309 0.08 17.55 -15.72
N GLY A 310 0.53 16.35 -15.99
CA GLY A 310 1.73 16.15 -16.80
C GLY A 310 2.40 14.84 -16.44
N ASN A 311 3.72 14.82 -16.60
CA ASN A 311 4.50 13.64 -16.26
C ASN A 311 4.52 13.43 -14.75
N ARG A 312 4.62 12.17 -14.35
CA ARG A 312 4.63 11.78 -12.95
C ARG A 312 6.03 11.46 -12.49
N GLY A 313 6.40 11.98 -11.33
CA GLY A 313 7.73 11.75 -10.78
C GLY A 313 7.76 12.10 -9.31
N LYS A 314 8.82 11.65 -8.66
CA LYS A 314 8.99 11.89 -7.23
C LYS A 314 9.28 13.35 -6.95
N SER A 315 8.82 13.82 -5.79
CA SER A 315 9.00 15.21 -5.41
C SER A 315 9.19 15.31 -3.90
N VAL A 316 9.88 16.36 -3.48
CA VAL A 316 10.14 16.63 -2.07
C VAL A 316 9.92 18.11 -1.80
N GLY A 317 9.16 18.42 -0.76
CA GLY A 317 8.87 19.79 -0.37
C GLY A 317 7.36 20.04 -0.29
N ASN A 318 6.95 21.20 -0.78
CA ASN A 318 5.55 21.62 -0.79
C ASN A 318 5.13 21.84 -2.24
N CYS A 319 4.57 20.81 -2.86
CA CYS A 319 4.24 20.85 -4.27
C CYS A 319 2.93 20.14 -4.53
N PRO A 320 2.28 20.43 -5.67
CA PRO A 320 1.03 19.74 -6.01
C PRO A 320 1.23 18.24 -6.23
N LYS A 321 0.15 17.52 -6.47
CA LYS A 321 0.20 16.08 -6.69
C LYS A 321 -0.53 15.73 -7.98
N TRP A 322 -0.18 14.57 -8.52
CA TRP A 322 -0.61 14.18 -9.84
C TRP A 322 -2.12 14.05 -9.94
N VAL A 323 -2.67 14.46 -11.08
CA VAL A 323 -4.10 14.37 -11.38
C VAL A 323 -4.25 14.00 -12.85
N ARG A 324 -5.21 13.12 -13.14
CA ARG A 324 -5.33 12.55 -14.49
C ARG A 324 -5.73 13.60 -15.52
N LYS A 325 -6.81 14.34 -15.25
CA LYS A 325 -7.45 15.16 -16.27
C LYS A 325 -7.77 16.53 -15.69
N PRO A 326 -7.95 17.54 -16.55
CA PRO A 326 -8.25 18.89 -16.05
C PRO A 326 -9.55 18.94 -15.28
N LEU A 327 -9.59 19.83 -14.29
CA LEU A 327 -10.75 20.00 -13.42
C LEU A 327 -11.11 21.48 -13.32
N LEU A 328 -12.40 21.74 -13.10
CA LEU A 328 -12.90 23.10 -12.91
C LEU A 328 -13.93 23.08 -11.79
N VAL A 329 -14.03 24.21 -11.08
CA VAL A 329 -14.96 24.34 -9.96
C VAL A 329 -15.85 25.55 -10.19
N VAL A 330 -17.14 25.38 -9.90
CA VAL A 330 -18.10 26.46 -10.11
C VAL A 330 -17.74 27.66 -9.24
N ASN A 331 -17.76 28.85 -9.84
CA ASN A 331 -17.47 30.11 -9.15
C ASN A 331 -18.55 31.14 -9.48
N GLY A 332 -19.79 30.71 -9.62
CA GLY A 332 -20.86 31.61 -9.97
C GLY A 332 -22.24 30.99 -9.86
N THR A 333 -23.11 31.28 -10.81
CA THR A 333 -24.46 30.75 -10.84
C THR A 333 -24.74 30.14 -12.20
N LYS A 334 -25.89 29.46 -12.29
CA LYS A 334 -26.28 28.84 -13.54
C LYS A 334 -26.53 29.88 -14.62
N ALA A 335 -26.16 29.54 -15.84
CA ALA A 335 -26.40 30.37 -17.01
C ALA A 335 -27.67 29.93 -17.72
N ARG A 336 -27.89 30.54 -18.88
CA ARG A 336 -29.07 30.26 -19.68
C ARG A 336 -28.76 30.37 -21.17
N ILE A 360 -27.35 42.54 -10.75
CA ILE A 360 -26.43 43.37 -11.53
C ILE A 360 -25.08 43.45 -10.84
N ALA A 361 -24.99 44.28 -9.80
CA ALA A 361 -23.74 44.37 -9.04
C ALA A 361 -23.42 43.04 -8.36
N GLY A 362 -24.44 42.41 -7.79
CA GLY A 362 -24.31 41.04 -7.31
C GLY A 362 -25.23 40.13 -8.11
N TRP A 363 -25.50 38.93 -7.61
CA TRP A 363 -26.40 38.02 -8.29
C TRP A 363 -27.80 37.99 -7.68
N HIS A 364 -27.90 37.72 -6.39
CA HIS A 364 -29.20 37.65 -5.74
C HIS A 364 -29.77 39.04 -5.54
N GLY A 365 -31.03 39.22 -5.93
CA GLY A 365 -31.64 40.53 -5.83
C GLY A 365 -33.12 40.47 -6.12
N TYR A 366 -33.79 41.59 -5.83
CA TYR A 366 -35.22 41.75 -6.01
C TYR A 366 -35.52 42.43 -7.34
N SER A 367 -36.81 42.45 -7.68
CA SER A 367 -37.26 43.12 -8.88
C SER A 367 -38.75 43.42 -8.76
N SER A 368 -39.14 44.60 -9.25
CA SER A 368 -40.53 45.04 -9.29
C SER A 368 -40.89 45.37 -10.73
N THR A 369 -41.98 44.79 -11.21
CA THR A 369 -42.49 45.04 -12.55
C THR A 369 -43.93 45.54 -12.46
N GLY A 370 -44.24 46.49 -13.33
CA GLY A 370 -45.58 47.06 -13.35
C GLY A 370 -45.67 48.11 -14.43
N ASP A 371 -46.67 48.99 -14.28
CA ASP A 371 -46.82 50.09 -15.23
C ASP A 371 -45.66 51.08 -15.20
N HIS A 372 -44.88 51.08 -14.13
CA HIS A 372 -43.68 51.92 -14.03
C HIS A 372 -42.44 51.19 -14.54
N GLY A 373 -42.53 50.62 -15.73
CA GLY A 373 -41.42 49.87 -16.30
C GLY A 373 -41.05 48.68 -15.43
N THR A 374 -39.75 48.46 -15.26
CA THR A 374 -39.24 47.39 -14.43
C THR A 374 -37.98 47.86 -13.73
N LYS A 375 -37.93 47.71 -12.41
CA LYS A 375 -36.85 48.23 -11.59
C LYS A 375 -36.28 47.12 -10.71
N VAL A 376 -34.96 47.04 -10.64
CA VAL A 376 -34.31 45.98 -9.89
C VAL A 376 -33.44 46.57 -8.79
N ALA A 377 -33.12 45.73 -7.82
CA ALA A 377 -32.20 46.07 -6.74
C ALA A 377 -31.23 44.91 -6.57
N ALA A 378 -30.28 45.07 -5.65
CA ALA A 378 -29.30 44.04 -5.37
C ALA A 378 -29.18 43.84 -3.86
N ASP A 379 -29.00 42.58 -3.45
CA ASP A 379 -28.79 42.23 -2.06
C ASP A 379 -27.36 41.77 -1.91
N LEU A 380 -26.63 42.40 -0.98
CA LEU A 380 -25.21 42.12 -0.76
C LEU A 380 -24.97 41.08 0.34
N VAL A 381 -25.77 41.11 1.41
CA VAL A 381 -25.50 40.23 2.55
C VAL A 381 -25.69 38.77 2.15
N SER A 382 -26.75 38.46 1.40
CA SER A 382 -26.97 37.09 0.97
C SER A 382 -25.94 36.68 -0.08
N THR A 383 -25.64 37.55 -1.04
CA THR A 383 -24.73 37.20 -2.11
C THR A 383 -23.28 37.06 -1.63
N GLN A 384 -22.96 37.61 -0.46
CA GLN A 384 -21.63 37.36 0.11
C GLN A 384 -21.54 35.98 0.75
N LYS A 385 -22.65 35.47 1.28
CA LYS A 385 -22.65 34.17 1.96
C LYS A 385 -22.28 33.04 1.01
N ALA A 386 -22.81 33.09 -0.22
CA ALA A 386 -22.51 32.04 -1.19
C ALA A 386 -21.02 32.02 -1.53
N MET A 387 -20.43 33.21 -1.73
CA MET A 387 -18.99 33.28 -2.01
C MET A 387 -18.18 32.78 -0.82
N ASP A 388 -18.61 33.11 0.40
CA ASP A 388 -17.91 32.63 1.58
C ASP A 388 -17.94 31.11 1.66
N ALA A 389 -19.10 30.52 1.37
CA ALA A 389 -19.21 29.06 1.36
C ALA A 389 -18.31 28.45 0.28
N ILE A 390 -18.28 29.07 -0.90
CA ILE A 390 -17.43 28.58 -1.98
C ILE A 390 -15.97 28.60 -1.58
N THR A 391 -15.53 29.71 -0.96
CA THR A 391 -14.14 29.80 -0.52
C THR A 391 -13.83 28.76 0.55
N ALA A 392 -14.76 28.55 1.49
CA ALA A 392 -14.54 27.52 2.51
C ALA A 392 -14.39 26.14 1.90
N ARG A 393 -15.25 25.80 0.94
CA ARG A 393 -15.14 24.49 0.29
C ARG A 393 -13.84 24.36 -0.49
N ILE A 394 -13.41 25.44 -1.14
CA ILE A 394 -12.14 25.42 -1.87
C ILE A 394 -10.98 25.17 -0.92
N ASN A 395 -10.98 25.85 0.23
CA ASN A 395 -9.92 25.64 1.21
C ASN A 395 -9.92 24.22 1.73
N ASN A 396 -11.11 23.66 2.02
CA ASN A 396 -11.18 22.29 2.48
C ASN A 396 -10.62 21.33 1.44
N MET A 397 -10.95 21.54 0.17
CA MET A 397 -10.42 20.68 -0.88
C MET A 397 -8.91 20.85 -1.02
N ASN A 398 -8.41 22.07 -0.85
CA ASN A 398 -6.97 22.31 -0.91
C ASN A 398 -6.25 21.54 0.19
N LYS A 399 -6.87 21.46 1.36
CA LYS A 399 -6.28 20.74 2.49
C LYS A 399 -5.93 19.28 2.18
N MET A 400 -6.41 18.74 1.06
CA MET A 400 -6.23 17.33 0.74
C MET A 400 -4.77 16.95 0.49
N THR A 401 -3.93 17.88 0.06
CA THR A 401 -2.60 17.57 -0.46
C THR A 401 -1.52 17.65 0.61
N GLU A 402 -1.90 17.58 1.88
CA GLU A 402 -0.93 17.66 2.98
C GLU A 402 -1.08 16.47 3.93
N ARG A 403 -1.14 15.26 3.37
CA ARG A 403 -1.08 14.03 4.15
C ARG A 403 0.40 13.67 4.35
N ALA A 404 0.88 13.84 5.57
CA ALA A 404 2.31 13.84 5.86
C ALA A 404 2.50 13.30 7.27
N PHE A 405 3.64 13.65 7.88
CA PHE A 405 3.89 13.40 9.31
C PHE A 405 4.18 11.92 9.58
N SER A 406 4.74 11.24 8.58
CA SER A 406 5.25 9.89 8.79
C SER A 406 6.28 9.63 7.68
N VAL A 407 7.56 9.65 8.06
CA VAL A 407 8.66 9.41 7.14
C VAL A 407 9.42 8.19 7.60
N THR A 408 9.52 7.19 6.73
CA THR A 408 10.23 5.95 7.02
C THR A 408 11.60 5.99 6.36
N ASP A 409 12.46 5.06 6.77
CA ASP A 409 13.89 5.13 6.44
C ASP A 409 14.17 5.09 4.95
N SER A 410 13.28 4.51 4.14
CA SER A 410 13.42 4.40 2.69
C SER A 410 14.67 3.64 2.27
N THR A 411 14.83 3.39 0.97
CA THR A 411 15.90 2.55 0.45
C THR A 411 16.68 3.29 -0.63
N MET A 412 17.79 2.68 -1.05
CA MET A 412 18.64 3.25 -2.08
C MET A 412 18.03 2.99 -3.46
N GLN A 413 18.79 3.25 -4.51
CA GLN A 413 18.28 3.17 -5.87
C GLN A 413 18.99 2.15 -6.75
N GLU A 414 20.01 1.46 -6.24
CA GLU A 414 20.81 0.53 -7.04
C GLU A 414 21.08 -0.74 -6.26
N ILE A 415 20.06 -1.30 -5.63
CA ILE A 415 20.23 -2.47 -4.77
C ILE A 415 19.89 -3.75 -5.50
N GLN A 416 18.63 -3.89 -5.90
CA GLN A 416 18.16 -5.11 -6.55
C GLN A 416 16.82 -4.83 -7.22
N LYS A 417 16.56 -5.55 -8.31
CA LYS A 417 15.39 -5.25 -9.14
C LYS A 417 14.09 -5.43 -8.37
N GLU A 418 13.98 -6.51 -7.60
CA GLU A 418 12.71 -6.82 -6.94
C GLU A 418 12.33 -5.75 -5.92
N ILE A 419 13.29 -5.29 -5.12
CA ILE A 419 13.01 -4.26 -4.12
C ILE A 419 12.62 -2.95 -4.80
N LYS A 420 13.34 -2.57 -5.86
CA LYS A 420 13.03 -1.37 -6.60
C LYS A 420 11.61 -1.42 -7.18
N ASP A 421 11.24 -2.57 -7.74
CA ASP A 421 9.91 -2.70 -8.31
C ASP A 421 8.84 -2.70 -7.22
N LEU A 422 9.14 -3.22 -6.04
CA LEU A 422 8.19 -3.14 -4.94
C LEU A 422 7.94 -1.69 -4.53
N ASP A 423 9.02 -0.90 -4.42
CA ASP A 423 8.86 0.51 -4.11
C ASP A 423 8.04 1.23 -5.17
N LYS A 424 8.35 0.96 -6.44
CA LYS A 424 7.60 1.59 -7.53
C LYS A 424 6.12 1.20 -7.48
N LYS A 425 5.83 -0.07 -7.17
CA LYS A 425 4.44 -0.51 -7.07
C LYS A 425 3.71 0.25 -5.97
N ILE A 426 4.35 0.40 -4.80
CA ILE A 426 3.70 1.12 -3.70
C ILE A 426 3.38 2.55 -4.12
N ASP A 427 4.36 3.22 -4.73
CA ASP A 427 4.16 4.61 -5.13
C ASP A 427 3.05 4.74 -6.17
N ASP A 428 3.03 3.82 -7.15
CA ASP A 428 2.02 3.88 -8.19
C ASP A 428 0.62 3.68 -7.62
N VAL A 429 0.46 2.70 -6.72
CA VAL A 429 -0.85 2.46 -6.12
C VAL A 429 -1.32 3.69 -5.37
N ARG A 430 -0.42 4.29 -4.57
CA ARG A 430 -0.78 5.48 -3.81
C ARG A 430 -1.25 6.60 -4.73
N ALA A 431 -0.49 6.86 -5.80
CA ALA A 431 -0.81 7.96 -6.70
C ALA A 431 -2.17 7.73 -7.38
N ASP A 432 -2.41 6.51 -7.85
CA ASP A 432 -3.68 6.23 -8.52
C ASP A 432 -4.86 6.45 -7.59
N GLU A 433 -4.77 5.96 -6.36
CA GLU A 433 -5.88 6.12 -5.42
C GLU A 433 -6.13 7.60 -5.12
N THR A 434 -5.06 8.37 -4.91
CA THR A 434 -5.25 9.78 -4.62
C THR A 434 -5.91 10.51 -5.78
N ALA A 435 -5.51 10.20 -7.01
CA ALA A 435 -6.14 10.85 -8.18
C ALA A 435 -7.63 10.54 -8.24
N ALA A 436 -8.00 9.27 -8.05
CA ALA A 436 -9.42 8.91 -8.09
C ALA A 436 -10.21 9.65 -7.02
N GLN A 437 -9.67 9.71 -5.80
CA GLN A 437 -10.35 10.39 -4.71
C GLN A 437 -10.56 11.86 -5.02
N ILE A 438 -9.54 12.51 -5.58
CA ILE A 438 -9.64 13.93 -5.90
C ILE A 438 -10.75 14.18 -6.92
N GLU A 439 -10.81 13.34 -7.96
CA GLU A 439 -11.85 13.52 -8.96
C GLU A 439 -13.25 13.39 -8.35
N MET A 440 -13.44 12.37 -7.52
CA MET A 440 -14.76 12.16 -6.91
C MET A 440 -15.16 13.35 -6.04
N ILE A 441 -14.21 13.87 -5.26
CA ILE A 441 -14.52 15.01 -4.40
C ILE A 441 -14.88 16.24 -5.23
N VAL A 442 -14.19 16.45 -6.35
CA VAL A 442 -14.51 17.58 -7.21
C VAL A 442 -15.96 17.49 -7.69
N LEU A 443 -16.37 16.31 -8.17
CA LEU A 443 -17.74 16.15 -8.65
C LEU A 443 -18.76 16.42 -7.53
N LEU A 444 -18.49 15.87 -6.34
CA LEU A 444 -19.43 16.04 -5.23
C LEU A 444 -19.59 17.50 -4.86
N GLU A 445 -18.48 18.25 -4.80
CA GLU A 445 -18.55 19.66 -4.43
C GLU A 445 -19.29 20.46 -5.50
N ASN A 446 -19.08 20.15 -6.77
CA ASN A 446 -19.83 20.83 -7.83
C ASN A 446 -21.33 20.68 -7.62
N GLU A 447 -21.79 19.44 -7.42
CA GLU A 447 -23.22 19.22 -7.23
C GLU A 447 -23.73 19.96 -5.99
N ASN A 448 -22.96 19.91 -4.90
CA ASN A 448 -23.41 20.55 -3.66
C ASN A 448 -23.57 22.05 -3.85
N ILE A 449 -22.64 22.70 -4.56
CA ILE A 449 -22.73 24.14 -4.77
C ILE A 449 -23.95 24.48 -5.62
N ILE A 450 -24.18 23.72 -6.69
CA ILE A 450 -25.33 23.99 -7.55
C ILE A 450 -26.61 23.90 -6.75
N ASN A 451 -26.70 22.93 -5.83
CA ASN A 451 -27.91 22.79 -5.03
C ASN A 451 -28.03 23.89 -3.97
N ALA A 452 -26.90 24.30 -3.39
CA ALA A 452 -26.94 25.35 -2.36
C ALA A 452 -27.44 26.68 -2.94
N GLU A 453 -27.16 26.95 -4.21
CA GLU A 453 -27.72 28.16 -4.82
C GLU A 453 -29.25 28.14 -4.76
N ASP A 454 -29.85 27.02 -5.15
CA ASP A 454 -31.31 26.89 -5.11
C ASP A 454 -31.83 27.03 -3.69
N GLU A 455 -31.11 26.44 -2.73
CA GLU A 455 -31.46 26.65 -1.33
C GLU A 455 -31.54 28.15 -1.01
N HIS A 456 -30.52 28.90 -1.42
CA HIS A 456 -30.48 30.34 -1.10
C HIS A 456 -31.67 31.07 -1.72
N VAL A 457 -31.95 30.81 -2.99
CA VAL A 457 -33.04 31.54 -3.64
C VAL A 457 -34.37 31.21 -2.99
N HIS A 458 -34.54 29.96 -2.54
CA HIS A 458 -35.75 29.63 -1.78
C HIS A 458 -35.80 30.39 -0.45
N ALA A 459 -34.67 30.43 0.27
CA ALA A 459 -34.65 31.07 1.57
C ALA A 459 -34.96 32.56 1.47
N LEU A 460 -34.63 33.18 0.34
CA LEU A 460 -34.98 34.58 0.15
C LEU A 460 -36.48 34.81 0.17
N LYS A 461 -37.26 33.82 -0.27
CA LYS A 461 -38.71 34.01 -0.41
C LYS A 461 -39.41 34.19 0.94
N GLN A 462 -39.06 33.37 1.93
CA GLN A 462 -39.65 33.54 3.25
C GLN A 462 -39.29 34.89 3.83
N LYS A 463 -38.04 35.31 3.63
CA LYS A 463 -37.65 36.62 4.09
C LYS A 463 -38.55 37.66 3.41
N LEU A 464 -38.80 37.49 2.11
CA LEU A 464 -39.63 38.45 1.39
C LEU A 464 -41.05 38.48 1.96
N THR A 465 -41.61 37.32 2.31
CA THR A 465 -43.02 37.30 2.69
C THR A 465 -43.27 37.66 4.15
N LYS A 466 -42.23 37.72 4.99
CA LYS A 466 -42.46 38.06 6.39
C LYS A 466 -43.06 39.46 6.56
N MET A 467 -42.58 40.45 5.81
CA MET A 467 -42.92 41.86 6.05
C MET A 467 -43.87 42.45 5.01
N LEU A 468 -44.54 41.62 4.22
CA LEU A 468 -45.49 42.13 3.25
C LEU A 468 -46.92 42.17 3.77
N GLY A 469 -47.22 41.46 4.85
CA GLY A 469 -48.53 41.50 5.43
C GLY A 469 -49.43 40.39 4.91
N PRO A 470 -50.68 40.38 5.37
CA PRO A 470 -51.63 39.33 4.97
C PRO A 470 -52.41 39.63 3.69
N SER A 471 -52.29 40.84 3.14
CA SER A 471 -53.01 41.23 1.94
C SER A 471 -52.28 40.82 0.66
N ALA A 472 -51.09 40.24 0.77
CA ALA A 472 -50.35 39.81 -0.40
C ALA A 472 -51.08 38.68 -1.10
N GLN A 473 -50.82 38.55 -2.40
CA GLN A 473 -51.50 37.58 -3.26
C GLN A 473 -50.47 36.79 -4.05
N ASP A 474 -49.49 36.24 -3.33
CA ASP A 474 -48.33 35.58 -3.91
C ASP A 474 -48.73 34.64 -5.04
N MET A 475 -48.00 34.76 -6.17
CA MET A 475 -48.04 33.88 -7.32
C MET A 475 -47.68 32.43 -6.97
N GLY A 476 -47.03 32.19 -5.85
CA GLY A 476 -46.52 30.86 -5.49
C GLY A 476 -45.12 30.61 -6.01
N ASP A 477 -44.84 31.04 -7.24
CA ASP A 477 -43.54 30.84 -7.87
C ASP A 477 -42.56 31.97 -7.56
N GLY A 478 -42.46 32.33 -6.29
CA GLY A 478 -41.53 33.34 -5.84
C GLY A 478 -42.00 34.77 -5.98
N CYS A 479 -43.07 35.02 -6.75
CA CYS A 479 -43.55 36.38 -6.99
C CYS A 479 -44.83 36.65 -6.21
N PHE A 480 -45.05 37.92 -5.92
CA PHE A 480 -46.15 38.38 -5.09
C PHE A 480 -46.89 39.51 -5.81
N ILE A 481 -48.16 39.68 -5.44
CA ILE A 481 -49.01 40.74 -5.99
C ILE A 481 -49.42 41.66 -4.86
N VAL A 482 -49.19 42.97 -5.05
CA VAL A 482 -49.61 43.99 -4.11
C VAL A 482 -50.38 45.06 -4.88
N ASP A 483 -51.32 45.71 -4.20
CA ASP A 483 -52.20 46.68 -4.84
C ASP A 483 -51.71 48.11 -4.58
N HIS A 484 -50.53 48.40 -5.12
CA HIS A 484 -49.97 49.75 -5.09
C HIS A 484 -48.71 49.74 -5.96
N GLN A 485 -48.29 50.94 -6.37
CA GLN A 485 -47.09 51.09 -7.18
C GLN A 485 -45.87 51.21 -6.29
N CYS A 486 -44.72 50.74 -6.80
CA CYS A 486 -43.47 50.75 -6.06
C CYS A 486 -42.41 51.51 -6.85
N LYS A 487 -41.70 52.39 -6.16
CA LYS A 487 -40.63 53.15 -6.77
C LYS A 487 -39.29 52.77 -6.12
N GLU A 488 -38.25 53.52 -6.44
CA GLU A 488 -36.92 53.23 -5.90
C GLU A 488 -36.92 53.17 -4.39
N ASP A 489 -37.70 54.04 -3.74
CA ASP A 489 -37.81 53.99 -2.29
C ASP A 489 -38.35 52.65 -1.82
N CYS A 490 -39.37 52.12 -2.51
CA CYS A 490 -39.91 50.82 -2.16
C CYS A 490 -38.84 49.73 -2.22
N LEU A 491 -38.07 49.71 -3.31
CA LEU A 491 -37.05 48.69 -3.48
C LEU A 491 -35.96 48.81 -2.42
N ARG A 492 -35.45 50.02 -2.19
CA ARG A 492 -34.37 50.14 -1.20
C ARG A 492 -34.88 49.91 0.21
N GLU A 493 -36.15 50.17 0.47
CA GLU A 493 -36.73 49.87 1.77
C GLU A 493 -36.82 48.37 1.99
N ILE A 494 -37.28 47.63 0.97
CA ILE A 494 -37.45 46.20 1.17
C ILE A 494 -36.08 45.51 1.20
N VAL A 495 -35.08 46.06 0.51
CA VAL A 495 -33.75 45.44 0.64
C VAL A 495 -33.14 45.75 2.00
N SER A 496 -33.28 46.99 2.47
CA SER A 496 -32.72 47.34 3.77
C SER A 496 -33.37 46.52 4.89
N GLY A 497 -34.69 46.29 4.79
CA GLY A 497 -35.43 45.46 5.71
C GLY A 497 -36.61 46.17 6.36
N ASN A 498 -36.48 47.47 6.59
CA ASN A 498 -37.54 48.25 7.25
C ASN A 498 -38.59 48.60 6.22
N TYR A 499 -39.74 47.91 6.28
CA TYR A 499 -40.83 48.16 5.34
C TYR A 499 -42.13 47.77 6.02
N THR A 500 -43.08 48.70 6.06
CA THR A 500 -44.38 48.47 6.67
C THR A 500 -45.47 48.74 5.65
N PRO A 501 -46.41 47.81 5.44
CA PRO A 501 -47.58 48.13 4.59
C PRO A 501 -48.43 49.26 5.12
N SER A 502 -48.40 49.54 6.42
CA SER A 502 -49.23 50.60 6.99
C SER A 502 -48.90 51.94 6.35
N LYS A 503 -47.61 52.22 6.16
CA LYS A 503 -47.23 53.48 5.53
C LYS A 503 -47.67 53.55 4.07
N TYR A 504 -47.94 52.42 3.43
CA TYR A 504 -48.51 52.41 2.09
C TYR A 504 -50.03 52.23 2.10
N GLY A 505 -50.63 52.03 3.28
CA GLY A 505 -52.07 52.01 3.39
C GLY A 505 -52.73 50.64 3.27
N MET A 506 -52.10 49.61 3.83
CA MET A 506 -52.73 48.31 4.00
C MET A 506 -52.60 47.83 5.43
N ASP A 507 -53.51 46.93 5.81
CA ASP A 507 -53.56 46.44 7.19
C ASP A 507 -52.27 45.76 7.56
N GLU A 508 -51.76 46.08 8.76
CA GLU A 508 -50.45 45.58 9.17
C GLU A 508 -50.50 44.11 9.52
N PHE A 509 -51.23 43.79 10.59
CA PHE A 509 -51.35 42.43 11.11
C PHE A 509 -52.26 42.50 12.33
N LYS A 510 -52.78 41.34 12.72
CA LYS A 510 -53.64 41.23 13.89
C LYS A 510 -52.79 41.14 15.15
N SER A 511 -53.09 41.98 16.13
CA SER A 511 -52.34 41.97 17.37
C SER A 511 -52.58 40.65 18.12
N PRO A 512 -51.53 40.08 18.72
CA PRO A 512 -51.73 38.85 19.50
C PRO A 512 -52.58 39.07 20.75
N ILE A 513 -52.96 40.30 21.05
CA ILE A 513 -53.72 40.62 22.24
C ILE A 513 -55.15 40.93 21.78
N ILE A 514 -56.10 40.12 22.24
CA ILE A 514 -57.50 40.33 21.92
C ILE A 514 -58.02 41.57 22.65
N ASP B 1 -64.46 19.66 -4.52
CA ASP B 1 -63.71 18.41 -4.45
C ASP B 1 -62.28 18.68 -4.01
N LYS B 2 -61.56 17.60 -3.67
CA LYS B 2 -60.19 17.69 -3.20
C LYS B 2 -59.24 17.10 -4.23
N ILE B 3 -58.25 17.90 -4.62
CA ILE B 3 -57.26 17.49 -5.61
C ILE B 3 -55.88 17.62 -4.99
N CYS B 4 -55.07 16.58 -5.12
CA CYS B 4 -53.69 16.66 -4.67
C CYS B 4 -52.83 15.71 -5.51
N ALA B 5 -51.60 15.50 -5.07
CA ALA B 5 -50.64 14.73 -5.85
C ALA B 5 -49.70 14.01 -4.90
N GLY B 6 -49.03 13.00 -5.44
CA GLY B 6 -48.10 12.23 -4.64
C GLY B 6 -47.61 11.02 -5.41
N VAL B 7 -47.18 10.01 -4.66
CA VAL B 7 -46.68 8.78 -5.23
C VAL B 7 -47.77 7.72 -5.14
N ALA B 8 -47.57 6.62 -5.87
CA ALA B 8 -48.48 5.48 -5.83
C ALA B 8 -47.84 4.38 -4.99
N SER B 9 -48.56 3.91 -3.98
CA SER B 9 -48.06 2.83 -3.16
C SER B 9 -48.13 1.51 -3.93
N GLY B 10 -47.31 0.55 -3.49
CA GLY B 10 -47.27 -0.75 -4.13
C GLY B 10 -46.80 -1.81 -3.17
N LYS B 11 -46.86 -3.05 -3.63
CA LYS B 11 -46.46 -4.16 -2.79
C LYS B 11 -44.93 -4.23 -2.68
N GLY B 12 -44.43 -4.30 -1.46
CA GLY B 12 -43.00 -4.34 -1.25
C GLY B 12 -42.43 -5.73 -1.48
N THR B 13 -41.32 -5.78 -2.22
CA THR B 13 -40.66 -7.04 -2.55
C THR B 13 -39.22 -7.13 -2.06
N HIS B 14 -38.54 -6.01 -1.84
CA HIS B 14 -37.13 -6.06 -1.45
C HIS B 14 -36.90 -5.18 -0.23
N ARG B 15 -35.77 -5.41 0.43
CA ARG B 15 -35.38 -4.64 1.61
C ARG B 15 -33.98 -4.09 1.42
N VAL B 16 -33.80 -2.80 1.71
CA VAL B 16 -32.53 -2.13 1.54
C VAL B 16 -32.15 -1.43 2.84
N GLU B 17 -30.86 -1.14 2.99
CA GLU B 17 -30.32 -0.59 4.22
C GLU B 17 -29.72 0.79 3.97
N THR B 18 -30.02 1.72 4.87
CA THR B 18 -29.47 3.08 4.86
C THR B 18 -28.66 3.29 6.14
N ILE B 19 -28.27 4.54 6.38
CA ILE B 19 -27.42 4.86 7.52
C ILE B 19 -28.26 5.37 8.69
N THR B 20 -29.43 5.94 8.39
CA THR B 20 -30.31 6.47 9.43
C THR B 20 -31.64 5.73 9.52
N LYS B 21 -32.25 5.37 8.40
CA LYS B 21 -33.57 4.78 8.38
C LYS B 21 -33.56 3.27 8.61
N GLY B 22 -32.38 2.66 8.73
CA GLY B 22 -32.30 1.24 8.96
C GLY B 22 -32.66 0.41 7.74
N GLU B 23 -33.72 -0.40 7.85
CA GLU B 23 -34.19 -1.23 6.76
C GLU B 23 -35.48 -0.66 6.20
N VAL B 24 -35.54 -0.50 4.88
CA VAL B 24 -36.68 0.06 4.19
C VAL B 24 -37.15 -0.93 3.15
N LEU B 25 -38.46 -1.21 3.15
CA LEU B 25 -39.06 -2.10 2.17
C LEU B 25 -39.42 -1.30 0.92
N VAL B 26 -39.01 -1.81 -0.25
CA VAL B 26 -39.19 -1.13 -1.51
C VAL B 26 -39.78 -2.08 -2.53
N THR B 27 -40.45 -1.51 -3.53
CA THR B 27 -41.14 -2.31 -4.55
C THR B 27 -40.14 -3.02 -5.45
N ASN B 28 -39.12 -2.31 -5.93
CA ASN B 28 -38.18 -2.85 -6.90
C ASN B 28 -36.76 -2.56 -6.45
N ALA B 29 -35.83 -3.39 -6.92
CA ALA B 29 -34.42 -3.26 -6.56
C ALA B 29 -33.56 -3.78 -7.69
N ILE B 30 -32.30 -3.36 -7.68
CA ILE B 30 -31.30 -3.78 -8.65
C ILE B 30 -30.17 -4.49 -7.89
N ASN B 31 -29.82 -5.68 -8.35
CA ASN B 31 -28.74 -6.46 -7.75
C ASN B 31 -27.41 -6.06 -8.39
N MET B 32 -26.39 -5.91 -7.56
CA MET B 32 -25.06 -5.53 -8.02
C MET B 32 -24.01 -6.56 -7.63
N THR B 33 -24.42 -7.82 -7.49
CA THR B 33 -23.51 -8.90 -7.15
C THR B 33 -23.97 -10.17 -7.86
N HIS B 34 -23.01 -11.05 -8.16
CA HIS B 34 -23.32 -12.31 -8.83
C HIS B 34 -22.20 -13.29 -8.55
N THR B 35 -22.49 -14.57 -8.82
CA THR B 35 -21.52 -15.64 -8.63
C THR B 35 -21.00 -16.09 -9.99
N PRO B 36 -19.72 -15.91 -10.29
CA PRO B 36 -19.19 -16.34 -11.58
C PRO B 36 -19.16 -17.87 -11.70
N THR B 37 -19.23 -18.34 -12.94
CA THR B 37 -19.13 -19.75 -13.26
C THR B 37 -17.84 -20.01 -14.03
N SER B 38 -17.16 -21.08 -13.67
CA SER B 38 -15.85 -21.37 -14.24
C SER B 38 -15.95 -21.72 -15.71
N GLY B 39 -14.89 -21.39 -16.45
CA GLY B 39 -14.83 -21.65 -17.87
C GLY B 39 -13.39 -21.82 -18.35
N PRO B 40 -13.23 -22.31 -19.58
CA PRO B 40 -11.88 -22.56 -20.10
C PRO B 40 -11.13 -21.28 -20.39
N PHE B 41 -9.80 -21.39 -20.38
CA PHE B 41 -8.94 -20.26 -20.71
C PHE B 41 -9.00 -19.97 -22.20
N GLY B 42 -8.70 -18.71 -22.55
CA GLY B 42 -8.72 -18.32 -23.94
C GLY B 42 -8.16 -16.92 -24.11
N ASP B 43 -8.35 -16.39 -25.31
CA ASP B 43 -7.85 -15.06 -25.62
C ASP B 43 -8.79 -13.99 -25.08
N LEU B 44 -8.23 -12.84 -24.73
CA LEU B 44 -9.04 -11.73 -24.26
C LEU B 44 -9.78 -11.08 -25.42
N LYS B 45 -10.92 -10.45 -25.10
CA LYS B 45 -11.66 -9.70 -26.10
C LYS B 45 -10.92 -8.44 -26.54
N THR B 46 -9.87 -8.05 -25.82
CA THR B 46 -9.09 -6.86 -26.15
C THR B 46 -7.87 -7.16 -27.02
N GLY B 47 -7.19 -8.28 -26.79
CA GLY B 47 -6.01 -8.58 -27.56
C GLY B 47 -5.61 -10.03 -27.42
N ASN B 48 -4.35 -10.29 -27.75
CA ASN B 48 -3.79 -11.64 -27.71
C ASN B 48 -3.11 -11.90 -26.37
N VAL B 49 -3.22 -13.14 -25.91
CA VAL B 49 -2.62 -13.58 -24.65
C VAL B 49 -1.59 -14.66 -24.96
N ARG B 50 -0.44 -14.60 -24.28
CA ARG B 50 0.71 -15.44 -24.59
C ARG B 50 0.78 -16.60 -23.60
N ASP B 51 0.86 -17.81 -24.13
CA ASP B 51 1.08 -19.02 -23.34
C ASP B 51 2.37 -19.72 -23.69
N LYS B 52 2.72 -19.79 -24.98
CA LYS B 52 3.95 -20.42 -25.44
C LYS B 52 4.80 -19.38 -26.14
N LEU B 53 6.12 -19.45 -25.89
CA LEU B 53 7.03 -18.43 -26.42
C LEU B 53 7.01 -18.41 -27.95
N CYS B 54 7.08 -19.57 -28.58
CA CYS B 54 7.08 -19.68 -30.04
C CYS B 54 5.99 -20.66 -30.45
N PRO B 55 4.74 -20.20 -30.56
CA PRO B 55 3.67 -21.10 -31.00
C PRO B 55 3.91 -21.70 -32.38
N THR B 56 4.58 -20.96 -33.27
CA THR B 56 4.89 -21.49 -34.59
C THR B 56 5.98 -22.55 -34.53
N CYS B 57 6.90 -22.44 -33.58
CA CYS B 57 7.98 -23.43 -33.47
C CYS B 57 7.43 -24.79 -33.10
N THR B 58 8.04 -25.83 -33.67
CA THR B 58 7.61 -27.21 -33.44
C THR B 58 8.78 -28.03 -32.92
N GLY B 59 8.51 -28.90 -31.96
CA GLY B 59 9.52 -29.73 -31.35
C GLY B 59 10.37 -29.05 -30.31
N CYS B 60 10.10 -27.78 -30.01
CA CYS B 60 10.90 -27.01 -29.08
C CYS B 60 10.07 -26.64 -27.86
N THR B 61 10.67 -26.76 -26.67
CA THR B 61 10.04 -26.30 -25.45
C THR B 61 10.48 -24.86 -25.15
N ASP B 62 9.92 -24.29 -24.09
CA ASP B 62 10.23 -22.90 -23.76
C ASP B 62 11.68 -22.72 -23.36
N MET B 63 12.25 -23.73 -22.68
CA MET B 63 13.66 -23.66 -22.32
C MET B 63 14.56 -23.62 -23.55
N ASP B 64 14.25 -24.44 -24.56
CA ASP B 64 15.05 -24.44 -25.78
C ASP B 64 14.96 -23.10 -26.51
N VAL B 65 13.77 -22.50 -26.53
CA VAL B 65 13.61 -21.19 -27.17
C VAL B 65 14.37 -20.12 -26.42
N ALA B 66 14.32 -20.15 -25.09
CA ALA B 66 15.04 -19.17 -24.29
C ALA B 66 16.55 -19.34 -24.42
N LEU B 67 17.02 -20.56 -24.65
CA LEU B 67 18.43 -20.85 -24.75
C LEU B 67 18.99 -20.66 -26.16
N MET B 68 18.16 -20.23 -27.11
CA MET B 68 18.55 -20.08 -28.51
C MET B 68 19.19 -21.35 -29.07
N THR B 69 18.53 -22.47 -28.82
CA THR B 69 18.94 -23.73 -29.42
C THR B 69 18.79 -23.65 -30.94
N PRO B 70 19.67 -24.30 -31.70
CA PRO B 70 19.42 -24.47 -33.12
C PRO B 70 18.12 -25.25 -33.34
N THR B 71 17.46 -24.95 -34.47
CA THR B 71 16.15 -25.50 -34.83
C THR B 71 15.05 -25.00 -33.90
N CYS B 72 15.31 -23.95 -33.12
CA CYS B 72 14.32 -23.33 -32.24
C CYS B 72 14.43 -21.82 -32.32
N ASN B 73 14.51 -21.29 -33.54
CA ASN B 73 14.74 -19.86 -33.74
C ASN B 73 13.61 -19.19 -34.49
N GLY B 74 12.36 -19.46 -34.08
CA GLY B 74 11.21 -18.84 -34.70
C GLY B 74 11.02 -17.40 -34.24
N VAL B 75 9.90 -16.83 -34.69
CA VAL B 75 9.55 -15.45 -34.40
C VAL B 75 8.61 -15.41 -33.20
N ILE B 76 8.90 -14.55 -32.24
CA ILE B 76 8.12 -14.44 -31.02
C ILE B 76 7.06 -13.35 -31.22
N PRO B 77 5.79 -13.65 -31.10
CA PRO B 77 4.75 -12.65 -31.32
C PRO B 77 4.54 -11.79 -30.06
N GLU B 78 3.64 -10.82 -30.20
CA GLU B 78 3.33 -9.89 -29.11
C GLU B 78 2.01 -10.26 -28.45
N ALA B 79 1.83 -9.77 -27.23
CA ALA B 79 0.64 -10.07 -26.46
C ALA B 79 0.45 -9.01 -25.38
N ILE B 80 -0.72 -9.02 -24.76
CA ILE B 80 -1.07 -8.10 -23.69
C ILE B 80 -1.25 -8.80 -22.36
N ALA B 81 -1.20 -10.13 -22.34
CA ALA B 81 -1.29 -10.90 -21.10
C ALA B 81 -0.55 -12.20 -21.29
N ALA B 82 -0.19 -12.84 -20.18
CA ALA B 82 0.59 -14.07 -20.22
C ALA B 82 0.06 -15.06 -19.20
N ILE B 83 0.23 -16.33 -19.51
CA ILE B 83 -0.18 -17.44 -18.64
C ILE B 83 1.06 -18.24 -18.27
N GLN B 84 1.22 -18.50 -16.98
CA GLN B 84 2.36 -19.27 -16.47
C GLN B 84 1.85 -20.70 -16.23
N HIS B 85 1.93 -21.52 -17.26
CA HIS B 85 1.38 -22.87 -17.23
C HIS B 85 2.40 -23.94 -16.82
N GLU B 86 3.63 -23.54 -16.49
CA GLU B 86 4.67 -24.48 -16.09
C GLU B 86 5.51 -23.85 -14.99
N ASN B 87 5.46 -24.42 -13.79
CA ASN B 87 6.32 -23.98 -12.70
C ASN B 87 7.70 -24.61 -12.77
N ARG B 88 7.92 -25.56 -13.67
CA ARG B 88 9.23 -26.21 -13.84
C ARG B 88 9.41 -26.58 -15.30
N PRO B 89 9.72 -25.60 -16.14
CA PRO B 89 9.90 -25.89 -17.57
C PRO B 89 11.09 -26.80 -17.82
N LEU B 90 10.99 -27.57 -18.91
CA LEU B 90 11.98 -28.59 -19.25
C LEU B 90 12.63 -28.26 -20.58
N GLN B 91 13.76 -28.93 -20.84
CA GLN B 91 14.50 -28.79 -22.09
C GLN B 91 14.85 -30.16 -22.62
N SER B 92 14.92 -30.28 -23.95
CA SER B 92 15.12 -31.60 -24.54
C SER B 92 16.00 -31.61 -25.81
N LYS B 93 16.83 -30.59 -26.05
CA LYS B 93 17.42 -30.51 -27.38
C LYS B 93 18.88 -30.06 -27.42
N CYS B 94 19.65 -30.33 -26.38
CA CYS B 94 21.08 -29.98 -26.42
C CYS B 94 21.81 -30.67 -25.27
N ASN B 95 23.06 -30.28 -25.07
CA ASN B 95 23.90 -30.86 -24.03
C ASN B 95 23.30 -30.59 -22.66
N PRO B 96 23.45 -31.51 -21.72
CA PRO B 96 22.75 -31.37 -20.43
C PRO B 96 23.32 -30.25 -19.58
N ILE B 97 22.42 -29.53 -18.91
CA ILE B 97 22.78 -28.49 -17.95
C ILE B 97 22.13 -28.86 -16.62
N LEU B 98 22.93 -28.82 -15.54
CA LEU B 98 22.39 -29.04 -14.19
C LEU B 98 21.64 -27.79 -13.79
N HIS B 99 20.40 -27.69 -14.27
CA HIS B 99 19.61 -26.48 -14.06
C HIS B 99 19.29 -26.27 -12.59
N ASP B 100 18.81 -27.30 -11.89
CA ASP B 100 18.45 -27.15 -10.49
C ASP B 100 19.69 -27.26 -9.61
N LEU B 101 20.73 -26.51 -9.97
CA LEU B 101 21.89 -26.32 -9.11
C LEU B 101 22.29 -24.86 -9.04
N GLY B 102 21.68 -23.99 -9.83
CA GLY B 102 21.87 -22.56 -9.74
C GLY B 102 20.53 -21.85 -9.68
N ASN B 103 20.33 -20.87 -10.58
CA ASN B 103 19.06 -20.14 -10.62
C ASN B 103 18.48 -20.01 -12.01
N THR B 104 19.06 -20.69 -13.01
CA THR B 104 18.66 -20.51 -14.40
C THR B 104 17.44 -21.34 -14.79
N ARG B 105 16.74 -21.92 -13.82
CA ARG B 105 15.60 -22.77 -14.15
C ARG B 105 14.42 -21.95 -14.66
N GLN B 106 14.12 -20.83 -14.01
CA GLN B 106 12.94 -20.03 -14.37
C GLN B 106 13.29 -18.94 -15.38
N LEU B 107 13.96 -19.32 -16.46
CA LEU B 107 14.33 -18.38 -17.51
C LEU B 107 13.14 -18.06 -18.42
N PRO B 108 12.39 -19.05 -18.91
CA PRO B 108 11.22 -18.71 -19.73
C PRO B 108 10.20 -17.87 -18.98
N ASN B 109 10.01 -18.11 -17.69
CA ASN B 109 9.06 -17.31 -16.93
C ASN B 109 9.57 -15.89 -16.71
N LEU B 110 10.89 -15.68 -16.83
CA LEU B 110 11.40 -14.31 -16.80
C LEU B 110 11.19 -13.61 -18.13
N LEU B 111 11.41 -14.32 -19.25
CA LEU B 111 11.11 -13.70 -20.55
C LEU B 111 9.61 -13.57 -20.80
N ARG B 112 8.77 -14.25 -20.01
CA ARG B 112 7.34 -14.25 -20.27
C ARG B 112 6.68 -12.89 -19.99
N LYS B 113 7.23 -12.12 -19.05
CA LYS B 113 6.53 -10.96 -18.52
C LYS B 113 6.93 -9.64 -19.17
N TYR B 114 7.23 -9.67 -20.48
CA TYR B 114 7.50 -8.45 -21.22
C TYR B 114 6.85 -8.53 -22.59
N LYS B 115 6.25 -7.42 -23.02
CA LYS B 115 5.53 -7.41 -24.29
C LYS B 115 6.48 -7.55 -25.47
N LYS B 116 7.59 -6.82 -25.45
CA LYS B 116 8.54 -6.83 -26.57
C LYS B 116 9.77 -7.64 -26.19
N ILE B 117 10.01 -8.71 -26.95
CA ILE B 117 11.16 -9.58 -26.78
C ILE B 117 11.96 -9.55 -28.07
N ARG B 118 13.25 -9.24 -27.98
CA ARG B 118 14.09 -9.28 -29.16
C ARG B 118 15.46 -9.84 -28.81
N LYS B 119 16.04 -10.53 -29.79
CA LYS B 119 17.31 -11.21 -29.63
C LYS B 119 18.41 -10.31 -30.21
N SER B 120 19.50 -10.16 -29.45
CA SER B 120 20.56 -9.25 -29.83
C SER B 120 21.22 -9.69 -31.13
N SER B 121 21.62 -8.71 -31.94
CA SER B 121 22.35 -8.95 -33.16
C SER B 121 23.86 -8.86 -32.98
N GLY B 122 24.33 -8.58 -31.76
CA GLY B 122 25.75 -8.49 -31.50
C GLY B 122 26.25 -9.58 -30.58
N ILE B 123 27.20 -9.26 -29.72
CA ILE B 123 27.77 -10.21 -28.77
C ILE B 123 28.11 -9.46 -27.49
N ALA B 124 27.83 -10.09 -26.35
CA ALA B 124 27.97 -9.39 -25.07
C ALA B 124 29.40 -8.95 -24.81
N PHE B 125 30.38 -9.81 -25.09
CA PHE B 125 31.78 -9.46 -24.92
C PHE B 125 32.54 -9.84 -26.19
N PRO B 126 33.24 -8.88 -26.81
CA PRO B 126 33.93 -9.19 -28.07
C PRO B 126 34.92 -10.33 -27.90
N LEU B 127 34.91 -11.25 -28.87
CA LEU B 127 35.65 -12.50 -28.75
C LEU B 127 37.15 -12.32 -28.94
N ALA B 128 37.59 -11.20 -29.52
CA ALA B 128 39.00 -10.95 -29.76
C ALA B 128 39.65 -10.13 -28.67
N SER B 129 39.02 -10.01 -27.51
CA SER B 129 39.48 -9.13 -26.44
C SER B 129 39.84 -9.89 -25.16
N TYR B 130 40.10 -11.18 -25.25
CA TYR B 130 40.42 -11.98 -24.08
C TYR B 130 41.90 -11.90 -23.75
N ALA B 131 42.26 -12.40 -22.57
CA ALA B 131 43.66 -12.36 -22.13
C ALA B 131 44.55 -13.18 -23.05
N ASP B 132 44.13 -14.41 -23.36
CA ASP B 132 44.79 -15.24 -24.37
C ASP B 132 44.08 -14.97 -25.68
N GLN B 133 44.83 -14.58 -26.71
CA GLN B 133 44.16 -14.09 -27.92
C GLN B 133 43.67 -15.20 -28.85
N PRO B 134 44.45 -16.24 -29.19
CA PRO B 134 43.92 -17.28 -30.09
C PRO B 134 42.83 -18.12 -29.44
N VAL B 135 41.61 -17.58 -29.35
CA VAL B 135 40.47 -18.29 -28.78
C VAL B 135 39.48 -18.61 -29.89
N ILE B 136 38.70 -19.68 -29.69
CA ILE B 136 37.68 -20.11 -30.63
C ILE B 136 36.52 -20.70 -29.83
N SER B 137 35.37 -20.82 -30.51
CA SER B 137 34.20 -21.48 -29.96
C SER B 137 34.13 -22.90 -30.53
N ASN B 138 34.23 -23.88 -29.65
CA ASN B 138 34.32 -25.27 -30.10
C ASN B 138 32.93 -25.81 -30.45
N PRO B 139 32.72 -26.31 -31.65
CA PRO B 139 31.45 -26.96 -31.96
C PRO B 139 31.26 -28.21 -31.13
N SER B 140 30.01 -28.51 -30.82
CA SER B 140 29.66 -29.65 -30.00
C SER B 140 29.32 -30.83 -30.90
N GLY B 141 29.73 -32.03 -30.47
CA GLY B 141 29.31 -33.23 -31.18
C GLY B 141 27.84 -33.56 -31.00
N ASN B 142 27.15 -32.89 -30.09
CA ASN B 142 25.77 -33.21 -29.76
C ASN B 142 24.79 -32.23 -30.42
N CYS B 143 24.93 -30.93 -30.13
CA CYS B 143 23.94 -29.94 -30.57
C CYS B 143 24.11 -29.72 -32.06
N ARG B 144 23.47 -30.57 -32.85
CA ARG B 144 23.53 -30.48 -34.30
C ARG B 144 22.45 -29.54 -34.82
N ASP B 145 22.64 -29.11 -36.07
CA ASP B 145 21.67 -28.24 -36.74
C ASP B 145 20.54 -29.12 -37.31
N GLY B 146 19.68 -28.51 -38.12
CA GLY B 146 18.63 -29.29 -38.77
C GLY B 146 19.19 -30.31 -39.74
N ASN B 147 20.22 -29.92 -40.50
CA ASN B 147 20.83 -30.85 -41.45
C ASN B 147 21.54 -31.99 -40.73
N GLY B 148 22.23 -31.68 -39.63
CA GLY B 148 22.96 -32.69 -38.88
C GLY B 148 24.38 -32.27 -38.56
N VAL B 149 24.83 -31.16 -39.17
CA VAL B 149 26.17 -30.67 -38.93
C VAL B 149 26.31 -30.21 -37.49
N GLU B 150 27.52 -30.36 -36.95
CA GLU B 150 27.78 -29.96 -35.57
C GLU B 150 27.61 -28.45 -35.41
N SER B 151 27.15 -28.05 -34.23
CA SER B 151 26.82 -26.65 -34.00
C SER B 151 26.93 -26.36 -32.50
N GLU B 152 26.94 -25.06 -32.19
CA GLU B 152 26.96 -24.58 -30.82
C GLU B 152 25.55 -24.18 -30.40
N PHE B 153 25.42 -23.69 -29.17
CA PHE B 153 24.13 -23.17 -28.72
C PHE B 153 23.71 -21.96 -29.53
N GLY B 154 24.48 -20.87 -29.42
CA GLY B 154 24.11 -19.58 -29.97
C GLY B 154 23.94 -18.49 -28.95
N SER B 155 23.89 -18.83 -27.66
CA SER B 155 23.88 -17.85 -26.59
C SER B 155 24.95 -18.14 -25.54
N LEU B 156 25.80 -19.14 -25.76
CA LEU B 156 26.74 -19.59 -24.75
C LEU B 156 27.84 -20.35 -25.48
N LEU B 157 29.06 -19.83 -25.42
CA LEU B 157 30.14 -20.30 -26.28
C LEU B 157 31.13 -21.13 -25.48
N TRP B 158 31.48 -22.31 -26.03
CA TRP B 158 32.51 -23.14 -25.43
C TRP B 158 33.88 -22.60 -25.80
N LEU B 159 34.62 -22.12 -24.80
CA LEU B 159 35.85 -21.39 -25.03
C LEU B 159 37.07 -22.29 -24.84
N THR B 160 38.04 -22.12 -25.72
CA THR B 160 39.32 -22.80 -25.62
C THR B 160 40.42 -21.88 -26.12
N GLY B 161 41.54 -21.85 -25.39
CA GLY B 161 42.64 -20.97 -25.68
C GLY B 161 43.86 -21.72 -26.18
N ASN B 162 44.90 -20.94 -26.50
CA ASN B 162 46.14 -21.51 -27.01
C ASN B 162 46.90 -22.24 -25.91
N THR B 163 46.91 -21.69 -24.70
CA THR B 163 47.73 -22.22 -23.62
C THR B 163 47.01 -23.37 -22.91
N LYS B 164 47.80 -24.24 -22.28
CA LYS B 164 47.26 -25.37 -21.53
C LYS B 164 48.09 -25.52 -20.26
N GLY B 165 47.59 -24.97 -19.16
CA GLY B 165 48.29 -25.07 -17.89
C GLY B 165 47.55 -24.30 -16.82
N ALA B 166 48.12 -24.34 -15.61
CA ALA B 166 47.54 -23.62 -14.49
C ALA B 166 47.58 -22.11 -14.75
N ILE B 167 46.51 -21.42 -14.35
CA ILE B 167 46.39 -19.99 -14.58
C ILE B 167 45.93 -19.32 -13.29
N THR B 168 46.49 -18.16 -13.00
CA THR B 168 46.14 -17.44 -11.78
C THR B 168 44.68 -16.98 -11.80
N GLY B 169 44.25 -16.40 -12.89
CA GLY B 169 42.87 -15.95 -13.03
C GLY B 169 42.78 -14.70 -13.89
N GLU B 170 41.63 -14.53 -14.53
CA GLU B 170 41.39 -13.40 -15.42
C GLU B 170 40.06 -12.76 -15.11
N THR B 171 39.98 -11.44 -15.29
CA THR B 171 38.80 -10.65 -14.96
C THR B 171 38.31 -9.90 -16.18
N ILE B 172 36.98 -9.87 -16.36
CA ILE B 172 36.33 -9.16 -17.46
C ILE B 172 35.18 -8.34 -16.91
N THR B 173 34.81 -7.31 -17.66
CA THR B 173 33.75 -6.39 -17.30
C THR B 173 32.72 -6.33 -18.43
N ILE B 174 31.45 -6.25 -18.05
CA ILE B 174 30.33 -6.21 -19.00
C ILE B 174 29.52 -4.95 -18.72
N THR B 175 29.19 -4.22 -19.77
CA THR B 175 28.42 -2.98 -19.68
C THR B 175 27.10 -3.13 -20.42
N HIS B 176 26.20 -2.17 -20.19
CA HIS B 176 24.88 -2.19 -20.80
C HIS B 176 24.98 -2.01 -22.32
N GLN B 177 24.11 -2.71 -23.05
CA GLN B 177 24.20 -2.70 -24.51
C GLN B 177 22.86 -2.45 -25.20
N CYS B 178 21.74 -2.77 -24.55
CA CYS B 178 20.45 -2.47 -25.14
C CYS B 178 20.20 -0.96 -25.10
N ASN B 179 18.99 -0.55 -25.46
CA ASN B 179 18.65 0.86 -25.51
C ASN B 179 18.45 1.39 -24.10
N ASN B 180 17.91 2.61 -24.00
CA ASN B 180 17.80 3.26 -22.69
C ASN B 180 16.72 2.62 -21.83
N ASP B 181 15.59 2.23 -22.43
CA ASP B 181 14.46 1.70 -21.69
C ASP B 181 14.30 0.19 -21.83
N GLU B 182 15.39 -0.52 -22.08
CA GLU B 182 15.34 -1.95 -22.32
C GLU B 182 16.08 -2.71 -21.23
N VAL B 183 15.61 -3.91 -20.94
CA VAL B 183 16.22 -4.78 -19.94
C VAL B 183 17.05 -5.82 -20.66
N MET B 184 18.31 -5.98 -20.25
CA MET B 184 19.25 -6.87 -20.91
C MET B 184 19.45 -8.12 -20.05
N VAL B 185 19.32 -9.28 -20.67
CA VAL B 185 19.47 -10.56 -19.99
C VAL B 185 20.58 -11.35 -20.69
N LEU B 186 21.53 -11.86 -19.91
CA LEU B 186 22.61 -12.66 -20.45
C LEU B 186 22.81 -13.89 -19.57
N VAL B 187 23.50 -14.90 -20.11
CA VAL B 187 23.79 -16.12 -19.39
C VAL B 187 25.24 -16.51 -19.63
N TRP B 188 25.81 -17.22 -18.67
CA TRP B 188 27.17 -17.73 -18.80
C TRP B 188 27.34 -18.92 -17.88
N GLY B 189 28.32 -19.76 -18.19
CA GLY B 189 28.50 -20.96 -17.41
C GLY B 189 29.92 -21.49 -17.33
N ALA B 190 30.03 -22.75 -16.90
CA ALA B 190 31.31 -23.41 -16.71
C ALA B 190 31.15 -24.88 -17.02
N TRP B 191 32.26 -25.52 -17.37
CA TRP B 191 32.27 -26.90 -17.81
C TRP B 191 32.76 -27.83 -16.70
N ALA B 192 32.09 -28.96 -16.52
CA ALA B 192 32.48 -29.99 -15.57
C ALA B 192 32.56 -31.32 -16.31
N ASP B 193 33.54 -32.13 -15.95
CA ASP B 193 33.84 -33.37 -16.65
C ASP B 193 34.52 -34.29 -15.65
N LEU B 194 35.14 -35.37 -16.13
CA LEU B 194 35.91 -36.22 -15.25
C LEU B 194 37.34 -35.70 -15.14
N SER B 195 38.08 -36.25 -14.17
CA SER B 195 39.41 -35.72 -13.88
C SER B 195 40.37 -35.91 -15.04
N ALA B 196 40.40 -37.11 -15.62
CA ALA B 196 41.32 -37.38 -16.73
C ALA B 196 40.99 -36.54 -17.95
N THR B 197 39.70 -36.23 -18.15
CA THR B 197 39.29 -35.51 -19.36
C THR B 197 39.82 -34.09 -19.37
N MET B 198 39.64 -33.34 -18.27
CA MET B 198 40.12 -31.97 -18.23
C MET B 198 41.62 -31.88 -18.42
N ASN B 199 42.37 -32.85 -17.92
CA ASN B 199 43.81 -32.85 -18.14
C ASN B 199 44.15 -33.05 -19.60
N THR B 200 43.20 -33.51 -20.42
CA THR B 200 43.40 -33.63 -21.85
C THR B 200 42.88 -32.44 -22.64
N ILE B 201 41.85 -31.75 -22.14
CA ILE B 201 41.32 -30.59 -22.85
C ILE B 201 41.66 -29.26 -22.16
N TYR B 202 42.00 -29.26 -20.88
CA TYR B 202 42.28 -28.01 -20.19
C TYR B 202 43.63 -28.07 -19.48
N GLY B 203 44.08 -29.28 -19.12
CA GLY B 203 45.35 -29.44 -18.45
C GLY B 203 45.32 -29.36 -16.95
N VAL B 204 44.16 -29.52 -16.32
CA VAL B 204 44.04 -29.45 -14.88
C VAL B 204 43.23 -30.65 -14.38
N THR B 205 43.34 -30.91 -13.09
CA THR B 205 42.69 -32.06 -12.47
C THR B 205 41.94 -31.70 -11.18
N THR B 206 41.90 -30.42 -10.81
CA THR B 206 41.30 -29.92 -9.58
C THR B 206 40.16 -28.96 -9.92
N PRO B 207 39.07 -28.97 -9.14
CA PRO B 207 37.98 -28.01 -9.39
C PRO B 207 38.49 -26.58 -9.33
N GLN B 208 37.98 -25.75 -10.23
CA GLN B 208 38.43 -24.38 -10.40
C GLN B 208 37.45 -23.42 -9.72
N THR B 209 37.75 -22.13 -9.80
CA THR B 209 36.97 -21.09 -9.13
C THR B 209 36.47 -20.07 -10.14
N TYR B 210 35.21 -19.68 -10.00
CA TYR B 210 34.60 -18.62 -10.79
C TYR B 210 33.82 -17.70 -9.87
N VAL B 211 33.90 -16.40 -10.13
CA VAL B 211 33.26 -15.39 -9.29
C VAL B 211 32.50 -14.44 -10.20
N SER B 212 31.25 -14.13 -9.84
CA SER B 212 30.44 -13.18 -10.58
C SER B 212 29.90 -12.12 -9.63
N ASN B 213 30.05 -10.86 -10.00
CA ASN B 213 29.50 -9.74 -9.25
C ASN B 213 28.63 -8.93 -10.19
N PHE B 214 27.42 -8.62 -9.75
CA PHE B 214 26.49 -7.86 -10.57
C PHE B 214 25.64 -7.00 -9.64
N PRO B 215 24.87 -6.04 -10.18
CA PRO B 215 24.02 -5.22 -9.30
C PRO B 215 22.82 -6.00 -8.80
N SER B 216 23.08 -7.26 -8.44
CA SER B 216 22.16 -8.10 -7.68
C SER B 216 22.88 -8.88 -6.59
N GLY B 217 24.20 -8.96 -6.62
CA GLY B 217 24.95 -9.61 -5.57
C GLY B 217 26.17 -10.31 -6.12
N ARG B 218 26.64 -11.27 -5.32
CA ARG B 218 27.85 -12.04 -5.58
C ARG B 218 27.50 -13.52 -5.72
N PHE B 219 28.30 -14.23 -6.51
CA PHE B 219 28.07 -15.66 -6.73
C PHE B 219 29.40 -16.33 -7.00
N SER B 220 29.78 -17.25 -6.11
CA SER B 220 31.05 -17.97 -6.19
C SER B 220 30.77 -19.43 -6.50
N MET B 221 31.53 -20.01 -7.42
CA MET B 221 31.29 -21.37 -7.89
C MET B 221 32.61 -22.12 -7.98
N SER B 222 32.65 -23.31 -7.38
CA SER B 222 33.76 -24.25 -7.51
C SER B 222 33.16 -25.64 -7.72
N PRO B 223 32.62 -25.90 -8.90
CA PRO B 223 31.81 -27.11 -9.10
C PRO B 223 32.60 -28.39 -8.85
N PHE B 224 31.92 -29.40 -8.33
CA PHE B 224 32.55 -30.68 -8.05
C PHE B 224 32.96 -31.38 -9.34
N LEU B 225 33.97 -32.22 -9.23
CA LEU B 225 34.63 -32.82 -10.39
C LEU B 225 34.67 -34.33 -10.15
N GLY B 226 33.61 -35.02 -10.54
CA GLY B 226 33.53 -36.44 -10.29
C GLY B 226 32.16 -37.05 -10.52
N ASN B 227 31.66 -37.78 -9.52
CA ASN B 227 30.37 -38.43 -9.63
C ASN B 227 29.29 -37.40 -9.95
N PHE B 228 28.42 -37.76 -10.89
CA PHE B 228 27.42 -36.86 -11.42
C PHE B 228 26.03 -37.41 -11.18
N PRO B 229 25.01 -36.54 -11.15
CA PRO B 229 23.63 -37.04 -11.16
C PRO B 229 23.29 -37.74 -12.46
N ALA B 230 22.07 -38.27 -12.57
CA ALA B 230 21.71 -39.03 -13.76
C ALA B 230 21.65 -38.10 -14.98
N LEU B 231 21.72 -38.73 -16.16
CA LEU B 231 21.72 -38.02 -17.43
C LEU B 231 20.29 -37.83 -17.89
N ALA B 232 19.88 -36.58 -18.08
CA ALA B 232 18.50 -36.26 -18.44
C ALA B 232 18.46 -34.88 -19.08
N GLU B 233 17.28 -34.55 -19.61
CA GLU B 233 17.01 -33.25 -20.22
C GLU B 233 17.98 -32.96 -21.37
N THR B 234 18.11 -33.93 -22.27
CA THR B 234 19.02 -33.78 -23.40
C THR B 234 18.56 -34.67 -24.55
N GLU B 235 19.14 -34.42 -25.72
CA GLU B 235 18.91 -35.24 -26.90
C GLU B 235 20.04 -36.23 -27.16
N ALA B 236 21.15 -36.13 -26.42
CA ALA B 236 22.34 -36.94 -26.66
C ALA B 236 22.55 -37.90 -25.49
N THR B 237 22.82 -39.16 -25.81
CA THR B 237 23.05 -40.19 -24.83
C THR B 237 24.54 -40.43 -24.65
N THR B 238 24.88 -41.02 -23.49
CA THR B 238 26.26 -41.40 -23.15
C THR B 238 27.20 -40.20 -23.25
N ALA B 239 26.95 -39.21 -22.39
CA ALA B 239 27.80 -38.03 -22.27
C ALA B 239 28.33 -37.95 -20.84
N THR B 240 29.64 -37.78 -20.71
CA THR B 240 30.30 -37.77 -19.41
C THR B 240 30.53 -36.38 -18.85
N GLY B 241 30.05 -35.34 -19.54
CA GLY B 241 30.25 -33.98 -19.07
C GLY B 241 28.97 -33.24 -18.78
N ARG B 242 29.05 -32.21 -17.92
CA ARG B 242 27.91 -31.40 -17.55
C ARG B 242 28.31 -29.93 -17.63
N ILE B 243 27.30 -29.07 -17.67
CA ILE B 243 27.49 -27.62 -17.77
C ILE B 243 26.74 -26.95 -16.62
N TYR B 244 27.40 -26.03 -15.95
CA TYR B 244 26.78 -25.19 -14.94
C TYR B 244 26.46 -23.84 -15.54
N LEU B 245 25.31 -23.28 -15.19
CA LEU B 245 24.80 -22.06 -15.81
C LEU B 245 24.44 -21.03 -14.75
N ARG B 246 24.39 -19.77 -15.18
CA ARG B 246 24.00 -18.66 -14.33
C ARG B 246 23.57 -17.50 -15.21
N MET B 247 22.47 -16.84 -14.84
CA MET B 247 21.92 -15.74 -15.63
C MET B 247 22.03 -14.43 -14.86
N GLU B 248 22.21 -13.34 -15.61
CA GLU B 248 22.36 -12.00 -15.07
C GLU B 248 21.49 -11.03 -15.86
N VAL B 249 21.02 -9.98 -15.16
CA VAL B 249 20.17 -8.96 -15.74
C VAL B 249 20.83 -7.60 -15.55
N LEU B 250 20.48 -6.66 -16.43
CA LEU B 250 21.09 -5.34 -16.42
C LEU B 250 20.13 -4.31 -16.98
N GLU B 251 20.23 -3.09 -16.45
CA GLU B 251 19.46 -1.93 -16.88
C GLU B 251 20.41 -0.88 -17.45
N SER B 252 19.86 0.29 -17.76
CA SER B 252 20.67 1.37 -18.32
C SER B 252 21.67 1.89 -17.28
N GLY B 253 22.89 2.12 -17.73
CA GLY B 253 23.92 2.66 -16.86
C GLY B 253 24.33 1.76 -15.72
N GLN B 254 24.52 0.47 -15.99
CA GLN B 254 24.95 -0.49 -15.00
C GLN B 254 26.05 -1.36 -15.60
N ARG B 255 26.85 -1.97 -14.73
CA ARG B 255 27.94 -2.81 -15.21
C ARG B 255 28.21 -3.93 -14.20
N GLY B 256 28.84 -5.00 -14.69
CA GLY B 256 29.12 -6.16 -13.87
C GLY B 256 30.50 -6.72 -14.18
N THR B 257 30.95 -7.61 -13.30
CA THR B 257 32.29 -8.16 -13.38
C THR B 257 32.27 -9.68 -13.23
N ILE B 258 33.17 -10.35 -13.95
CA ILE B 258 33.31 -11.80 -13.83
C ILE B 258 34.80 -12.15 -13.79
N GLN B 259 35.19 -12.90 -12.77
CA GLN B 259 36.53 -13.46 -12.67
C GLN B 259 36.46 -14.96 -12.87
N TYR B 260 37.41 -15.50 -13.62
CA TYR B 260 37.34 -16.91 -13.97
C TYR B 260 38.73 -17.49 -14.13
N GLN B 261 38.77 -18.82 -14.09
CA GLN B 261 39.98 -19.60 -14.33
C GLN B 261 39.69 -20.61 -15.43
N ARG B 262 40.59 -21.59 -15.60
CA ARG B 262 40.43 -22.57 -16.68
C ARG B 262 39.09 -23.27 -16.59
N GLY B 263 38.41 -23.40 -17.73
CA GLY B 263 37.14 -24.08 -17.80
C GLY B 263 35.94 -23.15 -17.71
N PHE B 264 35.94 -22.09 -18.49
CA PHE B 264 34.89 -21.08 -18.47
C PHE B 264 34.17 -21.05 -19.80
N MET B 265 32.84 -21.06 -19.75
CA MET B 265 31.99 -21.04 -20.94
C MET B 265 31.43 -19.63 -21.10
N GLY B 266 31.84 -18.94 -22.14
CA GLY B 266 31.65 -17.51 -22.26
C GLY B 266 30.28 -17.07 -22.73
N PRO B 267 29.94 -15.82 -22.44
CA PRO B 267 28.64 -15.29 -22.87
C PRO B 267 28.59 -15.07 -24.38
N GLY B 268 27.38 -15.14 -24.91
CA GLY B 268 27.15 -14.89 -26.32
C GLY B 268 26.08 -13.85 -26.56
N LYS B 269 25.15 -14.15 -27.45
CA LYS B 269 24.03 -13.24 -27.69
C LYS B 269 23.14 -13.17 -26.46
N PHE B 270 22.43 -12.05 -26.33
CA PHE B 270 21.64 -11.74 -25.16
C PHE B 270 20.25 -11.29 -25.56
N TRP B 271 19.39 -11.08 -24.57
CA TRP B 271 18.00 -10.71 -24.78
C TRP B 271 17.78 -9.24 -24.39
N CYS B 272 17.03 -8.51 -25.21
CA CYS B 272 16.52 -7.19 -24.84
C CYS B 272 15.00 -7.27 -24.74
N LEU B 273 14.46 -6.88 -23.59
CA LEU B 273 13.04 -6.97 -23.31
C LEU B 273 12.49 -5.61 -22.89
N SER B 274 11.21 -5.38 -23.16
CA SER B 274 10.57 -4.12 -22.81
C SER B 274 9.07 -4.29 -22.70
N GLU B 275 8.41 -3.23 -22.17
CA GLU B 275 6.96 -3.12 -22.02
C GLU B 275 6.35 -4.19 -21.12
N PRO B 276 6.51 -4.08 -19.80
CA PRO B 276 5.95 -5.09 -18.89
C PRO B 276 4.45 -5.24 -19.07
N ILE B 277 3.98 -6.48 -18.95
CA ILE B 277 2.56 -6.81 -19.01
C ILE B 277 2.24 -7.77 -17.87
N PRO B 278 1.00 -7.83 -17.39
CA PRO B 278 0.68 -8.72 -16.28
C PRO B 278 0.64 -10.17 -16.72
N VAL B 279 0.85 -11.07 -15.75
CA VAL B 279 0.75 -12.51 -15.98
C VAL B 279 -0.18 -13.12 -14.94
N VAL B 280 -0.77 -14.25 -15.32
CA VAL B 280 -1.67 -14.99 -14.43
C VAL B 280 -1.28 -16.46 -14.50
N LYS B 281 -1.62 -17.18 -13.44
CA LYS B 281 -1.25 -18.59 -13.30
C LYS B 281 -2.45 -19.46 -13.64
N GLY B 282 -2.26 -20.41 -14.55
CA GLY B 282 -3.35 -21.26 -14.98
C GLY B 282 -2.92 -22.41 -15.87
N ALA B 283 -3.68 -22.66 -16.92
CA ALA B 283 -3.43 -23.77 -17.84
C ALA B 283 -3.24 -23.24 -19.25
N VAL B 284 -2.93 -24.17 -20.16
CA VAL B 284 -2.69 -23.79 -21.55
C VAL B 284 -4.00 -23.32 -22.19
N LYS B 285 -3.87 -22.58 -23.29
CA LYS B 285 -5.03 -22.00 -23.96
C LYS B 285 -5.91 -23.09 -24.56
N THR B 286 -7.19 -22.75 -24.70
CA THR B 286 -8.16 -23.58 -25.41
C THR B 286 -8.55 -22.88 -26.69
N ASN B 287 -8.55 -23.62 -27.79
CA ASN B 287 -8.76 -23.01 -29.11
C ASN B 287 -10.15 -22.42 -29.24
N GLY B 288 -10.21 -21.23 -29.84
CA GLY B 288 -11.49 -20.59 -30.12
C GLY B 288 -12.30 -20.22 -28.90
N ALA B 289 -11.65 -19.69 -27.86
CA ALA B 289 -12.32 -19.27 -26.64
C ALA B 289 -11.94 -17.83 -26.34
N VAL B 290 -12.94 -16.97 -26.19
CA VAL B 290 -12.73 -15.56 -25.89
C VAL B 290 -13.60 -15.19 -24.70
N SER B 291 -13.00 -14.52 -23.71
CA SER B 291 -13.69 -14.11 -22.50
C SER B 291 -13.40 -12.64 -22.23
N ASP B 292 -14.24 -12.04 -21.38
CA ASP B 292 -14.05 -10.63 -21.04
C ASP B 292 -12.84 -10.44 -20.12
N CYS B 293 -12.65 -11.35 -19.16
CA CYS B 293 -11.50 -11.25 -18.27
C CYS B 293 -11.02 -12.64 -17.88
N LEU B 294 -9.79 -12.70 -17.40
CA LEU B 294 -9.20 -13.94 -16.92
C LEU B 294 -9.04 -13.87 -15.40
N HIS B 295 -9.60 -14.86 -14.72
CA HIS B 295 -9.51 -15.00 -13.28
C HIS B 295 -8.73 -16.26 -12.97
N GLU B 296 -7.72 -16.15 -12.11
CA GLU B 296 -6.84 -17.29 -11.83
C GLU B 296 -7.55 -18.42 -11.10
N VAL B 297 -8.76 -18.20 -10.59
CA VAL B 297 -9.49 -19.21 -9.85
C VAL B 297 -10.55 -19.88 -10.72
N TYR B 298 -11.30 -19.11 -11.49
CA TYR B 298 -12.42 -19.62 -12.27
C TYR B 298 -12.09 -19.83 -13.74
N GLY B 299 -11.24 -18.99 -14.33
CA GLY B 299 -10.90 -19.11 -15.72
C GLY B 299 -11.37 -17.92 -16.54
N GLY B 300 -11.87 -18.17 -17.74
CA GLY B 300 -12.42 -17.10 -18.55
C GLY B 300 -13.82 -16.73 -18.10
N ILE B 301 -14.00 -15.48 -17.65
CA ILE B 301 -15.30 -15.05 -17.15
C ILE B 301 -15.73 -13.79 -17.89
N SER B 302 -17.04 -13.57 -17.91
CA SER B 302 -17.63 -12.34 -18.41
C SER B 302 -17.88 -11.39 -17.24
N LYS B 303 -18.41 -10.21 -17.55
CA LYS B 303 -18.66 -9.18 -16.55
C LYS B 303 -20.08 -8.66 -16.73
N PRO B 304 -21.08 -9.42 -16.25
CA PRO B 304 -22.47 -8.97 -16.34
C PRO B 304 -22.90 -8.02 -15.24
N THR B 305 -22.01 -7.69 -14.29
CA THR B 305 -22.36 -6.92 -13.11
C THR B 305 -21.08 -6.41 -12.48
N PRO B 306 -21.02 -5.14 -12.06
CA PRO B 306 -19.73 -4.56 -11.64
C PRO B 306 -19.08 -5.24 -10.45
N PHE B 307 -19.82 -5.96 -9.62
CA PHE B 307 -19.24 -6.63 -8.46
C PHE B 307 -19.61 -8.10 -8.46
N TYR B 308 -18.77 -8.90 -7.81
CA TYR B 308 -18.96 -10.34 -7.70
C TYR B 308 -18.57 -10.79 -6.31
N THR B 309 -19.18 -11.90 -5.87
CA THR B 309 -18.94 -12.47 -4.55
C THR B 309 -18.46 -13.91 -4.68
N GLY B 310 -17.48 -14.26 -3.88
CA GLY B 310 -16.95 -15.61 -3.88
C GLY B 310 -15.49 -15.61 -3.49
N ASN B 311 -14.75 -16.56 -4.07
CA ASN B 311 -13.33 -16.68 -3.82
C ASN B 311 -12.57 -15.50 -4.43
N ARG B 312 -11.43 -15.19 -3.83
CA ARG B 312 -10.61 -14.06 -4.25
C ARG B 312 -9.37 -14.56 -4.98
N GLY B 313 -9.08 -13.96 -6.12
CA GLY B 313 -7.90 -14.33 -6.89
C GLY B 313 -7.54 -13.25 -7.89
N LYS B 314 -6.31 -13.33 -8.37
CA LYS B 314 -5.80 -12.35 -9.32
C LYS B 314 -6.52 -12.47 -10.65
N SER B 315 -6.67 -11.33 -11.32
CA SER B 315 -7.38 -11.29 -12.60
C SER B 315 -6.74 -10.26 -13.51
N VAL B 316 -6.94 -10.44 -14.81
CA VAL B 316 -6.43 -9.52 -15.83
C VAL B 316 -7.49 -9.33 -16.90
N GLY B 317 -7.75 -8.07 -17.26
CA GLY B 317 -8.70 -7.72 -18.29
C GLY B 317 -9.75 -6.74 -17.77
N ASN B 318 -11.00 -6.96 -18.16
CA ASN B 318 -12.14 -6.13 -17.78
C ASN B 318 -13.09 -7.00 -16.97
N CYS B 319 -12.86 -7.09 -15.67
CA CYS B 319 -13.61 -7.99 -14.81
C CYS B 319 -14.00 -7.29 -13.52
N PRO B 320 -15.04 -7.79 -12.83
CA PRO B 320 -15.47 -7.17 -11.57
C PRO B 320 -14.43 -7.29 -10.47
N LYS B 321 -14.73 -6.72 -9.31
CA LYS B 321 -13.81 -6.75 -8.18
C LYS B 321 -14.50 -7.30 -6.94
N TRP B 322 -13.69 -7.81 -6.03
CA TRP B 322 -14.17 -8.57 -4.89
C TRP B 322 -15.04 -7.71 -3.97
N VAL B 323 -16.08 -8.34 -3.42
CA VAL B 323 -17.03 -7.69 -2.52
C VAL B 323 -17.46 -8.69 -1.46
N ARG B 324 -17.65 -8.22 -0.23
CA ARG B 324 -17.90 -9.11 0.90
C ARG B 324 -19.29 -9.72 0.84
N LYS B 325 -20.33 -8.90 0.78
CA LYS B 325 -21.70 -9.34 0.99
C LYS B 325 -22.60 -8.80 -0.11
N PRO B 326 -23.75 -9.44 -0.35
CA PRO B 326 -24.64 -8.99 -1.43
C PRO B 326 -25.17 -7.58 -1.17
N LEU B 327 -25.43 -6.87 -2.27
CA LEU B 327 -25.89 -5.48 -2.22
C LEU B 327 -27.07 -5.30 -3.15
N LEU B 328 -27.94 -4.35 -2.80
CA LEU B 328 -29.10 -4.00 -3.62
C LEU B 328 -29.25 -2.49 -3.65
N VAL B 329 -29.79 -1.98 -4.74
CA VAL B 329 -29.96 -0.55 -4.94
C VAL B 329 -31.42 -0.27 -5.29
N VAL B 330 -31.97 0.81 -4.71
CA VAL B 330 -33.37 1.14 -4.93
C VAL B 330 -33.61 1.44 -6.41
N ASN B 331 -34.68 0.87 -6.96
CA ASN B 331 -35.09 1.08 -8.34
C ASN B 331 -36.57 1.40 -8.41
N GLY B 332 -37.07 2.18 -7.46
CA GLY B 332 -38.48 2.50 -7.42
C GLY B 332 -38.82 3.53 -6.37
N THR B 333 -39.91 3.30 -5.64
CA THR B 333 -40.32 4.19 -4.56
C THR B 333 -40.60 3.37 -3.31
N LYS B 334 -40.82 4.07 -2.20
CA LYS B 334 -41.10 3.40 -0.94
C LYS B 334 -42.42 2.64 -1.01
N ALA B 335 -42.46 1.52 -0.30
CA ALA B 335 -43.66 0.71 -0.22
C ALA B 335 -44.52 1.16 0.96
N ARG B 336 -45.64 0.49 1.13
CA ARG B 336 -46.57 0.79 2.21
C ARG B 336 -46.96 -0.48 2.97
N ILE B 360 -51.04 5.13 -11.99
CA ILE B 360 -50.77 3.71 -12.14
C ILE B 360 -49.59 3.47 -13.08
N ALA B 361 -49.65 4.11 -14.26
CA ALA B 361 -48.60 3.93 -15.26
C ALA B 361 -47.24 4.38 -14.73
N GLY B 362 -47.21 5.51 -14.04
CA GLY B 362 -46.01 5.94 -13.35
C GLY B 362 -46.23 5.95 -11.86
N TRP B 363 -45.40 6.68 -11.11
CA TRP B 363 -45.57 6.80 -9.67
C TRP B 363 -46.06 8.17 -9.26
N HIS B 364 -45.38 9.23 -9.67
CA HIS B 364 -45.86 10.57 -9.38
C HIS B 364 -47.13 10.84 -10.17
N GLY B 365 -48.18 11.24 -9.46
CA GLY B 365 -49.46 11.44 -10.13
C GLY B 365 -50.42 12.19 -9.24
N TYR B 366 -51.47 12.70 -9.87
CA TYR B 366 -52.51 13.48 -9.22
C TYR B 366 -53.69 12.59 -8.87
N SER B 367 -54.59 13.14 -8.05
CA SER B 367 -55.79 12.42 -7.63
C SER B 367 -56.84 13.43 -7.21
N SER B 368 -58.08 13.15 -7.61
CA SER B 368 -59.24 14.00 -7.35
C SER B 368 -60.34 13.17 -6.71
N THR B 369 -60.83 13.61 -5.55
CA THR B 369 -61.86 12.92 -4.81
C THR B 369 -63.03 13.84 -4.53
N GLY B 370 -64.23 13.30 -4.59
CA GLY B 370 -65.42 14.07 -4.37
C GLY B 370 -66.66 13.21 -4.55
N ASP B 371 -67.79 13.86 -4.79
CA ASP B 371 -69.01 13.11 -5.06
C ASP B 371 -68.97 12.36 -6.39
N HIS B 372 -68.00 12.67 -7.25
CA HIS B 372 -67.81 11.95 -8.50
C HIS B 372 -66.84 10.79 -8.33
N GLY B 373 -67.08 9.95 -7.32
CA GLY B 373 -66.17 8.86 -7.04
C GLY B 373 -64.77 9.38 -6.72
N THR B 374 -63.77 8.72 -7.30
CA THR B 374 -62.38 9.14 -7.15
C THR B 374 -61.64 8.80 -8.45
N LYS B 375 -60.83 9.75 -8.93
CA LYS B 375 -60.19 9.63 -10.22
C LYS B 375 -58.70 9.95 -10.09
N VAL B 376 -57.88 9.28 -10.89
CA VAL B 376 -56.43 9.41 -10.80
C VAL B 376 -55.86 9.75 -12.17
N ALA B 377 -54.61 10.22 -12.16
CA ALA B 377 -53.86 10.50 -13.37
C ALA B 377 -52.39 10.19 -13.11
N ALA B 378 -51.58 10.26 -14.15
CA ALA B 378 -50.16 9.97 -14.05
C ALA B 378 -49.36 11.04 -14.79
N ASP B 379 -48.21 11.39 -14.22
CA ASP B 379 -47.28 12.35 -14.81
C ASP B 379 -46.05 11.59 -15.30
N LEU B 380 -45.68 11.81 -16.55
CA LEU B 380 -44.54 11.12 -17.17
C LEU B 380 -43.26 11.94 -17.13
N VAL B 381 -43.35 13.26 -17.35
CA VAL B 381 -42.14 14.08 -17.39
C VAL B 381 -41.44 14.06 -16.03
N SER B 382 -42.21 14.16 -14.95
CA SER B 382 -41.61 14.12 -13.62
C SER B 382 -41.06 12.74 -13.30
N THR B 383 -41.79 11.68 -13.65
CA THR B 383 -41.36 10.33 -13.30
C THR B 383 -40.18 9.86 -14.14
N GLN B 384 -39.92 10.49 -15.28
CA GLN B 384 -38.73 10.14 -16.06
C GLN B 384 -37.45 10.67 -15.41
N LYS B 385 -37.55 11.81 -14.73
CA LYS B 385 -36.37 12.44 -14.14
C LYS B 385 -35.77 11.56 -13.05
N ALA B 386 -36.61 10.94 -12.22
CA ALA B 386 -36.10 10.07 -11.17
C ALA B 386 -35.37 8.86 -11.74
N MET B 387 -35.92 8.27 -12.80
CA MET B 387 -35.22 7.17 -13.46
C MET B 387 -33.87 7.64 -14.02
N ASP B 388 -33.85 8.82 -14.65
CA ASP B 388 -32.59 9.35 -15.17
C ASP B 388 -31.57 9.55 -14.06
N ALA B 389 -32.00 10.11 -12.94
CA ALA B 389 -31.08 10.33 -11.81
C ALA B 389 -30.56 9.01 -11.26
N ILE B 390 -31.44 8.02 -11.12
CA ILE B 390 -31.03 6.72 -10.60
C ILE B 390 -30.00 6.07 -11.52
N THR B 391 -30.24 6.12 -12.83
CA THR B 391 -29.30 5.54 -13.77
C THR B 391 -27.98 6.28 -13.78
N ALA B 392 -28.02 7.61 -13.64
CA ALA B 392 -26.78 8.39 -13.57
C ALA B 392 -25.96 8.02 -12.35
N ARG B 393 -26.61 7.87 -11.20
CA ARG B 393 -25.90 7.45 -9.99
C ARG B 393 -25.34 6.04 -10.16
N ILE B 394 -26.09 5.15 -10.82
CA ILE B 394 -25.60 3.79 -11.04
C ILE B 394 -24.36 3.81 -11.93
N ASN B 395 -24.37 4.65 -12.98
CA ASN B 395 -23.20 4.76 -13.85
C ASN B 395 -22.00 5.30 -13.08
N ASN B 396 -22.22 6.30 -12.21
CA ASN B 396 -21.14 6.84 -11.40
C ASN B 396 -20.56 5.76 -10.49
N MET B 397 -21.42 4.95 -9.89
CA MET B 397 -20.94 3.85 -9.04
C MET B 397 -20.17 2.82 -9.85
N ASN B 398 -20.65 2.52 -11.06
CA ASN B 398 -19.98 1.55 -11.92
C ASN B 398 -18.57 2.02 -12.26
N LYS B 399 -18.41 3.32 -12.53
CA LYS B 399 -17.10 3.85 -12.92
C LYS B 399 -16.01 3.60 -11.87
N MET B 400 -16.37 3.11 -10.68
CA MET B 400 -15.40 2.85 -9.63
C MET B 400 -14.41 1.73 -9.99
N THR B 401 -14.77 0.83 -10.90
CA THR B 401 -13.99 -0.37 -11.18
C THR B 401 -13.10 -0.21 -12.39
N GLU B 402 -12.55 0.99 -12.62
CA GLU B 402 -11.67 1.23 -13.75
C GLU B 402 -10.50 2.11 -13.33
N ARG B 403 -9.92 1.80 -12.18
CA ARG B 403 -8.71 2.47 -11.71
C ARG B 403 -7.51 1.76 -12.29
N ALA B 404 -6.86 2.40 -13.26
CA ALA B 404 -5.84 1.76 -14.08
C ALA B 404 -4.84 2.84 -14.50
N PHE B 405 -4.11 2.57 -15.59
CA PHE B 405 -3.20 3.53 -16.22
C PHE B 405 -1.92 3.69 -15.41
N SER B 406 -1.51 2.62 -14.72
CA SER B 406 -0.21 2.58 -14.07
C SER B 406 0.14 1.10 -13.90
N VAL B 407 1.10 0.62 -14.71
CA VAL B 407 1.52 -0.78 -14.68
C VAL B 407 2.99 -0.81 -14.30
N THR B 408 3.30 -1.45 -13.19
CA THR B 408 4.65 -1.59 -12.68
C THR B 408 5.24 -2.93 -13.12
N ASP B 409 6.57 -3.01 -13.06
CA ASP B 409 7.29 -4.12 -13.68
C ASP B 409 6.93 -5.48 -13.10
N SER B 410 6.41 -5.54 -11.87
CA SER B 410 6.01 -6.77 -11.19
C SER B 410 7.17 -7.75 -11.01
N THR B 411 6.93 -8.83 -10.28
CA THR B 411 7.96 -9.82 -9.97
C THR B 411 7.46 -11.22 -10.32
N MET B 412 8.36 -12.19 -10.18
CA MET B 412 8.05 -13.59 -10.47
C MET B 412 7.30 -14.19 -9.29
N GLN B 413 7.11 -15.51 -9.32
CA GLN B 413 6.34 -16.20 -8.29
C GLN B 413 7.11 -17.27 -7.54
N GLU B 414 8.39 -17.49 -7.84
CA GLU B 414 9.17 -18.54 -7.21
C GLU B 414 10.57 -18.03 -6.85
N ILE B 415 10.63 -16.86 -6.20
CA ILE B 415 11.91 -16.24 -5.89
C ILE B 415 12.31 -16.49 -4.43
N GLN B 416 11.51 -15.98 -3.49
CA GLN B 416 11.83 -16.01 -2.08
C GLN B 416 10.55 -15.73 -1.31
N LYS B 417 10.46 -16.31 -0.11
CA LYS B 417 9.21 -16.23 0.65
C LYS B 417 8.87 -14.79 1.02
N GLU B 418 9.85 -14.00 1.44
CA GLU B 418 9.57 -12.66 1.94
C GLU B 418 9.00 -11.76 0.86
N ILE B 419 9.58 -11.80 -0.35
CA ILE B 419 9.10 -10.94 -1.44
C ILE B 419 7.68 -11.31 -1.85
N LYS B 420 7.41 -12.61 -1.97
CA LYS B 420 6.08 -13.08 -2.31
C LYS B 420 5.06 -12.66 -1.25
N ASP B 421 5.44 -12.78 0.02
CA ASP B 421 4.54 -12.40 1.11
C ASP B 421 4.27 -10.90 1.10
N LEU B 422 5.29 -10.10 0.78
CA LEU B 422 5.07 -8.65 0.68
C LEU B 422 4.10 -8.32 -0.44
N ASP B 423 4.26 -8.98 -1.60
CA ASP B 423 3.32 -8.76 -2.69
C ASP B 423 1.89 -9.10 -2.26
N LYS B 424 1.72 -10.25 -1.61
CA LYS B 424 0.39 -10.65 -1.17
C LYS B 424 -0.20 -9.66 -0.17
N LYS B 425 0.65 -9.14 0.73
CA LYS B 425 0.18 -8.16 1.71
C LYS B 425 -0.33 -6.90 1.01
N ILE B 426 0.43 -6.41 0.01
CA ILE B 426 0.00 -5.22 -0.71
C ILE B 426 -1.35 -5.47 -1.38
N ASP B 427 -1.47 -6.60 -2.08
CA ASP B 427 -2.70 -6.89 -2.79
C ASP B 427 -3.89 -6.99 -1.84
N ASP B 428 -3.71 -7.65 -0.69
CA ASP B 428 -4.80 -7.82 0.25
C ASP B 428 -5.24 -6.50 0.87
N VAL B 429 -4.27 -5.64 1.23
CA VAL B 429 -4.62 -4.33 1.76
C VAL B 429 -5.46 -3.57 0.75
N ARG B 430 -5.03 -3.56 -0.51
CA ARG B 430 -5.78 -2.88 -1.56
C ARG B 430 -7.20 -3.41 -1.66
N ALA B 431 -7.35 -4.74 -1.71
CA ALA B 431 -8.67 -5.34 -1.89
C ALA B 431 -9.61 -4.99 -0.76
N ASP B 432 -9.12 -5.09 0.49
CA ASP B 432 -9.98 -4.79 1.64
C ASP B 432 -10.44 -3.34 1.62
N GLU B 433 -9.52 -2.41 1.35
CA GLU B 433 -9.94 -1.01 1.33
C GLU B 433 -10.97 -0.75 0.24
N THR B 434 -10.79 -1.34 -0.94
CA THR B 434 -11.76 -1.15 -2.02
C THR B 434 -13.14 -1.68 -1.63
N ALA B 435 -13.18 -2.86 -1.00
CA ALA B 435 -14.47 -3.43 -0.60
C ALA B 435 -15.19 -2.53 0.41
N ALA B 436 -14.46 -2.05 1.41
CA ALA B 436 -15.08 -1.17 2.40
C ALA B 436 -15.62 0.10 1.76
N GLN B 437 -14.86 0.70 0.85
CA GLN B 437 -15.31 1.91 0.17
C GLN B 437 -16.58 1.65 -0.62
N ILE B 438 -16.64 0.52 -1.34
CA ILE B 438 -17.82 0.22 -2.15
C ILE B 438 -19.05 0.10 -1.26
N GLU B 439 -18.91 -0.58 -0.12
CA GLU B 439 -20.05 -0.71 0.79
C GLU B 439 -20.55 0.65 1.25
N MET B 440 -19.62 1.53 1.66
CA MET B 440 -20.03 2.84 2.14
C MET B 440 -20.76 3.62 1.06
N ILE B 441 -20.25 3.59 -0.17
CA ILE B 441 -20.87 4.35 -1.26
C ILE B 441 -22.26 3.82 -1.56
N VAL B 442 -22.45 2.49 -1.50
CA VAL B 442 -23.77 1.93 -1.76
C VAL B 442 -24.77 2.46 -0.72
N LEU B 443 -24.37 2.46 0.55
CA LEU B 443 -25.27 2.96 1.59
C LEU B 443 -25.64 4.42 1.35
N LEU B 444 -24.64 5.24 1.03
CA LEU B 444 -24.88 6.67 0.81
C LEU B 444 -25.85 6.90 -0.36
N GLU B 445 -25.66 6.16 -1.45
CA GLU B 445 -26.53 6.36 -2.61
C GLU B 445 -27.96 5.93 -2.32
N ASN B 446 -28.13 4.84 -1.55
CA ASN B 446 -29.46 4.45 -1.12
C ASN B 446 -30.16 5.58 -0.39
N GLU B 447 -29.47 6.17 0.60
CA GLU B 447 -30.07 7.26 1.37
C GLU B 447 -30.41 8.44 0.47
N ASN B 448 -29.50 8.79 -0.44
CA ASN B 448 -29.73 9.95 -1.31
C ASN B 448 -30.96 9.76 -2.18
N ILE B 449 -31.12 8.56 -2.75
CA ILE B 449 -32.28 8.30 -3.60
C ILE B 449 -33.57 8.40 -2.78
N ILE B 450 -33.57 7.79 -1.59
CA ILE B 450 -34.77 7.80 -0.76
C ILE B 450 -35.17 9.24 -0.43
N ASN B 451 -34.19 10.10 -0.16
CA ASN B 451 -34.53 11.49 0.16
C ASN B 451 -34.97 12.27 -1.08
N ALA B 452 -34.34 12.00 -2.23
CA ALA B 452 -34.69 12.72 -3.45
C ALA B 452 -36.12 12.44 -3.89
N GLU B 453 -36.63 11.24 -3.59
CA GLU B 453 -38.05 10.99 -3.85
C GLU B 453 -38.94 12.01 -3.14
N ASP B 454 -38.70 12.21 -1.85
CA ASP B 454 -39.49 13.16 -1.06
C ASP B 454 -39.31 14.57 -1.60
N GLU B 455 -38.07 14.90 -1.99
CA GLU B 455 -37.84 16.18 -2.65
C GLU B 455 -38.79 16.35 -3.83
N HIS B 456 -38.87 15.34 -4.69
CA HIS B 456 -39.71 15.44 -5.89
C HIS B 456 -41.18 15.62 -5.52
N VAL B 457 -41.67 14.84 -4.56
CA VAL B 457 -43.08 14.90 -4.23
C VAL B 457 -43.43 16.26 -3.64
N HIS B 458 -42.50 16.86 -2.88
CA HIS B 458 -42.74 18.24 -2.42
C HIS B 458 -42.70 19.22 -3.58
N ALA B 459 -41.75 19.06 -4.50
CA ALA B 459 -41.60 20.03 -5.59
C ALA B 459 -42.83 20.07 -6.47
N LEU B 460 -43.52 18.93 -6.61
CA LEU B 460 -44.72 18.92 -7.43
C LEU B 460 -45.79 19.88 -6.91
N LYS B 461 -45.84 20.10 -5.60
CA LYS B 461 -46.93 20.85 -5.00
C LYS B 461 -46.91 22.33 -5.38
N GLN B 462 -45.72 22.93 -5.48
CA GLN B 462 -45.63 24.33 -5.87
C GLN B 462 -46.14 24.55 -7.29
N LYS B 463 -45.75 23.66 -8.21
CA LYS B 463 -46.36 23.68 -9.52
C LYS B 463 -47.87 23.56 -9.41
N LEU B 464 -48.34 22.62 -8.60
CA LEU B 464 -49.79 22.43 -8.48
C LEU B 464 -50.49 23.71 -8.06
N THR B 465 -49.93 24.43 -7.08
CA THR B 465 -50.60 25.63 -6.58
C THR B 465 -50.40 26.85 -7.47
N LYS B 466 -49.46 26.81 -8.41
CA LYS B 466 -49.26 27.98 -9.27
C LYS B 466 -50.51 28.31 -10.09
N MET B 467 -51.15 27.31 -10.69
CA MET B 467 -52.27 27.51 -11.60
C MET B 467 -53.64 27.25 -10.98
N LEU B 468 -53.79 27.42 -9.67
CA LEU B 468 -55.10 27.23 -9.06
C LEU B 468 -55.81 28.53 -8.72
N GLY B 469 -55.10 29.65 -8.67
CA GLY B 469 -55.71 30.92 -8.37
C GLY B 469 -55.67 31.26 -6.90
N PRO B 470 -56.18 32.44 -6.55
CA PRO B 470 -56.14 32.91 -5.16
C PRO B 470 -57.29 32.42 -4.30
N SER B 471 -58.25 31.70 -4.87
CA SER B 471 -59.35 31.14 -4.10
C SER B 471 -59.06 29.73 -3.61
N ALA B 472 -57.79 29.33 -3.55
CA ALA B 472 -57.43 27.97 -3.15
C ALA B 472 -57.45 27.83 -1.63
N GLN B 473 -57.81 26.62 -1.17
CA GLN B 473 -57.95 26.32 0.25
C GLN B 473 -57.11 25.10 0.61
N ASP B 474 -55.82 25.16 0.28
CA ASP B 474 -54.86 24.08 0.54
C ASP B 474 -55.06 23.42 1.89
N MET B 475 -55.03 22.09 1.90
CA MET B 475 -55.12 21.33 3.14
C MET B 475 -53.84 21.44 3.97
N GLY B 476 -52.77 21.97 3.39
CA GLY B 476 -51.46 22.01 4.03
C GLY B 476 -50.56 20.85 3.67
N ASP B 477 -51.07 19.63 3.74
CA ASP B 477 -50.30 18.44 3.40
C ASP B 477 -50.47 18.04 1.95
N GLY B 478 -50.30 19.01 1.05
CA GLY B 478 -50.32 18.77 -0.37
C GLY B 478 -51.68 18.79 -1.04
N CYS B 479 -52.77 18.75 -0.27
CA CYS B 479 -54.10 18.71 -0.84
C CYS B 479 -54.75 20.10 -0.82
N PHE B 480 -55.62 20.33 -1.80
CA PHE B 480 -56.27 21.62 -1.99
C PHE B 480 -57.77 21.41 -2.16
N ILE B 481 -58.53 22.44 -1.80
CA ILE B 481 -59.99 22.41 -1.88
C ILE B 481 -60.43 23.45 -2.88
N VAL B 482 -61.29 23.05 -3.83
CA VAL B 482 -61.82 23.96 -4.83
C VAL B 482 -63.34 23.79 -4.89
N ASP B 483 -64.03 24.87 -5.26
CA ASP B 483 -65.49 24.89 -5.26
C ASP B 483 -66.04 24.60 -6.65
N HIS B 484 -65.80 23.37 -7.10
CA HIS B 484 -66.35 22.86 -8.35
C HIS B 484 -65.99 21.39 -8.48
N GLN B 485 -66.63 20.72 -9.42
CA GLN B 485 -66.37 19.32 -9.70
C GLN B 485 -65.34 19.19 -10.82
N CYS B 486 -64.49 18.17 -10.70
CA CYS B 486 -63.44 17.91 -11.68
C CYS B 486 -63.68 16.56 -12.35
N LYS B 487 -63.51 16.53 -13.67
CA LYS B 487 -63.65 15.30 -14.44
C LYS B 487 -62.31 14.96 -15.10
N GLU B 488 -62.34 13.91 -15.93
CA GLU B 488 -61.15 13.52 -16.66
C GLU B 488 -60.57 14.71 -17.41
N ASP B 489 -61.43 15.59 -17.92
CA ASP B 489 -60.95 16.78 -18.57
C ASP B 489 -60.16 17.67 -17.62
N CYS B 490 -60.62 17.83 -16.39
CA CYS B 490 -59.87 18.59 -15.40
C CYS B 490 -58.49 17.99 -15.17
N LEU B 491 -58.42 16.66 -15.05
CA LEU B 491 -57.15 16.01 -14.80
C LEU B 491 -56.18 16.21 -15.95
N ARG B 492 -56.65 16.05 -17.20
CA ARG B 492 -55.71 16.22 -18.31
C ARG B 492 -55.32 17.68 -18.46
N GLU B 493 -56.21 18.59 -18.06
CA GLU B 493 -55.86 20.01 -18.09
C GLU B 493 -54.75 20.32 -17.09
N ILE B 494 -54.84 19.81 -15.87
CA ILE B 494 -53.80 20.12 -14.89
C ILE B 494 -52.50 19.38 -15.22
N VAL B 495 -52.57 18.17 -15.77
CA VAL B 495 -51.31 17.50 -16.10
C VAL B 495 -50.65 18.18 -17.29
N SER B 496 -51.44 18.55 -18.32
CA SER B 496 -50.86 19.23 -19.46
C SER B 496 -50.31 20.60 -19.09
N GLY B 497 -51.03 21.34 -18.25
CA GLY B 497 -50.60 22.64 -17.75
C GLY B 497 -51.56 23.77 -18.06
N ASN B 498 -52.33 23.64 -19.14
CA ASN B 498 -53.28 24.69 -19.54
C ASN B 498 -54.56 24.50 -18.73
N TYR B 499 -54.73 25.31 -17.70
CA TYR B 499 -55.91 25.25 -16.83
C TYR B 499 -56.14 26.63 -16.24
N THR B 500 -57.31 27.19 -16.50
CA THR B 500 -57.67 28.52 -16.02
C THR B 500 -58.87 28.43 -15.11
N PRO B 501 -58.79 28.99 -13.89
CA PRO B 501 -59.97 29.00 -13.01
C PRO B 501 -61.18 29.74 -13.58
N SER B 502 -60.96 30.75 -14.44
CA SER B 502 -62.10 31.54 -14.93
C SER B 502 -63.05 30.68 -15.74
N LYS B 503 -62.52 29.82 -16.60
CA LYS B 503 -63.38 28.92 -17.38
C LYS B 503 -64.10 27.92 -16.49
N TYR B 504 -63.68 27.77 -15.23
CA TYR B 504 -64.43 27.01 -14.25
C TYR B 504 -65.25 27.90 -13.32
N GLY B 505 -65.11 29.22 -13.43
CA GLY B 505 -65.96 30.13 -12.69
C GLY B 505 -65.36 30.69 -11.41
N MET B 506 -64.04 30.84 -11.35
CA MET B 506 -63.37 31.46 -10.21
C MET B 506 -62.52 32.62 -10.68
N ASP B 507 -62.22 33.52 -9.74
CA ASP B 507 -61.37 34.67 -10.04
C ASP B 507 -60.00 34.21 -10.51
N GLU B 508 -59.48 34.87 -11.54
CA GLU B 508 -58.18 34.47 -12.10
C GLU B 508 -57.05 34.88 -11.17
N PHE B 509 -56.80 36.18 -11.07
CA PHE B 509 -55.82 36.80 -10.17
C PHE B 509 -55.97 38.31 -10.34
N LYS B 510 -55.28 39.04 -9.47
CA LYS B 510 -55.27 40.51 -9.55
C LYS B 510 -54.15 40.97 -10.49
N SER B 511 -54.51 41.80 -11.46
CA SER B 511 -53.56 42.21 -12.49
C SER B 511 -52.47 43.11 -11.89
N PRO B 512 -51.22 42.93 -12.31
CA PRO B 512 -50.12 43.75 -11.77
C PRO B 512 -50.17 45.20 -12.21
N ILE B 513 -51.00 45.55 -13.19
CA ILE B 513 -51.07 46.91 -13.70
C ILE B 513 -52.37 47.52 -13.18
N ILE B 514 -52.25 48.52 -12.31
CA ILE B 514 -53.41 49.17 -11.71
C ILE B 514 -54.20 49.92 -12.76
N ASP C 1 -53.82 35.54 19.96
CA ASP C 1 -52.46 35.28 20.44
C ASP C 1 -51.61 34.65 19.36
N LYS C 2 -50.31 34.53 19.62
CA LYS C 2 -49.37 33.97 18.65
C LYS C 2 -48.86 32.63 19.13
N ILE C 3 -49.04 31.60 18.30
CA ILE C 3 -48.61 30.24 18.60
C ILE C 3 -47.63 29.81 17.53
N CYS C 4 -46.49 29.27 17.96
CA CYS C 4 -45.53 28.72 17.00
C CYS C 4 -44.71 27.63 17.67
N ALA C 5 -43.71 27.14 16.95
CA ALA C 5 -42.90 26.01 17.40
C ALA C 5 -41.45 26.26 17.02
N GLY C 6 -40.56 25.52 17.68
CA GLY C 6 -39.15 25.66 17.41
C GLY C 6 -38.32 24.85 18.37
N VAL C 7 -37.09 25.28 18.57
CA VAL C 7 -36.17 24.63 19.48
C VAL C 7 -35.99 25.51 20.71
N ALA C 8 -35.35 24.97 21.74
CA ALA C 8 -35.09 25.67 22.98
C ALA C 8 -33.62 26.04 23.07
N SER C 9 -33.36 27.31 23.39
CA SER C 9 -31.98 27.77 23.53
C SER C 9 -31.37 27.25 24.82
N GLY C 10 -30.04 27.28 24.87
CA GLY C 10 -29.33 26.82 26.05
C GLY C 10 -27.92 27.36 26.07
N LYS C 11 -27.27 27.19 27.21
CA LYS C 11 -25.90 27.66 27.37
C LYS C 11 -24.95 26.73 26.64
N GLY C 12 -24.12 27.29 25.77
CA GLY C 12 -23.17 26.49 25.02
C GLY C 12 -21.95 26.13 25.85
N THR C 13 -21.51 24.88 25.71
CA THR C 13 -20.35 24.38 26.43
C THR C 13 -19.24 23.84 25.54
N HIS C 14 -19.53 23.47 24.30
CA HIS C 14 -18.52 22.89 23.42
C HIS C 14 -18.52 23.59 22.07
N ARG C 15 -17.41 23.47 21.36
CA ARG C 15 -17.25 24.07 20.04
C ARG C 15 -16.88 22.99 19.04
N VAL C 16 -17.56 22.99 17.89
CA VAL C 16 -17.33 21.99 16.86
C VAL C 16 -17.04 22.70 15.54
N GLU C 17 -16.41 21.96 14.62
CA GLU C 17 -15.99 22.50 13.34
C GLU C 17 -16.68 21.79 12.20
N THR C 18 -17.17 22.55 11.23
CA THR C 18 -17.80 22.05 10.02
C THR C 18 -16.98 22.50 8.81
N ILE C 19 -17.51 22.28 7.62
CA ILE C 19 -16.78 22.60 6.40
C ILE C 19 -17.19 23.96 5.86
N THR C 20 -18.41 24.40 6.17
CA THR C 20 -18.91 25.69 5.68
C THR C 20 -19.18 26.69 6.78
N LYS C 21 -19.67 26.27 7.93
CA LYS C 21 -20.04 27.18 9.00
C LYS C 21 -18.90 27.51 9.95
N GLY C 22 -17.72 26.95 9.72
CA GLY C 22 -16.60 27.18 10.62
C GLY C 22 -16.81 26.57 11.99
N GLU C 23 -16.75 27.39 13.03
CA GLU C 23 -16.87 26.92 14.40
C GLU C 23 -18.24 27.28 14.95
N VAL C 24 -18.93 26.28 15.51
CA VAL C 24 -20.28 26.43 16.02
C VAL C 24 -20.30 26.00 17.49
N LEU C 25 -20.91 26.83 18.33
CA LEU C 25 -21.06 26.52 19.74
C LEU C 25 -22.31 25.68 19.95
N VAL C 26 -22.15 24.57 20.68
CA VAL C 26 -23.24 23.64 20.94
C VAL C 26 -23.28 23.31 22.42
N THR C 27 -24.47 22.92 22.89
CA THR C 27 -24.69 22.67 24.30
C THR C 27 -23.94 21.43 24.78
N ASN C 28 -24.06 20.33 24.05
CA ASN C 28 -23.46 19.06 24.46
C ASN C 28 -22.72 18.43 23.29
N ALA C 29 -21.76 17.58 23.62
CA ALA C 29 -20.97 16.90 22.60
C ALA C 29 -20.47 15.57 23.17
N ILE C 30 -20.06 14.69 22.25
CA ILE C 30 -19.50 13.39 22.59
C ILE C 30 -18.05 13.37 22.14
N ASN C 31 -17.17 12.92 23.04
CA ASN C 31 -15.75 12.77 22.74
C ASN C 31 -15.51 11.42 22.10
N MET C 32 -14.73 11.41 21.01
CA MET C 32 -14.42 10.18 20.29
C MET C 32 -12.92 9.91 20.28
N THR C 33 -12.21 10.39 21.29
CA THR C 33 -10.78 10.12 21.44
C THR C 33 -10.44 10.00 22.91
N HIS C 34 -9.39 9.24 23.20
CA HIS C 34 -8.96 9.04 24.58
C HIS C 34 -7.48 8.69 24.59
N THR C 35 -6.88 8.81 25.78
CA THR C 35 -5.47 8.47 25.98
C THR C 35 -5.38 7.17 26.75
N PRO C 36 -4.85 6.10 26.15
CA PRO C 36 -4.77 4.83 26.88
C PRO C 36 -3.76 4.89 28.01
N THR C 37 -3.95 4.00 28.98
CA THR C 37 -3.04 3.85 30.10
C THR C 37 -2.38 2.48 30.04
N SER C 38 -1.10 2.44 30.39
CA SER C 38 -0.30 1.22 30.24
C SER C 38 -0.80 0.12 31.17
N GLY C 39 -0.56 -1.12 30.76
CA GLY C 39 -0.96 -2.27 31.52
C GLY C 39 -0.13 -3.50 31.21
N PRO C 40 -0.22 -4.52 32.06
CA PRO C 40 0.56 -5.74 31.84
C PRO C 40 0.01 -6.57 30.69
N PHE C 41 0.88 -7.42 30.16
CA PHE C 41 0.47 -8.34 29.11
C PHE C 41 -0.38 -9.46 29.69
N GLY C 42 -1.25 -10.02 28.86
CA GLY C 42 -2.12 -11.09 29.30
C GLY C 42 -2.81 -11.73 28.11
N ASP C 43 -3.79 -12.58 28.42
CA ASP C 43 -4.52 -13.27 27.38
C ASP C 43 -5.57 -12.35 26.76
N LEU C 44 -5.82 -12.56 25.47
CA LEU C 44 -6.90 -11.85 24.80
C LEU C 44 -8.25 -12.34 25.30
N LYS C 45 -9.24 -11.44 25.29
CA LYS C 45 -10.58 -11.84 25.66
C LYS C 45 -11.23 -12.77 24.65
N THR C 46 -10.66 -12.88 23.45
CA THR C 46 -11.16 -13.76 22.41
C THR C 46 -10.60 -15.18 22.50
N GLY C 47 -9.32 -15.33 22.79
CA GLY C 47 -8.73 -16.65 22.86
C GLY C 47 -7.40 -16.62 23.57
N ASN C 48 -6.61 -17.67 23.31
CA ASN C 48 -5.32 -17.86 23.95
C ASN C 48 -4.22 -17.18 23.14
N VAL C 49 -3.23 -16.64 23.85
CA VAL C 49 -2.06 -16.02 23.24
C VAL C 49 -0.82 -16.79 23.67
N ARG C 50 0.08 -17.03 22.72
CA ARG C 50 1.24 -17.89 22.93
C ARG C 50 2.46 -17.04 23.26
N ASP C 51 3.14 -17.38 24.35
CA ASP C 51 4.43 -16.80 24.67
C ASP C 51 5.55 -17.83 24.70
N LYS C 52 5.27 -19.04 25.16
CA LYS C 52 6.24 -20.12 25.24
C LYS C 52 5.73 -21.31 24.46
N LEU C 53 6.61 -21.96 23.72
CA LEU C 53 6.19 -23.05 22.84
C LEU C 53 5.65 -24.23 23.64
N CYS C 54 6.30 -24.57 24.75
CA CYS C 54 5.88 -25.68 25.61
C CYS C 54 5.73 -25.17 27.03
N PRO C 55 4.56 -24.63 27.39
CA PRO C 55 4.34 -24.24 28.78
C PRO C 55 4.45 -25.41 29.76
N THR C 56 4.08 -26.61 29.33
CA THR C 56 4.18 -27.78 30.20
C THR C 56 5.63 -28.20 30.42
N CYS C 57 6.47 -28.07 29.40
CA CYS C 57 7.86 -28.49 29.51
C CYS C 57 8.58 -27.65 30.57
N THR C 58 9.40 -28.32 31.37
CA THR C 58 10.21 -27.66 32.39
C THR C 58 11.68 -27.97 32.15
N GLY C 59 12.53 -26.96 32.33
CA GLY C 59 13.94 -27.10 32.04
C GLY C 59 14.30 -26.98 30.57
N CYS C 60 13.34 -26.67 29.71
CA CYS C 60 13.57 -26.54 28.28
C CYS C 60 13.32 -25.10 27.84
N THR C 61 14.25 -24.56 27.06
CA THR C 61 14.05 -23.26 26.43
C THR C 61 13.37 -23.45 25.08
N ASP C 62 13.15 -22.34 24.37
CA ASP C 62 12.51 -22.42 23.06
C ASP C 62 13.41 -23.12 22.06
N MET C 63 14.73 -22.90 22.15
CA MET C 63 15.66 -23.54 21.22
C MET C 63 15.66 -25.06 21.38
N ASP C 64 15.60 -25.54 22.63
CA ASP C 64 15.57 -26.99 22.85
C ASP C 64 14.29 -27.60 22.29
N VAL C 65 13.15 -26.94 22.51
CA VAL C 65 11.89 -27.44 21.99
C VAL C 65 11.91 -27.44 20.46
N ALA C 66 12.46 -26.39 19.85
CA ALA C 66 12.53 -26.32 18.40
C ALA C 66 13.43 -27.40 17.82
N LEU C 67 14.52 -27.74 18.51
CA LEU C 67 15.49 -28.71 18.02
C LEU C 67 15.11 -30.15 18.31
N MET C 68 13.95 -30.38 18.92
CA MET C 68 13.51 -31.74 19.26
C MET C 68 14.53 -32.47 20.14
N THR C 69 15.04 -31.75 21.13
CA THR C 69 15.95 -32.34 22.10
C THR C 69 15.24 -33.40 22.91
N PRO C 70 15.94 -34.46 23.32
CA PRO C 70 15.36 -35.39 24.29
C PRO C 70 15.02 -34.67 25.59
N THR C 71 13.99 -35.16 26.26
CA THR C 71 13.43 -34.56 27.48
C THR C 71 12.81 -33.20 27.24
N CYS C 72 12.55 -32.86 25.97
CA CYS C 72 11.84 -31.64 25.61
C CYS C 72 10.81 -31.96 24.52
N ASN C 73 10.02 -33.00 24.75
CA ASN C 73 9.07 -33.49 23.75
C ASN C 73 7.62 -33.29 24.19
N GLY C 74 7.30 -32.13 24.74
CA GLY C 74 5.96 -31.82 25.15
C GLY C 74 5.04 -31.53 23.98
N VAL C 75 3.79 -31.22 24.31
CA VAL C 75 2.75 -30.98 23.32
C VAL C 75 2.54 -29.48 23.18
N ILE C 76 2.54 -29.00 21.94
CA ILE C 76 2.43 -27.57 21.65
C ILE C 76 0.94 -27.23 21.48
N PRO C 77 0.41 -26.30 22.25
CA PRO C 77 -1.00 -25.93 22.12
C PRO C 77 -1.20 -24.93 20.99
N GLU C 78 -2.46 -24.52 20.83
CA GLU C 78 -2.85 -23.58 19.78
C GLU C 78 -3.12 -22.21 20.38
N ALA C 79 -3.03 -21.18 19.54
CA ALA C 79 -3.24 -19.81 19.99
C ALA C 79 -3.65 -18.95 18.80
N ILE C 80 -4.15 -17.75 19.12
CA ILE C 80 -4.59 -16.79 18.12
C ILE C 80 -3.71 -15.56 18.08
N ALA C 81 -2.72 -15.46 18.96
CA ALA C 81 -1.77 -14.35 18.96
C ALA C 81 -0.49 -14.83 19.61
N ALA C 82 0.61 -14.10 19.35
CA ALA C 82 1.91 -14.51 19.87
C ALA C 82 2.70 -13.29 20.30
N ILE C 83 3.57 -13.50 21.30
CA ILE C 83 4.45 -12.47 21.82
C ILE C 83 5.89 -12.91 21.59
N GLN C 84 6.68 -12.03 20.97
CA GLN C 84 8.09 -12.28 20.69
C GLN C 84 8.91 -11.62 21.80
N HIS C 85 9.13 -12.36 22.88
CA HIS C 85 9.76 -11.84 24.08
C HIS C 85 11.27 -12.07 24.12
N GLU C 86 11.86 -12.67 23.09
CA GLU C 86 13.29 -12.93 23.07
C GLU C 86 13.81 -12.68 21.66
N ASN C 87 14.70 -11.70 21.51
CA ASN C 87 15.36 -11.45 20.24
C ASN C 87 16.62 -12.27 20.06
N ARG C 88 17.06 -13.00 21.09
CA ARG C 88 18.21 -13.90 20.99
C ARG C 88 17.98 -15.09 21.90
N PRO C 89 17.16 -16.06 21.46
CA PRO C 89 16.89 -17.23 22.30
C PRO C 89 18.12 -18.09 22.47
N LEU C 90 18.16 -18.81 23.59
CA LEU C 90 19.30 -19.62 23.98
C LEU C 90 18.90 -21.09 24.09
N GLN C 91 19.92 -21.95 24.11
CA GLN C 91 19.74 -23.39 24.29
C GLN C 91 20.69 -23.87 25.38
N SER C 92 20.29 -24.95 26.07
CA SER C 92 21.07 -25.38 27.22
C SER C 92 21.14 -26.90 27.40
N LYS C 93 20.84 -27.71 26.38
CA LYS C 93 20.58 -29.11 26.69
C LYS C 93 21.13 -30.12 25.67
N CYS C 94 22.22 -29.80 24.99
CA CYS C 94 22.82 -30.77 24.07
C CYS C 94 24.21 -30.28 23.66
N ASN C 95 24.77 -30.94 22.64
CA ASN C 95 26.10 -30.61 22.15
C ASN C 95 26.13 -29.18 21.62
N PRO C 96 27.27 -28.51 21.71
CA PRO C 96 27.33 -27.09 21.33
C PRO C 96 27.20 -26.90 19.82
N ILE C 97 26.36 -25.93 19.44
CA ILE C 97 26.20 -25.50 18.05
C ILE C 97 26.61 -24.03 17.96
N LEU C 98 27.42 -23.71 16.95
CA LEU C 98 27.77 -22.31 16.67
C LEU C 98 26.61 -21.65 15.95
N HIS C 99 25.64 -21.20 16.74
CA HIS C 99 24.40 -20.65 16.18
C HIS C 99 24.65 -19.34 15.45
N ASP C 100 25.35 -18.40 16.08
CA ASP C 100 25.56 -17.09 15.46
C ASP C 100 26.70 -17.15 14.46
N LEU C 101 26.66 -18.15 13.58
CA LEU C 101 27.58 -18.24 12.45
C LEU C 101 26.86 -18.65 11.16
N GLY C 102 25.59 -19.02 11.23
CA GLY C 102 24.78 -19.25 10.05
C GLY C 102 23.54 -18.38 10.09
N ASN C 103 22.36 -19.00 9.96
CA ASN C 103 21.12 -18.27 10.11
C ASN C 103 20.13 -18.97 11.04
N THR C 104 20.54 -20.04 11.71
CA THR C 104 19.64 -20.88 12.49
C THR C 104 19.37 -20.32 13.88
N ARG C 105 19.69 -19.05 14.14
CA ARG C 105 19.46 -18.50 15.48
C ARG C 105 18.00 -18.22 15.72
N GLN C 106 17.30 -17.62 14.76
CA GLN C 106 15.92 -17.18 14.95
C GLN C 106 14.92 -18.25 14.51
N LEU C 107 15.09 -19.47 14.99
CA LEU C 107 14.22 -20.58 14.63
C LEU C 107 12.91 -20.58 15.42
N PRO C 108 12.95 -20.45 16.76
CA PRO C 108 11.68 -20.42 17.51
C PRO C 108 10.77 -19.29 17.08
N ASN C 109 11.32 -18.12 16.77
CA ASN C 109 10.49 -17.02 16.30
C ASN C 109 9.91 -17.32 14.92
N LEU C 110 10.56 -18.20 14.14
CA LEU C 110 9.95 -18.64 12.89
C LEU C 110 8.78 -19.57 13.15
N LEU C 111 8.92 -20.49 14.10
CA LEU C 111 7.79 -21.36 14.43
C LEU C 111 6.68 -20.63 15.19
N ARG C 112 6.97 -19.46 15.74
CA ARG C 112 5.99 -18.77 16.59
C ARG C 112 4.78 -18.26 15.81
N LYS C 113 4.94 -17.98 14.52
CA LYS C 113 3.93 -17.27 13.75
C LYS C 113 3.00 -18.19 12.98
N TYR C 114 2.69 -19.36 13.53
CA TYR C 114 1.73 -20.26 12.91
C TYR C 114 0.86 -20.89 13.98
N LYS C 115 -0.45 -20.91 13.73
CA LYS C 115 -1.37 -21.46 14.73
C LYS C 115 -1.13 -22.94 14.92
N LYS C 116 -1.03 -23.71 13.84
CA LYS C 116 -0.90 -25.16 13.90
C LYS C 116 0.57 -25.55 13.71
N ILE C 117 1.15 -26.17 14.73
CA ILE C 117 2.51 -26.69 14.69
C ILE C 117 2.43 -28.19 14.92
N ARG C 118 3.01 -28.97 14.01
CA ARG C 118 3.05 -30.41 14.20
C ARG C 118 4.38 -30.96 13.73
N LYS C 119 4.79 -32.07 14.35
CA LYS C 119 6.08 -32.67 14.12
C LYS C 119 5.91 -33.89 13.23
N SER C 120 6.78 -34.00 12.22
CA SER C 120 6.66 -35.07 11.24
C SER C 120 6.87 -36.43 11.89
N SER C 121 6.11 -37.42 11.42
CA SER C 121 6.25 -38.79 11.89
C SER C 121 7.14 -39.64 10.99
N GLY C 122 7.68 -39.07 9.92
CA GLY C 122 8.57 -39.79 9.04
C GLY C 122 10.01 -39.34 9.16
N ILE C 123 10.72 -39.29 8.03
CA ILE C 123 12.09 -38.81 7.99
C ILE C 123 12.31 -38.08 6.67
N ALA C 124 13.04 -36.97 6.71
CA ALA C 124 13.15 -36.09 5.54
C ALA C 124 13.77 -36.81 4.36
N PHE C 125 14.82 -37.61 4.59
CA PHE C 125 15.48 -38.36 3.52
C PHE C 125 15.71 -39.78 4.01
N PRO C 126 15.29 -40.80 3.27
CA PRO C 126 15.43 -42.18 3.76
C PRO C 126 16.88 -42.53 4.04
N LEU C 127 17.09 -43.24 5.15
CA LEU C 127 18.43 -43.57 5.61
C LEU C 127 19.09 -44.65 4.76
N ALA C 128 18.32 -45.40 4.00
CA ALA C 128 18.84 -46.52 3.21
C ALA C 128 19.12 -46.13 1.76
N SER C 129 19.03 -44.84 1.43
CA SER C 129 19.17 -44.39 0.04
C SER C 129 20.49 -43.66 -0.21
N TYR C 130 21.40 -43.64 0.75
CA TYR C 130 22.66 -42.91 0.58
C TYR C 130 23.60 -43.67 -0.35
N ALA C 131 24.65 -42.96 -0.80
CA ALA C 131 25.59 -43.55 -1.76
C ALA C 131 26.39 -44.67 -1.14
N ASP C 132 27.01 -44.43 0.00
CA ASP C 132 27.67 -45.48 0.77
C ASP C 132 26.61 -46.08 1.67
N GLN C 133 26.31 -47.37 1.48
CA GLN C 133 25.06 -47.90 2.02
C GLN C 133 25.10 -48.24 3.50
N PRO C 134 26.12 -48.91 4.06
CA PRO C 134 26.07 -49.23 5.50
C PRO C 134 26.24 -48.00 6.38
N VAL C 135 25.17 -47.23 6.56
CA VAL C 135 25.19 -46.02 7.38
C VAL C 135 24.41 -46.28 8.66
N ILE C 136 24.86 -45.66 9.75
CA ILE C 136 24.16 -45.67 11.03
C ILE C 136 24.16 -44.25 11.58
N SER C 137 23.25 -43.99 12.51
CA SER C 137 23.19 -42.72 13.23
C SER C 137 23.88 -42.92 14.59
N ASN C 138 24.95 -42.18 14.81
CA ASN C 138 25.78 -42.40 15.98
C ASN C 138 25.14 -41.74 17.21
N PRO C 139 24.91 -42.48 18.29
CA PRO C 139 24.55 -41.84 19.55
C PRO C 139 25.70 -40.96 20.05
N SER C 140 25.33 -39.87 20.71
CA SER C 140 26.30 -38.92 21.23
C SER C 140 26.62 -39.25 22.68
N GLY C 141 27.84 -38.95 23.10
CA GLY C 141 28.22 -39.18 24.49
C GLY C 141 27.70 -38.15 25.46
N ASN C 142 27.09 -37.06 24.96
CA ASN C 142 26.61 -35.98 25.81
C ASN C 142 25.10 -35.96 25.94
N CYS C 143 24.39 -35.95 24.81
CA CYS C 143 22.94 -35.77 24.81
C CYS C 143 22.30 -37.06 25.32
N ARG C 144 22.20 -37.16 26.64
CA ARG C 144 21.58 -38.31 27.28
C ARG C 144 20.07 -38.11 27.38
N ASP C 145 19.36 -39.23 27.50
CA ASP C 145 17.91 -39.21 27.61
C ASP C 145 17.51 -38.90 29.06
N GLY C 146 16.23 -39.09 29.39
CA GLY C 146 15.80 -38.90 30.76
C GLY C 146 16.45 -39.87 31.72
N ASN C 147 16.52 -41.14 31.33
CA ASN C 147 17.18 -42.14 32.18
C ASN C 147 18.67 -41.88 32.28
N GLY C 148 19.30 -41.48 31.17
CA GLY C 148 20.73 -41.20 31.17
C GLY C 148 21.46 -41.90 30.05
N VAL C 149 20.79 -42.83 29.37
CA VAL C 149 21.40 -43.51 28.24
C VAL C 149 21.67 -42.51 27.12
N GLU C 150 22.73 -42.77 26.37
CA GLU C 150 23.12 -41.86 25.30
C GLU C 150 22.09 -41.88 24.17
N SER C 151 21.88 -40.71 23.56
CA SER C 151 20.89 -40.57 22.50
C SER C 151 21.35 -39.47 21.56
N GLU C 152 20.65 -39.38 20.43
CA GLU C 152 20.91 -38.34 19.44
C GLU C 152 19.94 -37.19 19.65
N PHE C 153 20.08 -36.15 18.82
CA PHE C 153 19.17 -35.01 18.90
C PHE C 153 17.73 -35.44 18.67
N GLY C 154 17.45 -35.99 17.49
CA GLY C 154 16.10 -36.34 17.09
C GLY C 154 15.66 -35.67 15.80
N SER C 155 16.34 -34.60 15.38
CA SER C 155 16.06 -33.95 14.11
C SER C 155 17.31 -33.78 13.26
N LEU C 156 18.45 -34.30 13.69
CA LEU C 156 19.72 -34.04 13.03
C LEU C 156 20.62 -35.22 13.35
N LEU C 157 20.97 -36.00 12.34
CA LEU C 157 21.61 -37.30 12.54
C LEU C 157 23.09 -37.22 12.27
N TRP C 158 23.89 -37.66 13.24
CA TRP C 158 25.33 -37.79 13.08
C TRP C 158 25.61 -39.03 12.24
N LEU C 159 26.14 -38.83 11.04
CA LEU C 159 26.26 -39.90 10.06
C LEU C 159 27.68 -40.45 10.02
N THR C 160 27.78 -41.77 9.83
CA THR C 160 29.04 -42.43 9.58
C THR C 160 28.81 -43.52 8.55
N GLY C 161 29.80 -43.72 7.67
CA GLY C 161 29.71 -44.67 6.59
C GLY C 161 30.72 -45.80 6.75
N ASN C 162 30.64 -46.75 5.80
CA ASN C 162 31.56 -47.88 5.81
C ASN C 162 32.96 -47.46 5.39
N THR C 163 33.06 -46.58 4.39
CA THR C 163 34.33 -46.19 3.82
C THR C 163 34.98 -45.09 4.66
N LYS C 164 36.32 -45.08 4.66
CA LYS C 164 37.09 -44.05 5.36
C LYS C 164 38.20 -43.58 4.43
N GLY C 165 37.96 -42.48 3.74
CA GLY C 165 38.96 -41.94 2.83
C GLY C 165 38.44 -40.69 2.14
N ALA C 166 39.31 -40.10 1.33
CA ALA C 166 38.95 -38.91 0.58
C ALA C 166 37.85 -39.24 -0.44
N ILE C 167 36.90 -38.32 -0.59
CA ILE C 167 35.73 -38.54 -1.43
C ILE C 167 35.51 -37.30 -2.29
N THR C 168 35.19 -37.53 -3.57
CA THR C 168 34.93 -36.42 -4.48
C THR C 168 33.70 -35.61 -4.06
N GLY C 169 32.61 -36.29 -3.77
CA GLY C 169 31.40 -35.61 -3.31
C GLY C 169 30.15 -36.35 -3.73
N GLU C 170 29.08 -36.14 -2.96
CA GLU C 170 27.80 -36.79 -3.20
C GLU C 170 26.68 -35.76 -3.17
N THR C 171 25.65 -36.01 -3.98
CA THR C 171 24.54 -35.08 -4.17
C THR C 171 23.22 -35.77 -3.86
N ILE C 172 22.32 -35.04 -3.18
CA ILE C 172 21.00 -35.53 -2.83
C ILE C 172 19.97 -34.44 -3.08
N THR C 173 18.71 -34.87 -3.21
CA THR C 173 17.59 -33.98 -3.52
C THR C 173 16.50 -34.18 -2.48
N ILE C 174 15.85 -33.08 -2.09
CA ILE C 174 14.80 -33.08 -1.09
C ILE C 174 13.54 -32.50 -1.72
N THR C 175 12.40 -33.17 -1.49
CA THR C 175 11.12 -32.78 -2.04
C THR C 175 10.14 -32.46 -0.92
N HIS C 176 9.02 -31.85 -1.28
CA HIS C 176 7.99 -31.50 -0.31
C HIS C 176 7.32 -32.74 0.24
N GLN C 177 7.03 -32.72 1.54
CA GLN C 177 6.47 -33.91 2.19
C GLN C 177 5.22 -33.61 3.01
N CYS C 178 5.05 -32.37 3.48
CA CYS C 178 3.83 -32.02 4.19
C CYS C 178 2.66 -31.95 3.20
N ASN C 179 1.51 -31.51 3.69
CA ASN C 179 0.30 -31.49 2.89
C ASN C 179 0.36 -30.33 1.89
N ASN C 180 -0.77 -30.06 1.23
CA ASN C 180 -0.79 -29.02 0.20
C ASN C 180 -0.70 -27.62 0.81
N ASP C 181 -1.38 -27.39 1.93
CA ASP C 181 -1.46 -26.06 2.53
C ASP C 181 -0.56 -25.91 3.75
N GLU C 182 0.55 -26.63 3.78
CA GLU C 182 1.44 -26.64 4.95
C GLU C 182 2.83 -26.16 4.55
N VAL C 183 3.53 -25.59 5.52
CA VAL C 183 4.91 -25.13 5.33
C VAL C 183 5.83 -26.13 6.02
N MET C 184 6.86 -26.56 5.31
CA MET C 184 7.79 -27.58 5.80
C MET C 184 9.12 -26.93 6.16
N VAL C 185 9.61 -27.21 7.36
CA VAL C 185 10.85 -26.65 7.86
C VAL C 185 11.78 -27.78 8.27
N LEU C 186 13.03 -27.73 7.79
CA LEU C 186 14.02 -28.73 8.13
C LEU C 186 15.35 -28.06 8.45
N VAL C 187 16.25 -28.82 9.06
CA VAL C 187 17.58 -28.35 9.41
C VAL C 187 18.60 -29.43 9.06
N TRP C 188 19.82 -28.98 8.73
CA TRP C 188 20.91 -29.89 8.44
C TRP C 188 22.22 -29.19 8.76
N GLY C 189 23.26 -29.98 9.03
CA GLY C 189 24.51 -29.40 9.46
C GLY C 189 25.78 -30.14 9.09
N ALA C 190 26.84 -29.83 9.83
CA ALA C 190 28.16 -30.38 9.58
C ALA C 190 28.93 -30.44 10.90
N TRP C 191 29.91 -31.34 10.94
CA TRP C 191 30.69 -31.58 12.15
C TRP C 191 32.08 -30.98 12.00
N ALA C 192 32.56 -30.33 13.06
CA ALA C 192 33.88 -29.72 13.10
C ALA C 192 34.60 -30.15 14.38
N ASP C 193 35.88 -30.43 14.27
CA ASP C 193 36.67 -30.98 15.36
C ASP C 193 38.13 -30.61 15.13
N LEU C 194 39.04 -31.28 15.83
CA LEU C 194 40.46 -31.05 15.61
C LEU C 194 40.97 -31.91 14.45
N SER C 195 42.17 -31.58 13.97
CA SER C 195 42.72 -32.28 12.81
C SER C 195 42.95 -33.75 13.12
N ALA C 196 43.47 -34.06 14.30
CA ALA C 196 43.72 -35.45 14.66
C ALA C 196 42.44 -36.25 14.80
N THR C 197 41.36 -35.60 15.27
CA THR C 197 40.11 -36.32 15.50
C THR C 197 39.50 -36.80 14.18
N MET C 198 39.38 -35.89 13.20
CA MET C 198 38.78 -36.25 11.93
C MET C 198 39.54 -37.36 11.21
N ASN C 199 40.87 -37.32 11.27
CA ASN C 199 41.64 -38.39 10.64
C ASN C 199 41.44 -39.72 11.35
N THR C 200 40.85 -39.71 12.55
CA THR C 200 40.54 -40.94 13.26
C THR C 200 39.11 -41.40 13.06
N ILE C 201 38.17 -40.49 12.88
CA ILE C 201 36.76 -40.88 12.68
C ILE C 201 36.29 -40.69 11.25
N TYR C 202 36.96 -39.86 10.44
CA TYR C 202 36.51 -39.60 9.08
C TYR C 202 37.61 -39.91 8.07
N GLY C 203 38.86 -39.76 8.48
CA GLY C 203 39.98 -40.05 7.61
C GLY C 203 40.51 -38.89 6.81
N VAL C 204 40.21 -37.65 7.22
CA VAL C 204 40.70 -36.46 6.53
C VAL C 204 41.22 -35.47 7.56
N THR C 205 42.02 -34.52 7.08
CA THR C 205 42.62 -33.51 7.94
C THR C 205 42.43 -32.09 7.41
N THR C 206 41.73 -31.92 6.28
CA THR C 206 41.51 -30.66 5.60
C THR C 206 40.04 -30.27 5.69
N PRO C 207 39.73 -28.98 5.83
CA PRO C 207 38.32 -28.56 5.80
C PRO C 207 37.65 -28.98 4.51
N GLN C 208 36.38 -29.41 4.62
CA GLN C 208 35.62 -29.92 3.50
C GLN C 208 34.64 -28.85 3.02
N THR C 209 33.92 -29.19 1.95
CA THR C 209 33.01 -28.26 1.29
C THR C 209 31.60 -28.83 1.27
N TYR C 210 30.63 -27.96 1.54
CA TYR C 210 29.21 -28.30 1.49
C TYR C 210 28.46 -27.20 0.74
N VAL C 211 27.53 -27.61 -0.10
CA VAL C 211 26.77 -26.68 -0.95
C VAL C 211 25.28 -27.00 -0.77
N SER C 212 24.48 -25.97 -0.56
CA SER C 212 23.04 -26.13 -0.44
C SER C 212 22.34 -25.14 -1.37
N ASN C 213 21.43 -25.66 -2.20
CA ASN C 213 20.62 -24.83 -3.08
C ASN C 213 19.16 -25.08 -2.74
N PHE C 214 18.40 -24.00 -2.60
CA PHE C 214 16.99 -24.13 -2.25
C PHE C 214 16.25 -22.97 -2.88
N PRO C 215 14.90 -23.02 -2.91
CA PRO C 215 14.16 -21.90 -3.49
C PRO C 215 14.17 -20.68 -2.57
N SER C 216 15.34 -20.44 -1.99
CA SER C 216 15.67 -19.21 -1.29
C SER C 216 17.08 -18.72 -1.62
N GLY C 217 17.92 -19.54 -2.21
CA GLY C 217 19.24 -19.12 -2.63
C GLY C 217 20.24 -20.25 -2.50
N ARG C 218 21.52 -19.85 -2.53
CA ARG C 218 22.66 -20.74 -2.46
C ARG C 218 23.45 -20.49 -1.19
N PHE C 219 24.12 -21.53 -0.71
CA PHE C 219 24.87 -21.44 0.54
C PHE C 219 26.06 -22.38 0.47
N SER C 220 27.28 -21.82 0.57
CA SER C 220 28.51 -22.58 0.54
C SER C 220 29.18 -22.52 1.90
N MET C 221 29.63 -23.68 2.40
CA MET C 221 30.23 -23.76 3.73
C MET C 221 31.50 -24.60 3.66
N SER C 222 32.61 -24.03 4.14
CA SER C 222 33.88 -24.72 4.30
C SER C 222 34.40 -24.43 5.69
N PRO C 223 33.81 -25.04 6.72
CA PRO C 223 34.09 -24.62 8.10
C PRO C 223 35.57 -24.78 8.45
N PHE C 224 36.06 -23.86 9.28
CA PHE C 224 37.43 -23.95 9.75
C PHE C 224 37.62 -25.19 10.61
N LEU C 225 38.85 -25.67 10.65
CA LEU C 225 39.19 -26.93 11.31
C LEU C 225 40.34 -26.62 12.25
N GLY C 226 40.03 -26.16 13.46
CA GLY C 226 41.06 -25.71 14.37
C GLY C 226 40.56 -24.90 15.54
N ASN C 227 41.14 -23.72 15.73
CA ASN C 227 40.81 -22.87 16.87
C ASN C 227 39.30 -22.61 16.94
N PHE C 228 38.76 -22.66 18.15
CA PHE C 228 37.33 -22.54 18.37
C PHE C 228 37.04 -21.43 19.36
N PRO C 229 35.85 -20.84 19.29
CA PRO C 229 35.43 -19.89 20.33
C PRO C 229 35.18 -20.60 21.66
N ALA C 230 34.74 -19.84 22.66
CA ALA C 230 34.52 -20.43 23.98
C ALA C 230 33.39 -21.46 23.93
N LEU C 231 33.42 -22.38 24.88
CA LEU C 231 32.42 -23.43 25.01
C LEU C 231 31.25 -22.91 25.83
N ALA C 232 30.08 -22.81 25.21
CA ALA C 232 28.91 -22.26 25.88
C ALA C 232 27.65 -22.80 25.22
N GLU C 233 26.52 -22.55 25.88
CA GLU C 233 25.19 -22.97 25.41
C GLU C 233 25.10 -24.49 25.26
N THR C 234 25.59 -25.19 26.28
CA THR C 234 25.57 -26.66 26.23
C THR C 234 25.54 -27.19 27.65
N GLU C 235 25.13 -28.46 27.77
CA GLU C 235 25.09 -29.15 29.04
C GLU C 235 26.31 -30.03 29.29
N ALA C 236 27.20 -30.15 28.31
CA ALA C 236 28.38 -31.00 28.41
C ALA C 236 29.63 -30.14 28.49
N THR C 237 30.54 -30.52 29.37
CA THR C 237 31.79 -29.81 29.57
C THR C 237 32.95 -30.54 28.89
N THR C 238 34.01 -29.79 28.62
CA THR C 238 35.23 -30.31 27.99
C THR C 238 34.91 -31.05 26.69
N ALA C 239 34.37 -30.30 25.74
CA ALA C 239 34.02 -30.83 24.41
C ALA C 239 34.89 -30.15 23.36
N THR C 240 35.53 -30.96 22.53
CA THR C 240 36.42 -30.47 21.48
C THR C 240 35.72 -30.38 20.12
N GLY C 241 34.43 -30.69 20.04
CA GLY C 241 33.72 -30.67 18.78
C GLY C 241 32.65 -29.59 18.72
N ARG C 242 32.36 -29.14 17.50
CA ARG C 242 31.33 -28.14 17.25
C ARG C 242 30.50 -28.58 16.06
N ILE C 243 29.31 -28.01 15.96
CA ILE C 243 28.36 -28.35 14.89
C ILE C 243 27.93 -27.07 14.20
N TYR C 244 28.01 -27.06 12.87
CA TYR C 244 27.48 -25.98 12.06
C TYR C 244 26.09 -26.37 11.57
N LEU C 245 25.20 -25.39 11.45
CA LEU C 245 23.81 -25.66 11.16
C LEU C 245 23.29 -24.75 10.05
N ARG C 246 22.18 -25.17 9.46
CA ARG C 246 21.51 -24.37 8.44
C ARG C 246 20.09 -24.90 8.29
N MET C 247 19.12 -23.99 8.28
CA MET C 247 17.71 -24.34 8.21
C MET C 247 17.12 -23.90 6.87
N GLU C 248 16.17 -24.70 6.37
CA GLU C 248 15.53 -24.43 5.10
C GLU C 248 14.02 -24.60 5.23
N VAL C 249 13.30 -23.90 4.35
CA VAL C 249 11.84 -23.91 4.31
C VAL C 249 11.39 -24.33 2.92
N LEU C 250 10.19 -24.88 2.85
CA LEU C 250 9.64 -25.40 1.60
C LEU C 250 8.13 -25.30 1.63
N GLU C 251 7.55 -25.06 0.45
CA GLU C 251 6.11 -25.02 0.24
C GLU C 251 5.72 -26.19 -0.68
N SER C 252 4.45 -26.22 -1.07
CA SER C 252 3.97 -27.26 -1.97
C SER C 252 4.61 -27.14 -3.34
N GLY C 253 4.98 -28.28 -3.91
CA GLY C 253 5.55 -28.30 -5.25
C GLY C 253 6.90 -27.63 -5.40
N GLN C 254 7.80 -27.87 -4.45
CA GLN C 254 9.14 -27.29 -4.48
C GLN C 254 10.16 -28.35 -4.11
N ARG C 255 11.41 -28.12 -4.51
CA ARG C 255 12.47 -29.06 -4.22
C ARG C 255 13.80 -28.33 -4.08
N GLY C 256 14.74 -28.98 -3.38
CA GLY C 256 16.06 -28.42 -3.17
C GLY C 256 17.13 -29.48 -3.29
N THR C 257 18.38 -29.03 -3.31
CA THR C 257 19.53 -29.91 -3.55
C THR C 257 20.63 -29.63 -2.54
N ILE C 258 21.37 -30.69 -2.19
CA ILE C 258 22.50 -30.60 -1.27
C ILE C 258 23.65 -31.44 -1.80
N GLN C 259 24.83 -30.82 -1.92
CA GLN C 259 26.07 -31.53 -2.24
C GLN C 259 26.97 -31.49 -1.02
N TYR C 260 27.64 -32.61 -0.73
CA TYR C 260 28.47 -32.66 0.47
C TYR C 260 29.63 -33.63 0.26
N GLN C 261 30.58 -33.53 1.18
CA GLN C 261 31.73 -34.41 1.26
C GLN C 261 31.80 -35.00 2.66
N ARG C 262 32.93 -35.61 3.02
CA ARG C 262 33.08 -36.23 4.33
C ARG C 262 32.78 -35.25 5.45
N GLY C 263 32.01 -35.70 6.44
CA GLY C 263 31.72 -34.91 7.62
C GLY C 263 30.39 -34.18 7.58
N PHE C 264 29.34 -34.86 7.12
CA PHE C 264 28.02 -34.25 6.94
C PHE C 264 27.04 -34.84 7.94
N MET C 265 26.20 -33.98 8.50
CA MET C 265 25.19 -34.37 9.49
C MET C 265 23.82 -34.24 8.85
N GLY C 266 23.15 -35.37 8.67
CA GLY C 266 21.98 -35.45 7.83
C GLY C 266 20.69 -34.96 8.47
N PRO C 267 19.69 -34.66 7.65
CA PRO C 267 18.40 -34.22 8.17
C PRO C 267 17.64 -35.35 8.84
N GLY C 268 16.75 -34.98 9.74
CA GLY C 268 15.90 -35.94 10.41
C GLY C 268 14.43 -35.60 10.26
N LYS C 269 13.72 -35.54 11.37
CA LYS C 269 12.32 -35.14 11.34
C LYS C 269 12.21 -33.64 11.08
N PHE C 270 11.08 -33.23 10.52
CA PHE C 270 10.85 -31.84 10.14
C PHE C 270 9.56 -31.34 10.74
N TRP C 271 9.32 -30.04 10.57
CA TRP C 271 8.15 -29.37 11.11
C TRP C 271 7.15 -29.07 9.99
N CYS C 272 5.87 -29.36 10.22
CA CYS C 272 4.80 -28.90 9.35
C CYS C 272 3.99 -27.86 10.11
N LEU C 273 3.85 -26.67 9.52
CA LEU C 273 3.19 -25.53 10.15
C LEU C 273 2.06 -25.02 9.24
N SER C 274 1.06 -24.40 9.86
CA SER C 274 -0.07 -23.88 9.12
C SER C 274 -0.76 -22.79 9.93
N GLU C 275 -1.67 -22.07 9.23
CA GLU C 275 -2.53 -21.02 9.79
C GLU C 275 -1.75 -19.84 10.36
N PRO C 276 -1.22 -18.95 9.52
CA PRO C 276 -0.48 -17.80 10.03
C PRO C 276 -1.32 -16.96 10.98
N ILE C 277 -0.66 -16.44 12.02
CA ILE C 277 -1.31 -15.58 13.01
C ILE C 277 -0.39 -14.39 13.27
N PRO C 278 -0.93 -13.25 13.72
CA PRO C 278 -0.05 -12.10 14.00
C PRO C 278 0.76 -12.31 15.26
N VAL C 279 1.92 -11.64 15.30
CA VAL C 279 2.77 -11.62 16.48
C VAL C 279 3.08 -10.17 16.82
N VAL C 280 3.33 -9.92 18.11
CA VAL C 280 3.68 -8.59 18.58
C VAL C 280 4.87 -8.71 19.52
N LYS C 281 5.65 -7.64 19.62
CA LYS C 281 6.88 -7.62 20.40
C LYS C 281 6.60 -7.04 21.78
N GLY C 282 7.01 -7.76 22.82
CA GLY C 282 6.79 -7.31 24.18
C GLY C 282 7.46 -8.16 25.23
N ALA C 283 6.76 -8.42 26.33
CA ALA C 283 7.29 -9.16 27.46
C ALA C 283 6.47 -10.43 27.67
N VAL C 284 6.86 -11.20 28.70
CA VAL C 284 6.19 -12.46 28.98
C VAL C 284 4.81 -12.20 29.59
N LYS C 285 3.98 -13.23 29.57
CA LYS C 285 2.62 -13.12 30.09
C LYS C 285 2.62 -12.96 31.61
N THR C 286 1.55 -12.35 32.10
CA THR C 286 1.28 -12.25 33.53
C THR C 286 0.00 -13.02 33.82
N ASN C 287 0.03 -13.84 34.87
CA ASN C 287 -1.08 -14.74 35.15
C ASN C 287 -2.36 -13.98 35.49
N GLY C 288 -3.48 -14.49 35.01
CA GLY C 288 -4.78 -13.91 35.31
C GLY C 288 -4.98 -12.51 34.80
N ALA C 289 -4.52 -12.22 33.58
CA ALA C 289 -4.67 -10.90 32.97
C ALA C 289 -5.37 -11.06 31.64
N VAL C 290 -6.51 -10.38 31.49
CA VAL C 290 -7.29 -10.40 30.26
C VAL C 290 -7.54 -8.96 29.82
N SER C 291 -7.22 -8.66 28.56
CA SER C 291 -7.40 -7.32 28.02
C SER C 291 -8.06 -7.42 26.66
N ASP C 292 -8.67 -6.31 26.24
CA ASP C 292 -9.35 -6.28 24.94
C ASP C 292 -8.35 -6.38 23.80
N CYS C 293 -7.22 -5.66 23.89
CA CYS C 293 -6.26 -5.66 22.81
C CYS C 293 -4.85 -5.54 23.36
N LEU C 294 -3.89 -5.94 22.54
CA LEU C 294 -2.48 -5.86 22.88
C LEU C 294 -1.81 -4.81 22.01
N HIS C 295 -1.18 -3.82 22.65
CA HIS C 295 -0.47 -2.74 21.98
C HIS C 295 1.01 -2.87 22.33
N GLU C 296 1.86 -2.78 21.32
CA GLU C 296 3.30 -2.98 21.53
C GLU C 296 3.93 -1.88 22.36
N VAL C 297 3.24 -0.76 22.58
CA VAL C 297 3.78 0.34 23.37
C VAL C 297 3.19 0.36 24.78
N TYR C 298 1.88 0.18 24.90
CA TYR C 298 1.18 0.32 26.19
C TYR C 298 0.98 -1.00 26.90
N GLY C 299 0.73 -2.09 26.17
CA GLY C 299 0.49 -3.38 26.79
C GLY C 299 -0.93 -3.85 26.60
N GLY C 300 -1.56 -4.30 27.68
CA GLY C 300 -2.96 -4.70 27.60
C GLY C 300 -3.89 -3.52 27.78
N ILE C 301 -4.66 -3.18 26.74
CA ILE C 301 -5.53 -2.01 26.80
C ILE C 301 -6.95 -2.42 26.43
N SER C 302 -7.90 -1.62 26.90
CA SER C 302 -9.30 -1.76 26.58
C SER C 302 -9.66 -0.82 25.43
N LYS C 303 -10.91 -0.88 24.99
CA LYS C 303 -11.41 -0.05 23.90
C LYS C 303 -12.66 0.67 24.37
N PRO C 304 -12.50 1.74 25.16
CA PRO C 304 -13.65 2.52 25.61
C PRO C 304 -14.11 3.60 24.63
N THR C 305 -13.45 3.70 23.47
CA THR C 305 -13.70 4.78 22.53
C THR C 305 -13.07 4.39 21.20
N PRO C 306 -13.77 4.56 20.07
CA PRO C 306 -13.26 4.01 18.80
C PRO C 306 -11.92 4.56 18.36
N PHE C 307 -11.53 5.76 18.81
CA PHE C 307 -10.27 6.35 18.41
C PHE C 307 -9.48 6.76 19.64
N TYR C 308 -8.16 6.79 19.49
CA TYR C 308 -7.26 7.15 20.59
C TYR C 308 -6.14 8.02 20.04
N THR C 309 -5.55 8.82 20.94
CA THR C 309 -4.45 9.71 20.60
C THR C 309 -3.24 9.37 21.47
N GLY C 310 -2.07 9.41 20.86
CA GLY C 310 -0.85 9.12 21.58
C GLY C 310 0.20 8.53 20.65
N ASN C 311 1.11 7.79 21.25
CA ASN C 311 2.17 7.13 20.48
C ASN C 311 1.58 6.03 19.59
N ARG C 312 2.21 5.85 18.44
CA ARG C 312 1.74 4.89 17.45
C ARG C 312 2.56 3.62 17.51
N GLY C 313 1.88 2.48 17.46
CA GLY C 313 2.55 1.19 17.47
C GLY C 313 1.60 0.10 17.03
N LYS C 314 2.18 -1.06 16.75
CA LYS C 314 1.40 -2.20 16.31
C LYS C 314 0.48 -2.70 17.41
N SER C 315 -0.62 -3.34 17.00
CA SER C 315 -1.58 -3.87 17.95
C SER C 315 -2.30 -5.06 17.35
N VAL C 316 -2.79 -5.93 18.22
CA VAL C 316 -3.55 -7.12 17.82
C VAL C 316 -4.75 -7.27 18.75
N GLY C 317 -5.92 -7.52 18.16
CA GLY C 317 -7.15 -7.70 18.90
C GLY C 317 -8.23 -6.73 18.46
N ASN C 318 -9.01 -6.25 19.42
CA ASN C 318 -10.12 -5.33 19.20
C ASN C 318 -9.81 -4.04 19.92
N CYS C 319 -9.09 -3.14 19.25
CA CYS C 319 -8.59 -1.92 19.87
C CYS C 319 -8.77 -0.73 18.94
N PRO C 320 -8.76 0.49 19.48
CA PRO C 320 -8.88 1.69 18.63
C PRO C 320 -7.72 1.85 17.67
N LYS C 321 -7.79 2.86 16.81
CA LYS C 321 -6.76 3.12 15.83
C LYS C 321 -6.30 4.56 15.91
N TRP C 322 -5.14 4.82 15.32
CA TRP C 322 -4.44 6.09 15.52
C TRP C 322 -5.19 7.25 14.88
N VAL C 323 -5.19 8.39 15.58
CA VAL C 323 -5.84 9.62 15.13
C VAL C 323 -4.95 10.80 15.51
N ARG C 324 -4.89 11.80 14.64
CA ARG C 324 -3.92 12.87 14.82
C ARG C 324 -4.31 13.85 15.93
N LYS C 325 -5.54 14.32 15.92
CA LYS C 325 -5.96 15.41 16.80
C LYS C 325 -7.28 15.07 17.46
N PRO C 326 -7.61 15.71 18.59
CA PRO C 326 -8.88 15.43 19.25
C PRO C 326 -10.08 15.77 18.38
N LEU C 327 -11.16 15.01 18.56
CA LEU C 327 -12.39 15.19 17.81
C LEU C 327 -13.59 15.22 18.75
N LEU C 328 -14.61 15.96 18.36
CA LEU C 328 -15.86 16.04 19.11
C LEU C 328 -17.03 15.96 18.13
N VAL C 329 -18.14 15.41 18.61
CA VAL C 329 -19.33 15.23 17.78
C VAL C 329 -20.52 15.90 18.46
N VAL C 330 -21.33 16.61 17.67
CA VAL C 330 -22.50 17.29 18.20
C VAL C 330 -23.45 16.27 18.83
N ASN C 331 -23.93 16.58 20.03
CA ASN C 331 -24.89 15.75 20.76
C ASN C 331 -26.04 16.60 21.27
N GLY C 332 -26.49 17.55 20.46
CA GLY C 332 -27.54 18.45 20.90
C GLY C 332 -28.03 19.38 19.81
N THR C 333 -28.18 20.66 20.14
CA THR C 333 -28.65 21.67 19.20
C THR C 333 -27.77 22.90 19.31
N LYS C 334 -27.95 23.82 18.35
CA LYS C 334 -27.20 25.06 18.35
C LYS C 334 -27.52 25.89 19.60
N ALA C 335 -26.51 26.58 20.10
CA ALA C 335 -26.66 27.43 21.27
C ALA C 335 -26.81 28.88 20.84
N ARG C 336 -26.91 29.75 21.84
CA ARG C 336 -27.10 31.18 21.58
C ARG C 336 -26.24 32.03 22.52
N ILE C 360 -37.96 22.45 26.74
CA ILE C 360 -37.49 22.39 28.11
C ILE C 360 -36.97 20.98 28.42
N ALA C 361 -37.90 20.05 28.65
CA ALA C 361 -37.51 18.66 28.83
C ALA C 361 -36.87 18.09 27.57
N GLY C 362 -37.40 18.48 26.40
CA GLY C 362 -36.76 18.17 25.14
C GLY C 362 -36.29 19.46 24.47
N TRP C 363 -35.94 19.38 23.20
CA TRP C 363 -35.50 20.56 22.46
C TRP C 363 -36.61 21.15 21.61
N HIS C 364 -37.31 20.34 20.84
CA HIS C 364 -38.42 20.82 20.03
C HIS C 364 -39.64 21.04 20.91
N GLY C 365 -40.28 22.19 20.75
CA GLY C 365 -41.43 22.50 21.57
C GLY C 365 -42.23 23.65 20.99
N TYR C 366 -43.44 23.80 21.52
CA TYR C 366 -44.36 24.84 21.11
C TYR C 366 -44.36 25.99 22.11
N SER C 367 -44.94 27.11 21.68
CA SER C 367 -45.00 28.30 22.51
C SER C 367 -46.19 29.14 22.11
N SER C 368 -46.92 29.63 23.10
CA SER C 368 -48.05 30.53 22.91
C SER C 368 -47.80 31.80 23.72
N THR C 369 -47.87 32.94 23.05
CA THR C 369 -47.63 34.24 23.66
C THR C 369 -48.83 35.14 23.41
N GLY C 370 -49.12 35.98 24.40
CA GLY C 370 -50.26 36.87 24.31
C GLY C 370 -50.46 37.58 25.63
N ASP C 371 -51.69 38.07 25.85
CA ASP C 371 -51.99 38.67 27.14
C ASP C 371 -52.12 37.65 28.26
N HIS C 372 -52.18 36.36 27.93
CA HIS C 372 -52.13 35.31 28.95
C HIS C 372 -50.70 34.89 29.25
N GLY C 373 -49.84 35.88 29.50
CA GLY C 373 -48.43 35.60 29.73
C GLY C 373 -47.81 34.91 28.53
N THR C 374 -46.95 33.93 28.80
CA THR C 374 -46.38 33.09 27.76
C THR C 374 -46.26 31.68 28.31
N LYS C 375 -46.69 30.70 27.53
CA LYS C 375 -46.73 29.31 27.96
C LYS C 375 -46.08 28.41 26.92
N VAL C 376 -45.25 27.48 27.37
CA VAL C 376 -44.52 26.58 26.48
C VAL C 376 -44.90 25.15 26.79
N ALA C 377 -44.62 24.27 25.83
CA ALA C 377 -44.82 22.84 25.97
C ALA C 377 -43.65 22.13 25.28
N ALA C 378 -43.67 20.80 25.32
CA ALA C 378 -42.60 20.00 24.75
C ALA C 378 -43.18 18.86 23.92
N ASP C 379 -42.45 18.47 22.88
CA ASP C 379 -42.80 17.33 22.04
C ASP C 379 -41.71 16.28 22.20
N LEU C 380 -42.12 15.05 22.46
CA LEU C 380 -41.21 13.95 22.74
C LEU C 380 -40.95 13.06 21.52
N VAL C 381 -41.99 12.77 20.74
CA VAL C 381 -41.82 11.93 19.55
C VAL C 381 -40.89 12.62 18.55
N SER C 382 -41.08 13.93 18.35
CA SER C 382 -40.22 14.67 17.43
C SER C 382 -38.78 14.70 17.91
N THR C 383 -38.57 14.94 19.21
CA THR C 383 -37.21 15.06 19.72
C THR C 383 -36.51 13.71 19.86
N GLN C 384 -37.25 12.61 19.85
CA GLN C 384 -36.61 11.29 19.89
C GLN C 384 -35.96 10.93 18.56
N LYS C 385 -36.54 11.38 17.44
CA LYS C 385 -36.03 11.03 16.13
C LYS C 385 -34.61 11.57 15.92
N ALA C 386 -34.35 12.80 16.37
CA ALA C 386 -33.02 13.37 16.21
C ALA C 386 -31.97 12.57 16.96
N MET C 387 -32.28 12.18 18.20
CA MET C 387 -31.35 11.37 18.97
C MET C 387 -31.13 10.01 18.31
N ASP C 388 -32.20 9.43 17.77
CA ASP C 388 -32.05 8.15 17.06
C ASP C 388 -31.12 8.28 15.87
N ALA C 389 -31.29 9.35 15.08
CA ALA C 389 -30.43 9.57 13.92
C ALA C 389 -28.98 9.79 14.35
N ILE C 390 -28.77 10.54 15.43
CA ILE C 390 -27.42 10.79 15.92
C ILE C 390 -26.75 9.48 16.34
N THR C 391 -27.50 8.62 17.05
CA THR C 391 -26.95 7.33 17.45
C THR C 391 -26.62 6.47 16.23
N ALA C 392 -27.49 6.48 15.21
CA ALA C 392 -27.22 5.70 14.01
C ALA C 392 -25.95 6.19 13.32
N ARG C 393 -25.77 7.50 13.22
CA ARG C 393 -24.56 8.04 12.59
C ARG C 393 -23.32 7.68 13.41
N ILE C 394 -23.43 7.74 14.74
CA ILE C 394 -22.29 7.37 15.59
C ILE C 394 -21.91 5.92 15.38
N ASN C 395 -22.90 5.03 15.31
CA ASN C 395 -22.61 3.62 15.09
C ASN C 395 -22.00 3.39 13.71
N ASN C 396 -22.50 4.09 12.69
CA ASN C 396 -21.91 3.97 11.36
C ASN C 396 -20.46 4.40 11.36
N MET C 397 -20.14 5.50 12.06
CA MET C 397 -18.75 5.92 12.18
C MET C 397 -17.93 4.89 12.94
N ASN C 398 -18.51 4.28 13.98
CA ASN C 398 -17.81 3.26 14.75
C ASN C 398 -17.46 2.06 13.89
N LYS C 399 -18.36 1.67 12.98
CA LYS C 399 -18.12 0.52 12.11
C LYS C 399 -16.86 0.64 11.27
N MET C 400 -16.20 1.80 11.26
CA MET C 400 -15.03 2.02 10.43
C MET C 400 -13.79 1.26 10.90
N THR C 401 -13.74 0.87 12.18
CA THR C 401 -12.55 0.29 12.77
C THR C 401 -12.57 -1.23 12.75
N GLU C 402 -13.18 -1.84 11.74
CA GLU C 402 -13.28 -3.29 11.68
C GLU C 402 -13.03 -3.79 10.25
N ARG C 403 -12.00 -3.27 9.61
CA ARG C 403 -11.56 -3.75 8.30
C ARG C 403 -10.55 -4.88 8.52
N ALA C 404 -10.98 -6.10 8.24
CA ALA C 404 -10.24 -7.31 8.62
C ALA C 404 -10.53 -8.38 7.57
N PHE C 405 -10.34 -9.65 7.94
CA PHE C 405 -10.71 -10.80 7.12
C PHE C 405 -9.72 -11.02 5.98
N SER C 406 -8.46 -10.63 6.20
CA SER C 406 -7.40 -10.94 5.24
C SER C 406 -6.07 -10.89 6.00
N VAL C 407 -5.54 -12.06 6.34
CA VAL C 407 -4.30 -12.18 7.09
C VAL C 407 -3.27 -12.87 6.20
N THR C 408 -2.14 -12.19 6.00
CA THR C 408 -1.03 -12.72 5.22
C THR C 408 -0.03 -13.43 6.11
N ASP C 409 0.96 -14.05 5.47
CA ASP C 409 1.95 -14.85 6.20
C ASP C 409 2.85 -13.99 7.09
N SER C 410 3.03 -12.72 6.75
CA SER C 410 3.90 -11.79 7.47
C SER C 410 5.36 -12.25 7.49
N THR C 411 6.26 -11.38 7.97
CA THR C 411 7.68 -11.67 8.02
C THR C 411 8.20 -11.51 9.45
N MET C 412 9.45 -11.91 9.66
CA MET C 412 10.06 -11.82 10.98
C MET C 412 10.58 -10.40 11.20
N GLN C 413 11.37 -10.21 12.26
CA GLN C 413 11.76 -8.89 12.71
C GLN C 413 13.27 -8.63 12.69
N GLU C 414 14.09 -9.62 12.31
CA GLU C 414 15.54 -9.46 12.31
C GLU C 414 16.15 -10.08 11.06
N ILE C 415 15.56 -9.81 9.90
CA ILE C 415 16.00 -10.44 8.66
C ILE C 415 17.00 -9.57 7.91
N GLN C 416 16.56 -8.38 7.49
CA GLN C 416 17.35 -7.50 6.64
C GLN C 416 16.69 -6.14 6.64
N LYS C 417 17.51 -5.10 6.54
CA LYS C 417 17.01 -3.73 6.73
C LYS C 417 15.95 -3.38 5.69
N GLU C 418 16.20 -3.73 4.43
CA GLU C 418 15.31 -3.30 3.35
C GLU C 418 13.90 -3.86 3.51
N ILE C 419 13.79 -5.15 3.85
CA ILE C 419 12.48 -5.76 4.01
C ILE C 419 11.73 -5.14 5.18
N LYS C 420 12.42 -4.93 6.30
CA LYS C 420 11.79 -4.30 7.47
C LYS C 420 11.29 -2.90 7.13
N ASP C 421 12.11 -2.13 6.41
CA ASP C 421 11.68 -0.77 6.07
C ASP C 421 10.51 -0.78 5.09
N LEU C 422 10.46 -1.77 4.19
CA LEU C 422 9.31 -1.87 3.31
C LEU C 422 8.03 -2.14 4.11
N ASP C 423 8.10 -3.06 5.07
CA ASP C 423 6.94 -3.32 5.92
C ASP C 423 6.51 -2.06 6.68
N LYS C 424 7.48 -1.33 7.24
CA LYS C 424 7.17 -0.11 7.97
C LYS C 424 6.52 0.93 7.06
N LYS C 425 7.02 1.07 5.83
CA LYS C 425 6.41 2.01 4.89
C LYS C 425 4.97 1.65 4.61
N ILE C 426 4.68 0.37 4.40
CA ILE C 426 3.31 -0.06 4.14
C ILE C 426 2.40 0.32 5.30
N ASP C 427 2.84 -0.01 6.52
CA ASP C 427 2.01 0.28 7.69
C ASP C 427 1.80 1.79 7.86
N ASP C 428 2.84 2.59 7.63
CA ASP C 428 2.72 4.03 7.80
C ASP C 428 1.74 4.63 6.79
N VAL C 429 1.83 4.20 5.54
CA VAL C 429 0.89 4.70 4.53
C VAL C 429 -0.54 4.37 4.93
N ARG C 430 -0.77 3.13 5.37
CA ARG C 430 -2.11 2.73 5.79
C ARG C 430 -2.63 3.62 6.91
N ALA C 431 -1.81 3.83 7.95
CA ALA C 431 -2.24 4.59 9.10
C ALA C 431 -2.58 6.03 8.73
N ASP C 432 -1.72 6.68 7.94
CA ASP C 432 -1.96 8.06 7.55
C ASP C 432 -3.27 8.20 6.77
N GLU C 433 -3.48 7.32 5.79
CA GLU C 433 -4.70 7.41 4.98
C GLU C 433 -5.94 7.22 5.85
N THR C 434 -5.91 6.24 6.76
CA THR C 434 -7.07 6.00 7.61
C THR C 434 -7.37 7.21 8.49
N ALA C 435 -6.34 7.84 9.04
CA ALA C 435 -6.56 9.01 9.89
C ALA C 435 -7.22 10.15 9.10
N ALA C 436 -6.71 10.41 7.89
CA ALA C 436 -7.29 11.50 7.09
C ALA C 436 -8.76 11.21 6.76
N GLN C 437 -9.06 9.96 6.39
CA GLN C 437 -10.44 9.58 6.10
C GLN C 437 -11.34 9.82 7.31
N ILE C 438 -10.86 9.45 8.50
CA ILE C 438 -11.66 9.63 9.72
C ILE C 438 -11.97 11.11 9.95
N GLU C 439 -10.96 11.98 9.78
CA GLU C 439 -11.19 13.40 10.00
C GLU C 439 -12.25 13.95 9.05
N MET C 440 -12.15 13.59 7.76
CA MET C 440 -13.13 14.08 6.79
C MET C 440 -14.54 13.61 7.15
N ILE C 441 -14.68 12.34 7.55
CA ILE C 441 -16.01 11.82 7.88
C ILE C 441 -16.58 12.55 9.09
N VAL C 442 -15.74 12.85 10.08
CA VAL C 442 -16.22 13.57 11.26
C VAL C 442 -16.79 14.93 10.86
N LEU C 443 -16.05 15.66 10.02
CA LEU C 443 -16.56 16.96 9.58
C LEU C 443 -17.90 16.83 8.86
N LEU C 444 -18.01 15.85 7.96
CA LEU C 444 -19.24 15.68 7.20
C LEU C 444 -20.43 15.38 8.11
N GLU C 445 -20.23 14.50 9.09
CA GLU C 445 -21.33 14.14 9.98
C GLU C 445 -21.76 15.32 10.84
N ASN C 446 -20.80 16.12 11.31
CA ASN C 446 -21.15 17.33 12.06
C ASN C 446 -22.07 18.22 11.24
N GLU C 447 -21.68 18.49 9.98
CA GLU C 447 -22.49 19.37 9.15
C GLU C 447 -23.88 18.77 8.91
N ASN C 448 -23.94 17.46 8.67
CA ASN C 448 -25.23 16.82 8.40
C ASN C 448 -26.18 16.96 9.57
N ILE C 449 -25.68 16.76 10.80
CA ILE C 449 -26.53 16.90 11.97
C ILE C 449 -27.02 18.35 12.11
N ILE C 450 -26.11 19.31 11.91
CA ILE C 450 -26.48 20.70 12.04
C ILE C 450 -27.60 21.06 11.06
N ASN C 451 -27.54 20.51 9.85
CA ASN C 451 -28.59 20.79 8.87
C ASN C 451 -29.89 20.06 9.19
N ALA C 452 -29.79 18.81 9.67
CA ALA C 452 -30.99 18.05 9.98
C ALA C 452 -31.80 18.70 11.09
N GLU C 453 -31.15 19.42 12.00
CA GLU C 453 -31.92 20.17 13.00
C GLU C 453 -32.87 21.17 12.34
N ASP C 454 -32.35 21.96 11.41
CA ASP C 454 -33.17 22.93 10.69
C ASP C 454 -34.27 22.22 9.91
N GLU C 455 -33.92 21.10 9.28
CA GLU C 455 -34.95 20.31 8.60
C GLU C 455 -36.10 20.00 9.56
N HIS C 456 -35.77 19.51 10.77
CA HIS C 456 -36.82 19.13 11.71
C HIS C 456 -37.68 20.31 12.11
N VAL C 457 -37.05 21.45 12.39
CA VAL C 457 -37.84 22.61 12.84
C VAL C 457 -38.76 23.08 11.72
N HIS C 458 -38.32 22.99 10.46
CA HIS C 458 -39.23 23.31 9.37
C HIS C 458 -40.35 22.29 9.27
N ALA C 459 -40.03 21.00 9.41
CA ALA C 459 -41.03 19.95 9.28
C ALA C 459 -42.13 20.10 10.32
N LEU C 460 -41.78 20.62 11.50
CA LEU C 460 -42.80 20.84 12.52
C LEU C 460 -43.85 21.85 12.08
N LYS C 461 -43.48 22.82 11.26
CA LYS C 461 -44.39 23.92 10.89
C LYS C 461 -45.56 23.42 10.06
N GLN C 462 -45.30 22.55 9.08
CA GLN C 462 -46.40 22.02 8.28
C GLN C 462 -47.38 21.25 9.16
N LYS C 463 -46.84 20.48 10.10
CA LYS C 463 -47.74 19.82 11.03
C LYS C 463 -48.55 20.87 11.75
N LEU C 464 -47.88 21.93 12.22
CA LEU C 464 -48.59 22.95 12.99
C LEU C 464 -49.74 23.55 12.19
N THR C 465 -49.52 23.80 10.90
CA THR C 465 -50.54 24.50 10.11
C THR C 465 -51.63 23.58 9.57
N LYS C 466 -51.44 22.27 9.61
CA LYS C 466 -52.46 21.40 8.99
C LYS C 466 -53.83 21.54 9.66
N MET C 467 -53.89 21.59 11.00
CA MET C 467 -55.15 21.56 11.74
C MET C 467 -55.48 22.89 12.40
N LEU C 468 -55.05 24.00 11.81
CA LEU C 468 -55.40 25.30 12.36
C LEU C 468 -56.52 25.98 11.58
N GLY C 469 -56.94 25.39 10.47
CA GLY C 469 -58.05 25.92 9.71
C GLY C 469 -57.62 26.95 8.69
N PRO C 470 -58.58 27.46 7.92
CA PRO C 470 -58.30 28.52 6.94
C PRO C 470 -58.36 29.92 7.52
N SER C 471 -58.73 30.06 8.79
CA SER C 471 -58.69 31.34 9.48
C SER C 471 -57.34 31.62 10.11
N ALA C 472 -56.31 30.84 9.76
CA ALA C 472 -54.99 31.10 10.28
C ALA C 472 -54.39 32.35 9.64
N GLN C 473 -53.61 33.06 10.44
CA GLN C 473 -53.02 34.35 10.08
C GLN C 473 -51.52 34.32 10.28
N ASP C 474 -50.87 33.30 9.70
CA ASP C 474 -49.46 32.98 9.94
C ASP C 474 -48.54 34.18 9.76
N MET C 475 -47.56 34.30 10.66
CA MET C 475 -46.57 35.38 10.58
C MET C 475 -45.60 35.19 9.43
N GLY C 476 -45.56 34.01 8.82
CA GLY C 476 -44.57 33.71 7.80
C GLY C 476 -43.33 33.02 8.32
N ASP C 477 -42.76 33.54 9.41
CA ASP C 477 -41.54 32.96 9.98
C ASP C 477 -41.87 31.92 11.06
N GLY C 478 -42.73 30.97 10.71
CA GLY C 478 -43.07 29.88 11.60
C GLY C 478 -44.15 30.17 12.62
N CYS C 479 -44.54 31.42 12.80
CA CYS C 479 -45.54 31.79 13.79
C CYS C 479 -46.88 32.09 13.13
N PHE C 480 -47.95 31.87 13.88
CA PHE C 480 -49.32 32.01 13.39
C PHE C 480 -50.12 32.87 14.37
N ILE C 481 -51.17 33.48 13.86
CA ILE C 481 -52.04 34.36 14.63
C ILE C 481 -53.45 33.74 14.61
N VAL C 482 -54.06 33.62 15.79
CA VAL C 482 -55.41 33.11 15.91
C VAL C 482 -56.21 34.03 16.82
N ASP C 483 -57.51 34.12 16.57
CA ASP C 483 -58.38 35.05 17.28
C ASP C 483 -59.12 34.33 18.43
N HIS C 484 -58.33 33.91 19.40
CA HIS C 484 -58.83 33.32 20.65
C HIS C 484 -57.64 33.06 21.55
N GLN C 485 -57.92 32.88 22.83
CA GLN C 485 -56.88 32.60 23.81
C GLN C 485 -56.65 31.10 23.93
N CYS C 486 -55.43 30.74 24.30
CA CYS C 486 -55.04 29.34 24.46
C CYS C 486 -54.49 29.14 25.86
N LYS C 487 -54.87 28.03 26.48
CA LYS C 487 -54.38 27.66 27.81
C LYS C 487 -53.65 26.33 27.70
N GLU C 488 -53.23 25.79 28.85
CA GLU C 488 -52.52 24.52 28.86
C GLU C 488 -53.32 23.45 28.12
N ASP C 489 -54.65 23.52 28.20
CA ASP C 489 -55.48 22.59 27.43
C ASP C 489 -55.22 22.71 25.95
N CYS C 490 -55.10 23.95 25.44
CA CYS C 490 -54.81 24.15 24.02
C CYS C 490 -53.45 23.56 23.64
N LEU C 491 -52.44 23.77 24.49
CA LEU C 491 -51.11 23.23 24.19
C LEU C 491 -51.11 21.71 24.17
N ARG C 492 -51.73 21.07 25.17
CA ARG C 492 -51.72 19.61 25.17
C ARG C 492 -52.58 19.05 24.04
N GLU C 493 -53.63 19.76 23.65
CA GLU C 493 -54.42 19.31 22.50
C GLU C 493 -53.60 19.36 21.21
N ILE C 494 -52.93 20.49 20.95
CA ILE C 494 -52.18 20.59 19.70
C ILE C 494 -50.97 19.67 19.72
N VAL C 495 -50.37 19.42 20.88
CA VAL C 495 -49.24 18.50 20.96
C VAL C 495 -49.71 17.06 20.76
N SER C 496 -50.81 16.68 21.42
CA SER C 496 -51.32 15.32 21.29
C SER C 496 -51.78 15.04 19.87
N GLY C 497 -52.39 16.03 19.22
CA GLY C 497 -52.85 15.93 17.85
C GLY C 497 -54.33 16.23 17.68
N ASN C 498 -55.14 15.88 18.67
CA ASN C 498 -56.57 16.12 18.60
C ASN C 498 -56.85 17.57 18.96
N TYR C 499 -57.05 18.40 17.92
CA TYR C 499 -57.42 19.80 18.11
C TYR C 499 -58.28 20.20 16.93
N THR C 500 -59.46 20.75 17.23
CA THR C 500 -60.35 21.24 16.20
C THR C 500 -60.61 22.72 16.44
N PRO C 501 -60.35 23.59 15.46
CA PRO C 501 -60.76 24.99 15.61
C PRO C 501 -62.24 25.15 15.89
N SER C 502 -63.08 24.24 15.39
CA SER C 502 -64.53 24.36 15.62
C SER C 502 -64.85 24.47 17.11
N LYS C 503 -64.16 23.69 17.95
CA LYS C 503 -64.45 23.72 19.39
C LYS C 503 -64.11 25.07 20.03
N TYR C 504 -63.26 25.88 19.41
CA TYR C 504 -63.04 27.24 19.84
C TYR C 504 -63.87 28.26 19.07
N GLY C 505 -64.59 27.82 18.03
CA GLY C 505 -65.50 28.69 17.32
C GLY C 505 -64.92 29.34 16.08
N MET C 506 -64.16 28.59 15.28
CA MET C 506 -63.78 29.05 13.95
C MET C 506 -64.07 27.96 12.93
N ASP C 507 -64.35 28.39 11.70
CA ASP C 507 -64.78 27.48 10.64
C ASP C 507 -63.71 26.42 10.38
N GLU C 508 -64.16 25.17 10.24
CA GLU C 508 -63.22 24.05 10.13
C GLU C 508 -62.57 24.03 8.76
N PHE C 509 -63.37 23.76 7.73
CA PHE C 509 -62.91 23.65 6.35
C PHE C 509 -64.12 23.31 5.48
N LYS C 510 -63.94 23.45 4.18
CA LYS C 510 -64.99 23.10 3.22
C LYS C 510 -64.90 21.63 2.86
N SER C 511 -66.03 20.95 2.89
CA SER C 511 -66.07 19.55 2.50
C SER C 511 -65.84 19.41 1.00
N PRO C 512 -65.18 18.34 0.56
CA PRO C 512 -64.99 18.13 -0.89
C PRO C 512 -66.27 17.84 -1.63
N ILE C 513 -67.36 17.52 -0.95
CA ILE C 513 -68.62 17.14 -1.58
C ILE C 513 -69.48 18.39 -1.68
N ILE C 514 -69.71 18.87 -2.89
CA ILE C 514 -70.51 20.07 -3.11
C ILE C 514 -71.94 19.84 -2.66
#